data_2DGQ
#
_entry.id   2DGQ
#
_entity_poly.entity_id   1
_entity_poly.type   'polypeptide(L)'
_entity_poly.pdbx_seq_one_letter_code
;GSSGSSGVPMKDHDAIKLFVGQIPRGLDEQDLKPLFEEFGRIYELTVLKDRLTGLHKGCAFLTYCARDSALKAQSALHEQ
KTLPGMNRPIQVKPAASEGRGESGPSSG
;
_entity_poly.pdbx_strand_id   A
#
# COMPACT_ATOMS: atom_id res chain seq x y z
N GLY A 1 8.89 23.95 -2.11
CA GLY A 1 8.94 22.52 -2.40
C GLY A 1 10.05 21.82 -1.64
N SER A 2 9.70 20.76 -0.93
CA SER A 2 10.67 20.00 -0.15
C SER A 2 10.74 18.55 -0.62
N SER A 3 11.85 17.89 -0.32
CA SER A 3 12.03 16.50 -0.71
C SER A 3 11.61 16.28 -2.16
N GLY A 4 12.08 17.16 -3.05
CA GLY A 4 11.74 17.05 -4.45
C GLY A 4 10.93 18.23 -4.95
N SER A 5 9.65 18.02 -5.20
CA SER A 5 8.78 19.07 -5.69
C SER A 5 9.32 19.69 -6.97
N SER A 6 9.84 18.84 -7.85
CA SER A 6 10.40 19.31 -9.11
C SER A 6 9.50 18.93 -10.29
N GLY A 7 9.21 17.63 -10.41
CA GLY A 7 8.36 17.17 -11.49
C GLY A 7 7.70 15.85 -11.18
N VAL A 8 7.67 14.96 -12.16
CA VAL A 8 7.05 13.64 -11.98
C VAL A 8 7.95 12.73 -11.13
N PRO A 9 7.31 11.92 -10.27
CA PRO A 9 8.02 10.99 -9.39
C PRO A 9 8.66 9.84 -10.16
N MET A 10 9.65 9.21 -9.53
CA MET A 10 10.35 8.08 -10.16
C MET A 10 10.28 6.85 -9.28
N LYS A 11 9.94 5.70 -9.89
CA LYS A 11 9.85 4.45 -9.16
C LYS A 11 10.96 3.49 -9.57
N ASP A 12 10.92 2.27 -9.04
CA ASP A 12 11.92 1.27 -9.34
C ASP A 12 11.47 0.39 -10.50
N HIS A 13 12.43 -0.11 -11.27
CA HIS A 13 12.12 -0.96 -12.41
C HIS A 13 11.44 -2.25 -11.96
N ASP A 14 11.78 -2.69 -10.75
CA ASP A 14 11.20 -3.92 -10.20
C ASP A 14 10.34 -3.61 -8.99
N ALA A 15 9.73 -2.42 -8.98
CA ALA A 15 8.87 -2.01 -7.88
C ALA A 15 7.72 -2.97 -7.68
N ILE A 16 6.90 -2.72 -6.66
CA ILE A 16 5.74 -3.57 -6.38
C ILE A 16 4.56 -2.73 -5.90
N LYS A 17 3.40 -2.96 -6.50
CA LYS A 17 2.19 -2.24 -6.13
C LYS A 17 1.40 -3.00 -5.08
N LEU A 18 1.49 -2.54 -3.84
CA LEU A 18 0.79 -3.17 -2.72
C LEU A 18 -0.68 -2.76 -2.70
N PHE A 19 -1.54 -3.66 -2.24
CA PHE A 19 -2.98 -3.40 -2.17
C PHE A 19 -3.50 -3.63 -0.76
N VAL A 20 -4.25 -2.66 -0.25
CA VAL A 20 -4.81 -2.77 1.10
C VAL A 20 -6.32 -2.99 1.04
N GLY A 21 -6.80 -3.94 1.83
CA GLY A 21 -8.22 -4.23 1.86
C GLY A 21 -8.81 -4.11 3.25
N GLN A 22 -8.27 -3.18 4.03
CA GLN A 22 -8.76 -2.96 5.39
C GLN A 22 -8.94 -1.47 5.67
N ILE A 23 -9.45 -0.75 4.68
CA ILE A 23 -9.68 0.69 4.83
C ILE A 23 -11.14 0.98 5.14
N PRO A 24 -11.40 1.50 6.35
CA PRO A 24 -12.74 1.85 6.79
C PRO A 24 -13.31 3.06 6.05
N ARG A 25 -14.42 3.59 6.56
CA ARG A 25 -15.06 4.75 5.94
C ARG A 25 -14.83 6.00 6.78
N GLY A 26 -14.40 7.08 6.13
CA GLY A 26 -14.15 8.33 6.83
C GLY A 26 -12.73 8.81 6.68
N LEU A 27 -11.85 7.91 6.25
CA LEU A 27 -10.44 8.25 6.06
C LEU A 27 -10.12 8.45 4.58
N ASP A 28 -8.88 8.81 4.30
CA ASP A 28 -8.45 9.04 2.92
C ASP A 28 -6.94 8.80 2.79
N GLU A 29 -6.43 8.98 1.56
CA GLU A 29 -5.00 8.78 1.30
C GLU A 29 -4.15 9.66 2.22
N GLN A 30 -4.76 10.72 2.74
CA GLN A 30 -4.07 11.64 3.63
C GLN A 30 -3.92 11.03 5.03
N ASP A 31 -4.75 10.05 5.33
CA ASP A 31 -4.72 9.39 6.63
C ASP A 31 -3.92 8.09 6.55
N LEU A 32 -3.65 7.63 5.33
CA LEU A 32 -2.91 6.40 5.12
C LEU A 32 -1.43 6.69 4.85
N LYS A 33 -1.17 7.86 4.27
CA LYS A 33 0.20 8.25 3.95
C LYS A 33 1.07 8.24 5.20
N PRO A 34 0.54 8.79 6.30
CA PRO A 34 1.26 8.85 7.58
C PRO A 34 1.88 7.51 7.96
N LEU A 35 1.06 6.45 7.91
CA LEU A 35 1.52 5.12 8.25
C LEU A 35 2.50 4.60 7.21
N PHE A 36 2.11 4.68 5.94
CA PHE A 36 2.96 4.21 4.86
C PHE A 36 4.27 4.99 4.81
N GLU A 37 4.25 6.20 5.36
CA GLU A 37 5.44 7.05 5.39
C GLU A 37 6.36 6.65 6.53
N GLU A 38 5.93 5.67 7.32
CA GLU A 38 6.72 5.19 8.45
C GLU A 38 7.77 4.19 7.99
N PHE A 39 7.63 3.71 6.76
CA PHE A 39 8.57 2.74 6.21
C PHE A 39 9.44 3.38 5.14
N GLY A 40 8.88 4.36 4.42
CA GLY A 40 9.61 5.03 3.38
C GLY A 40 8.76 6.02 2.60
N ARG A 41 9.31 6.55 1.51
CA ARG A 41 8.58 7.51 0.69
C ARG A 41 7.65 6.79 -0.27
N ILE A 42 6.40 7.23 -0.31
CA ILE A 42 5.41 6.64 -1.20
C ILE A 42 5.55 7.16 -2.62
N TYR A 43 5.14 6.36 -3.59
CA TYR A 43 5.22 6.74 -4.99
C TYR A 43 3.84 7.09 -5.55
N GLU A 44 2.83 6.35 -5.11
CA GLU A 44 1.46 6.59 -5.56
C GLU A 44 0.45 5.94 -4.61
N LEU A 45 -0.63 6.66 -4.32
CA LEU A 45 -1.66 6.16 -3.42
C LEU A 45 -3.05 6.52 -3.94
N THR A 46 -3.79 5.51 -4.39
CA THR A 46 -5.13 5.72 -4.91
C THR A 46 -6.15 4.89 -4.14
N VAL A 47 -7.28 5.50 -3.81
CA VAL A 47 -8.34 4.82 -3.08
C VAL A 47 -9.43 4.31 -4.03
N LEU A 48 -9.84 3.07 -3.81
CA LEU A 48 -10.87 2.46 -4.65
C LEU A 48 -12.27 2.80 -4.13
N LYS A 49 -13.09 3.39 -4.99
CA LYS A 49 -14.45 3.77 -4.63
C LYS A 49 -15.46 3.28 -5.67
N ASP A 50 -16.64 2.89 -5.21
CA ASP A 50 -17.68 2.40 -6.10
C ASP A 50 -17.94 3.41 -7.23
N ARG A 51 -18.87 3.06 -8.11
CA ARG A 51 -19.21 3.93 -9.24
C ARG A 51 -20.67 4.35 -9.18
N LEU A 52 -21.57 3.38 -9.25
CA LEU A 52 -23.00 3.66 -9.20
C LEU A 52 -23.35 4.54 -8.00
N THR A 53 -22.73 4.24 -6.86
CA THR A 53 -22.97 5.01 -5.64
C THR A 53 -21.79 5.93 -5.33
N GLY A 54 -20.58 5.42 -5.54
CA GLY A 54 -19.39 6.22 -5.27
C GLY A 54 -18.98 6.17 -3.82
N LEU A 55 -19.53 5.22 -3.08
CA LEU A 55 -19.21 5.08 -1.66
C LEU A 55 -17.93 4.27 -1.46
N HIS A 56 -17.02 4.81 -0.67
CA HIS A 56 -15.75 4.14 -0.40
C HIS A 56 -15.96 2.64 -0.25
N LYS A 57 -15.45 1.87 -1.21
CA LYS A 57 -15.58 0.42 -1.18
C LYS A 57 -14.90 -0.16 0.06
N GLY A 58 -13.71 0.36 0.38
CA GLY A 58 -12.98 -0.13 1.54
C GLY A 58 -11.63 -0.71 1.17
N CYS A 59 -10.98 -0.12 0.19
CA CYS A 59 -9.67 -0.59 -0.26
C CYS A 59 -8.95 0.48 -1.05
N ALA A 60 -7.63 0.33 -1.20
CA ALA A 60 -6.83 1.29 -1.94
C ALA A 60 -5.52 0.66 -2.41
N PHE A 61 -4.94 1.23 -3.46
CA PHE A 61 -3.68 0.71 -4.00
C PHE A 61 -2.51 1.60 -3.59
N LEU A 62 -1.51 1.00 -2.94
CA LEU A 62 -0.34 1.74 -2.50
C LEU A 62 0.90 1.28 -3.24
N THR A 63 1.67 2.24 -3.75
CA THR A 63 2.89 1.94 -4.49
C THR A 63 4.11 2.58 -3.83
N TYR A 64 5.21 1.84 -3.81
CA TYR A 64 6.44 2.34 -3.20
C TYR A 64 7.49 2.61 -4.27
N CYS A 65 8.25 3.69 -4.08
CA CYS A 65 9.30 4.07 -5.02
C CYS A 65 10.41 3.04 -5.05
N ALA A 66 10.59 2.34 -3.93
CA ALA A 66 11.62 1.31 -3.82
C ALA A 66 11.01 -0.06 -3.57
N ARG A 67 11.75 -1.11 -3.91
CA ARG A 67 11.27 -2.47 -3.72
C ARG A 67 11.16 -2.80 -2.23
N ASP A 68 12.27 -2.71 -1.52
CA ASP A 68 12.30 -2.99 -0.09
C ASP A 68 11.14 -2.31 0.62
N SER A 69 11.02 -1.00 0.43
CA SER A 69 9.95 -0.24 1.07
C SER A 69 8.66 -1.05 1.12
N ALA A 70 8.32 -1.69 0.02
CA ALA A 70 7.11 -2.51 -0.05
C ALA A 70 7.23 -3.73 0.85
N LEU A 71 8.33 -4.46 0.70
CA LEU A 71 8.57 -5.66 1.49
C LEU A 71 8.35 -5.38 2.97
N LYS A 72 9.00 -4.35 3.48
CA LYS A 72 8.88 -3.97 4.88
C LYS A 72 7.43 -3.59 5.22
N ALA A 73 6.98 -2.47 4.67
CA ALA A 73 5.62 -1.99 4.91
C ALA A 73 4.61 -3.12 4.74
N GLN A 74 4.91 -4.06 3.85
CA GLN A 74 4.03 -5.18 3.60
C GLN A 74 4.05 -6.16 4.77
N SER A 75 5.22 -6.75 5.03
CA SER A 75 5.37 -7.70 6.12
C SER A 75 5.40 -6.99 7.46
N ALA A 76 5.34 -5.66 7.43
CA ALA A 76 5.37 -4.86 8.64
C ALA A 76 3.96 -4.41 9.03
N LEU A 77 3.07 -4.36 8.05
CA LEU A 77 1.69 -3.94 8.29
C LEU A 77 0.74 -5.12 8.14
N HIS A 78 1.00 -5.97 7.15
CA HIS A 78 0.17 -7.14 6.91
C HIS A 78 -0.09 -7.90 8.20
N GLU A 79 -1.32 -7.81 8.70
CA GLU A 79 -1.69 -8.50 9.94
C GLU A 79 -0.79 -8.06 11.10
N GLN A 80 -0.49 -6.77 11.15
CA GLN A 80 0.36 -6.21 12.20
C GLN A 80 -0.30 -5.02 12.87
N LYS A 81 -0.86 -4.12 12.04
CA LYS A 81 -1.52 -2.93 12.56
C LYS A 81 -3.03 -3.11 12.57
N THR A 82 -3.71 -2.29 13.36
CA THR A 82 -5.17 -2.37 13.46
C THR A 82 -5.80 -0.98 13.40
N LEU A 83 -6.19 -0.57 12.19
CA LEU A 83 -6.80 0.74 12.00
C LEU A 83 -7.97 0.95 12.97
N PRO A 84 -8.27 2.22 13.26
CA PRO A 84 -9.36 2.58 14.17
C PRO A 84 -10.74 2.28 13.59
N GLY A 85 -11.46 1.37 14.22
CA GLY A 85 -12.79 1.01 13.74
C GLY A 85 -12.80 -0.32 13.01
N MET A 86 -11.64 -0.98 12.97
CA MET A 86 -11.52 -2.27 12.29
C MET A 86 -11.14 -3.36 13.28
N ASN A 87 -12.11 -4.20 13.62
CA ASN A 87 -11.88 -5.29 14.56
C ASN A 87 -10.67 -6.12 14.14
N ARG A 88 -10.48 -6.26 12.83
CA ARG A 88 -9.36 -7.04 12.30
C ARG A 88 -8.23 -6.11 11.85
N PRO A 89 -7.02 -6.67 11.73
CA PRO A 89 -5.83 -5.92 11.31
C PRO A 89 -5.90 -5.52 9.84
N ILE A 90 -4.89 -4.78 9.39
CA ILE A 90 -4.83 -4.33 8.02
C ILE A 90 -4.15 -5.37 7.12
N GLN A 91 -4.79 -5.67 5.99
CA GLN A 91 -4.26 -6.66 5.06
C GLN A 91 -3.61 -5.97 3.86
N VAL A 92 -2.32 -6.22 3.66
CA VAL A 92 -1.58 -5.63 2.55
C VAL A 92 -0.78 -6.68 1.80
N LYS A 93 -1.08 -6.83 0.51
CA LYS A 93 -0.39 -7.81 -0.32
C LYS A 93 0.11 -7.15 -1.62
N PRO A 94 1.16 -7.75 -2.21
CA PRO A 94 1.75 -7.25 -3.46
C PRO A 94 0.82 -7.45 -4.66
N ALA A 95 -0.09 -6.51 -4.85
CA ALA A 95 -1.04 -6.59 -5.96
C ALA A 95 -0.32 -6.90 -7.28
N ALA A 96 -0.20 -8.18 -7.59
CA ALA A 96 0.45 -8.60 -8.82
C ALA A 96 0.32 -10.11 -9.02
N SER A 97 0.41 -10.54 -10.27
CA SER A 97 0.29 -11.96 -10.61
C SER A 97 -0.71 -12.65 -9.68
N GLU A 98 -1.89 -12.06 -9.55
CA GLU A 98 -2.92 -12.62 -8.70
C GLU A 98 -3.40 -13.97 -9.23
N GLY A 99 -3.61 -14.05 -10.54
CA GLY A 99 -4.05 -15.29 -11.14
C GLY A 99 -3.38 -16.50 -10.54
N ARG A 100 -2.06 -16.58 -10.68
CA ARG A 100 -1.29 -17.70 -10.15
C ARG A 100 -0.39 -17.24 -9.01
N GLY A 101 -0.64 -17.76 -7.81
CA GLY A 101 0.16 -17.39 -6.66
C GLY A 101 0.57 -18.59 -5.83
N GLU A 102 1.87 -18.87 -5.80
CA GLU A 102 2.39 -20.00 -5.05
C GLU A 102 2.90 -19.56 -3.68
N SER A 103 2.49 -20.30 -2.65
CA SER A 103 2.89 -19.98 -1.28
C SER A 103 2.67 -21.18 -0.36
N GLY A 104 3.45 -21.24 0.72
CA GLY A 104 3.32 -22.33 1.66
C GLY A 104 3.84 -21.97 3.05
N PRO A 105 3.21 -22.52 4.08
CA PRO A 105 3.59 -22.27 5.48
C PRO A 105 4.93 -22.90 5.83
N SER A 106 5.47 -22.54 6.99
CA SER A 106 6.75 -23.06 7.44
C SER A 106 6.88 -22.94 8.97
N SER A 107 7.39 -23.99 9.59
CA SER A 107 7.57 -24.00 11.04
C SER A 107 8.63 -23.00 11.47
N GLY A 108 8.82 -22.87 12.78
CA GLY A 108 9.81 -21.94 13.29
C GLY A 108 9.21 -20.61 13.68
N GLY A 1 12.09 17.49 6.93
CA GLY A 1 11.18 17.88 5.87
C GLY A 1 11.89 18.56 4.71
N SER A 2 11.24 18.56 3.55
CA SER A 2 11.81 19.18 2.35
C SER A 2 11.05 20.45 1.98
N SER A 3 11.76 21.57 1.98
CA SER A 3 11.15 22.86 1.65
C SER A 3 11.16 23.08 0.14
N GLY A 4 10.17 22.51 -0.54
CA GLY A 4 10.08 22.66 -1.98
C GLY A 4 9.36 21.49 -2.64
N SER A 5 9.91 20.30 -2.48
CA SER A 5 9.31 19.10 -3.06
C SER A 5 9.03 19.31 -4.55
N SER A 6 9.97 19.94 -5.24
CA SER A 6 9.82 20.21 -6.67
C SER A 6 10.44 19.10 -7.50
N GLY A 7 9.77 18.73 -8.58
CA GLY A 7 10.26 17.67 -9.44
C GLY A 7 9.29 16.52 -9.58
N VAL A 8 9.59 15.59 -10.48
CA VAL A 8 8.73 14.43 -10.71
C VAL A 8 9.21 13.23 -9.89
N PRO A 9 8.24 12.43 -9.39
CA PRO A 9 8.54 11.25 -8.60
C PRO A 9 9.15 10.13 -9.43
N MET A 10 10.13 9.43 -8.84
CA MET A 10 10.80 8.33 -9.54
C MET A 10 10.55 7.01 -8.82
N LYS A 11 10.41 5.94 -9.60
CA LYS A 11 10.17 4.62 -9.05
C LYS A 11 11.20 3.61 -9.56
N ASP A 12 11.01 2.34 -9.21
CA ASP A 12 11.93 1.29 -9.63
C ASP A 12 11.30 0.45 -10.75
N HIS A 13 12.12 0.06 -11.72
CA HIS A 13 11.65 -0.75 -12.83
C HIS A 13 10.99 -2.03 -12.34
N ASP A 14 11.46 -2.54 -11.20
CA ASP A 14 10.92 -3.76 -10.62
C ASP A 14 10.19 -3.46 -9.32
N ALA A 15 9.47 -2.35 -9.29
CA ALA A 15 8.73 -1.94 -8.11
C ALA A 15 7.61 -2.93 -7.80
N ILE A 16 6.86 -2.67 -6.73
CA ILE A 16 5.76 -3.53 -6.33
C ILE A 16 4.56 -2.71 -5.86
N LYS A 17 3.39 -3.06 -6.38
CA LYS A 17 2.17 -2.36 -6.01
C LYS A 17 1.44 -3.07 -4.86
N LEU A 18 1.45 -2.46 -3.68
CA LEU A 18 0.80 -3.04 -2.52
C LEU A 18 -0.69 -2.74 -2.51
N PHE A 19 -1.49 -3.73 -2.12
CA PHE A 19 -2.94 -3.57 -2.07
C PHE A 19 -3.46 -3.76 -0.65
N VAL A 20 -4.21 -2.77 -0.17
CA VAL A 20 -4.77 -2.83 1.18
C VAL A 20 -6.27 -3.10 1.13
N GLY A 21 -6.73 -3.99 2.00
CA GLY A 21 -8.14 -4.32 2.05
C GLY A 21 -8.74 -4.14 3.43
N GLN A 22 -8.20 -3.19 4.19
CA GLN A 22 -8.67 -2.93 5.53
C GLN A 22 -8.86 -1.43 5.77
N ILE A 23 -9.40 -0.74 4.75
CA ILE A 23 -9.63 0.68 4.84
C ILE A 23 -11.11 0.99 5.10
N PRO A 24 -11.41 1.51 6.29
CA PRO A 24 -12.78 1.86 6.68
C PRO A 24 -13.32 3.06 5.90
N ARG A 25 -14.57 3.40 6.15
CA ARG A 25 -15.21 4.53 5.48
C ARG A 25 -15.11 5.80 6.32
N GLY A 26 -14.42 6.81 5.79
CA GLY A 26 -14.28 8.06 6.51
C GLY A 26 -12.87 8.63 6.37
N LEU A 27 -11.89 7.76 6.15
CA LEU A 27 -10.51 8.18 6.00
C LEU A 27 -10.11 8.25 4.53
N ASP A 28 -8.90 8.73 4.28
CA ASP A 28 -8.40 8.84 2.91
C ASP A 28 -6.89 8.64 2.87
N GLU A 29 -6.30 8.81 1.69
CA GLU A 29 -4.87 8.65 1.51
C GLU A 29 -4.09 9.56 2.46
N GLN A 30 -4.75 10.63 2.92
CA GLN A 30 -4.13 11.58 3.82
C GLN A 30 -3.98 10.99 5.21
N ASP A 31 -4.76 9.95 5.50
CA ASP A 31 -4.70 9.29 6.80
C ASP A 31 -3.88 8.01 6.73
N LEU A 32 -3.82 7.42 5.54
CA LEU A 32 -3.06 6.19 5.34
C LEU A 32 -1.63 6.49 4.91
N LYS A 33 -1.45 7.65 4.26
CA LYS A 33 -0.12 8.05 3.80
C LYS A 33 0.88 8.06 4.95
N PRO A 34 0.47 8.64 6.09
CA PRO A 34 1.32 8.71 7.28
C PRO A 34 1.98 7.38 7.62
N LEU A 35 1.16 6.35 7.77
CA LEU A 35 1.66 5.02 8.10
C LEU A 35 2.59 4.50 7.01
N PHE A 36 2.12 4.55 5.77
CA PHE A 36 2.93 4.10 4.63
C PHE A 36 4.24 4.87 4.54
N GLU A 37 4.25 6.08 5.10
CA GLU A 37 5.44 6.91 5.08
C GLU A 37 6.35 6.59 6.26
N GLU A 38 5.89 5.69 7.12
CA GLU A 38 6.66 5.29 8.30
C GLU A 38 7.72 4.27 7.93
N PHE A 39 7.52 3.58 6.81
CA PHE A 39 8.47 2.57 6.34
C PHE A 39 9.35 3.14 5.23
N GLY A 40 8.78 3.99 4.39
CA GLY A 40 9.53 4.58 3.31
C GLY A 40 8.72 5.60 2.53
N ARG A 41 9.39 6.37 1.68
CA ARG A 41 8.73 7.38 0.87
C ARG A 41 7.75 6.74 -0.11
N ILE A 42 6.54 7.26 -0.16
CA ILE A 42 5.51 6.75 -1.05
C ILE A 42 5.62 7.39 -2.44
N TYR A 43 5.21 6.64 -3.46
CA TYR A 43 5.27 7.13 -4.83
C TYR A 43 3.89 7.61 -5.29
N GLU A 44 2.85 6.91 -4.85
CA GLU A 44 1.49 7.27 -5.22
C GLU A 44 0.48 6.45 -4.42
N LEU A 45 -0.58 7.12 -3.95
CA LEU A 45 -1.61 6.46 -3.16
C LEU A 45 -3.00 6.79 -3.71
N THR A 46 -3.72 5.76 -4.13
CA THR A 46 -5.06 5.94 -4.67
C THR A 46 -6.04 4.93 -4.08
N VAL A 47 -7.11 5.43 -3.47
CA VAL A 47 -8.11 4.57 -2.86
C VAL A 47 -9.17 4.16 -3.88
N LEU A 48 -9.49 2.87 -3.90
CA LEU A 48 -10.48 2.34 -4.84
C LEU A 48 -11.89 2.61 -4.32
N LYS A 49 -12.79 2.96 -5.24
CA LYS A 49 -14.18 3.25 -4.89
C LYS A 49 -15.13 2.60 -5.88
N ASP A 50 -16.42 2.58 -5.53
CA ASP A 50 -17.43 2.00 -6.39
C ASP A 50 -17.71 2.89 -7.61
N ARG A 51 -18.66 2.49 -8.43
CA ARG A 51 -19.01 3.24 -9.62
C ARG A 51 -20.47 3.69 -9.57
N LEU A 52 -21.37 2.75 -9.28
CA LEU A 52 -22.79 3.05 -9.20
C LEU A 52 -23.08 3.97 -8.03
N THR A 53 -22.45 3.70 -6.89
CA THR A 53 -22.64 4.51 -5.69
C THR A 53 -21.44 5.42 -5.44
N GLY A 54 -20.34 5.14 -6.13
CA GLY A 54 -19.14 5.94 -5.97
C GLY A 54 -18.71 6.05 -4.52
N LEU A 55 -19.09 5.08 -3.72
CA LEU A 55 -18.74 5.06 -2.31
C LEU A 55 -17.45 4.29 -2.07
N HIS A 56 -16.89 4.41 -0.86
CA HIS A 56 -15.65 3.72 -0.52
C HIS A 56 -15.88 2.21 -0.39
N LYS A 57 -15.35 1.46 -1.35
CA LYS A 57 -15.51 0.01 -1.35
C LYS A 57 -14.87 -0.60 -0.11
N GLY A 58 -13.62 -0.24 0.15
CA GLY A 58 -12.93 -0.75 1.32
C GLY A 58 -11.54 -1.26 0.99
N CYS A 59 -10.82 -0.51 0.17
CA CYS A 59 -9.47 -0.89 -0.23
C CYS A 59 -8.78 0.26 -0.98
N ALA A 60 -7.46 0.16 -1.10
CA ALA A 60 -6.69 1.19 -1.79
C ALA A 60 -5.40 0.61 -2.37
N PHE A 61 -4.88 1.25 -3.41
CA PHE A 61 -3.64 0.80 -4.04
C PHE A 61 -2.47 1.70 -3.68
N LEU A 62 -1.54 1.16 -2.90
CA LEU A 62 -0.36 1.92 -2.49
C LEU A 62 0.84 1.58 -3.35
N THR A 63 1.56 2.61 -3.79
CA THR A 63 2.74 2.42 -4.62
C THR A 63 3.97 3.04 -3.98
N TYR A 64 5.03 2.24 -3.84
CA TYR A 64 6.27 2.72 -3.24
C TYR A 64 7.32 3.02 -4.30
N CYS A 65 8.16 4.01 -4.04
CA CYS A 65 9.20 4.40 -4.98
C CYS A 65 10.19 3.24 -5.20
N ALA A 66 10.43 2.47 -4.15
CA ALA A 66 11.35 1.34 -4.24
C ALA A 66 10.61 0.01 -4.05
N ARG A 67 11.36 -1.07 -4.06
CA ARG A 67 10.78 -2.41 -3.89
C ARG A 67 10.95 -2.89 -2.45
N ASP A 68 12.05 -2.49 -1.82
CA ASP A 68 12.33 -2.89 -0.44
C ASP A 68 11.31 -2.26 0.52
N SER A 69 11.11 -0.95 0.39
CA SER A 69 10.16 -0.24 1.26
C SER A 69 8.83 -0.97 1.31
N ALA A 70 8.35 -1.44 0.15
CA ALA A 70 7.08 -2.15 0.07
C ALA A 70 7.15 -3.46 0.84
N LEU A 71 8.10 -4.31 0.48
CA LEU A 71 8.27 -5.60 1.14
C LEU A 71 8.15 -5.46 2.65
N LYS A 72 8.88 -4.50 3.22
CA LYS A 72 8.85 -4.26 4.66
C LYS A 72 7.43 -3.90 5.12
N ALA A 73 6.96 -2.73 4.73
CA ALA A 73 5.63 -2.28 5.10
C ALA A 73 4.60 -3.40 4.92
N GLN A 74 4.86 -4.27 3.96
CA GLN A 74 3.96 -5.39 3.69
C GLN A 74 3.98 -6.40 4.83
N SER A 75 5.17 -6.87 5.18
CA SER A 75 5.33 -7.85 6.25
C SER A 75 5.27 -7.16 7.61
N ALA A 76 5.25 -5.83 7.61
CA ALA A 76 5.21 -5.06 8.84
C ALA A 76 3.78 -4.60 9.14
N LEU A 77 2.94 -4.58 8.12
CA LEU A 77 1.55 -4.16 8.27
C LEU A 77 0.61 -5.35 8.14
N HIS A 78 0.79 -6.15 7.10
CA HIS A 78 -0.04 -7.32 6.85
C HIS A 78 -0.30 -8.07 8.16
N GLU A 79 -1.54 -7.99 8.65
CA GLU A 79 -1.90 -8.66 9.89
C GLU A 79 -0.97 -8.26 11.03
N GLN A 80 -0.64 -6.98 11.08
CA GLN A 80 0.26 -6.46 12.13
C GLN A 80 -0.33 -5.21 12.78
N LYS A 81 -0.84 -4.31 11.94
CA LYS A 81 -1.43 -3.07 12.43
C LYS A 81 -2.95 -3.16 12.47
N THR A 82 -3.58 -2.13 13.01
CA THR A 82 -5.04 -2.10 13.09
C THR A 82 -5.56 -0.67 13.08
N LEU A 83 -6.19 -0.27 11.98
CA LEU A 83 -6.74 1.07 11.85
C LEU A 83 -7.88 1.30 12.84
N PRO A 84 -8.16 2.58 13.15
CA PRO A 84 -9.22 2.96 14.08
C PRO A 84 -10.61 2.69 13.51
N GLY A 85 -11.35 1.78 14.14
CA GLY A 85 -12.69 1.46 13.68
C GLY A 85 -12.78 0.05 13.11
N MET A 86 -11.63 -0.54 12.83
CA MET A 86 -11.59 -1.90 12.29
C MET A 86 -11.13 -2.89 13.34
N ASN A 87 -12.00 -3.84 13.68
CA ASN A 87 -11.68 -4.85 14.68
C ASN A 87 -10.52 -5.72 14.23
N ARG A 88 -10.45 -5.97 12.92
CA ARG A 88 -9.39 -6.79 12.36
C ARG A 88 -8.21 -5.92 11.92
N PRO A 89 -7.03 -6.55 11.81
CA PRO A 89 -5.80 -5.85 11.40
C PRO A 89 -5.84 -5.42 9.94
N ILE A 90 -4.79 -4.73 9.50
CA ILE A 90 -4.70 -4.26 8.13
C ILE A 90 -4.04 -5.31 7.24
N GLN A 91 -4.71 -5.66 6.14
CA GLN A 91 -4.19 -6.65 5.21
C GLN A 91 -3.51 -5.97 4.01
N VAL A 92 -2.24 -6.27 3.81
CA VAL A 92 -1.49 -5.69 2.70
C VAL A 92 -0.71 -6.77 1.95
N LYS A 93 -0.94 -6.84 0.64
CA LYS A 93 -0.26 -7.82 -0.20
C LYS A 93 0.23 -7.19 -1.49
N PRO A 94 1.30 -7.75 -2.07
CA PRO A 94 1.88 -7.25 -3.32
C PRO A 94 0.98 -7.52 -4.52
N ALA A 95 0.07 -6.59 -4.79
CA ALA A 95 -0.85 -6.73 -5.91
C ALA A 95 -0.12 -7.21 -7.16
N ALA A 96 -0.76 -8.10 -7.92
CA ALA A 96 -0.17 -8.64 -9.14
C ALA A 96 -0.94 -8.17 -10.37
N SER A 97 -0.29 -7.37 -11.20
CA SER A 97 -0.91 -6.84 -12.42
C SER A 97 -1.51 -7.97 -13.24
N GLU A 98 -0.72 -9.03 -13.43
CA GLU A 98 -1.16 -10.19 -14.21
C GLU A 98 -0.92 -11.48 -13.45
N GLY A 99 -1.85 -12.44 -13.61
CA GLY A 99 -1.72 -13.71 -12.93
C GLY A 99 -1.36 -13.55 -11.46
N ARG A 100 -0.88 -14.63 -10.86
CA ARG A 100 -0.49 -14.61 -9.45
C ARG A 100 0.77 -15.43 -9.23
N GLY A 101 1.24 -15.46 -7.98
CA GLY A 101 2.43 -16.22 -7.65
C GLY A 101 3.68 -15.61 -8.27
N GLU A 102 4.25 -14.61 -7.61
CA GLU A 102 5.44 -13.94 -8.12
C GLU A 102 6.49 -13.81 -7.01
N SER A 103 7.74 -14.09 -7.35
CA SER A 103 8.83 -14.00 -6.39
C SER A 103 9.92 -13.04 -6.87
N GLY A 104 10.60 -12.41 -5.93
CA GLY A 104 11.65 -11.47 -6.29
C GLY A 104 12.80 -11.48 -5.30
N PRO A 105 13.74 -12.43 -5.48
CA PRO A 105 14.90 -12.58 -4.61
C PRO A 105 15.89 -11.42 -4.77
N SER A 106 16.52 -11.03 -3.67
CA SER A 106 17.49 -9.94 -3.69
C SER A 106 18.53 -10.11 -2.57
N SER A 107 19.49 -9.20 -2.53
CA SER A 107 20.54 -9.25 -1.52
C SER A 107 20.65 -7.92 -0.78
N GLY A 108 20.60 -6.83 -1.54
CA GLY A 108 20.69 -5.51 -0.94
C GLY A 108 21.64 -4.59 -1.70
N GLY A 1 15.05 13.30 8.57
CA GLY A 1 15.00 13.52 7.13
C GLY A 1 14.07 14.66 6.75
N SER A 2 14.38 15.33 5.65
CA SER A 2 13.56 16.45 5.18
C SER A 2 14.00 16.91 3.80
N SER A 3 13.08 17.52 3.06
CA SER A 3 13.39 18.01 1.72
C SER A 3 12.50 19.20 1.36
N GLY A 4 12.73 19.77 0.19
CA GLY A 4 11.95 20.92 -0.25
C GLY A 4 12.53 21.57 -1.49
N SER A 5 12.85 20.76 -2.49
CA SER A 5 13.41 21.26 -3.74
C SER A 5 12.74 20.62 -4.95
N SER A 6 12.45 21.44 -5.96
CA SER A 6 11.79 20.95 -7.17
C SER A 6 12.27 19.54 -7.51
N GLY A 7 11.43 18.56 -7.23
CA GLY A 7 11.79 17.18 -7.52
C GLY A 7 10.59 16.36 -7.98
N VAL A 8 10.86 15.16 -8.48
CA VAL A 8 9.80 14.28 -8.96
C VAL A 8 9.94 12.88 -8.37
N PRO A 9 8.80 12.24 -8.08
CA PRO A 9 8.76 10.89 -7.51
C PRO A 9 9.22 9.83 -8.50
N MET A 10 10.28 9.11 -8.14
CA MET A 10 10.82 8.06 -9.00
C MET A 10 10.61 6.68 -8.38
N LYS A 11 10.28 5.71 -9.22
CA LYS A 11 10.04 4.35 -8.75
C LYS A 11 11.22 3.44 -9.11
N ASP A 12 11.07 2.15 -8.83
CA ASP A 12 12.12 1.18 -9.13
C ASP A 12 11.70 0.28 -10.28
N HIS A 13 12.68 -0.17 -11.07
CA HIS A 13 12.41 -1.03 -12.21
C HIS A 13 11.66 -2.29 -11.76
N ASP A 14 12.06 -2.84 -10.62
CA ASP A 14 11.42 -4.04 -10.09
C ASP A 14 10.55 -3.71 -8.88
N ALA A 15 9.91 -2.54 -8.92
CA ALA A 15 9.05 -2.10 -7.82
C ALA A 15 7.84 -3.01 -7.69
N ILE A 16 7.06 -2.79 -6.63
CA ILE A 16 5.87 -3.59 -6.39
C ILE A 16 4.69 -2.71 -5.98
N LYS A 17 3.48 -3.14 -6.34
CA LYS A 17 2.28 -2.39 -6.00
C LYS A 17 1.51 -3.07 -4.86
N LEU A 18 1.59 -2.47 -3.68
CA LEU A 18 0.90 -3.02 -2.50
C LEU A 18 -0.57 -2.64 -2.52
N PHE A 19 -1.42 -3.60 -2.18
CA PHE A 19 -2.86 -3.37 -2.14
C PHE A 19 -3.42 -3.57 -0.74
N VAL A 20 -4.13 -2.57 -0.24
CA VAL A 20 -4.72 -2.64 1.09
C VAL A 20 -6.22 -2.85 1.02
N GLY A 21 -6.72 -3.79 1.83
CA GLY A 21 -8.14 -4.10 1.84
C GLY A 21 -8.74 -3.99 3.23
N GLN A 22 -8.20 -3.07 4.03
CA GLN A 22 -8.69 -2.87 5.40
C GLN A 22 -8.88 -1.39 5.69
N ILE A 23 -9.40 -0.66 4.72
CA ILE A 23 -9.63 0.77 4.88
C ILE A 23 -11.12 1.07 5.05
N PRO A 24 -11.49 1.55 6.25
CA PRO A 24 -12.88 1.89 6.57
C PRO A 24 -13.36 3.13 5.82
N ARG A 25 -14.49 3.68 6.25
CA ARG A 25 -15.06 4.87 5.62
C ARG A 25 -14.80 6.11 6.46
N GLY A 26 -14.41 7.20 5.80
CA GLY A 26 -14.14 8.44 6.51
C GLY A 26 -12.69 8.87 6.38
N LEU A 27 -11.81 7.91 6.13
CA LEU A 27 -10.39 8.21 5.98
C LEU A 27 -9.98 8.23 4.51
N ASP A 28 -8.88 8.92 4.22
CA ASP A 28 -8.40 9.02 2.85
C ASP A 28 -6.89 8.79 2.80
N GLU A 29 -6.31 8.91 1.61
CA GLU A 29 -4.88 8.72 1.42
C GLU A 29 -4.08 9.58 2.39
N GLN A 30 -4.66 10.72 2.77
CA GLN A 30 -4.01 11.65 3.68
C GLN A 30 -3.86 11.02 5.07
N ASP A 31 -4.81 10.17 5.44
CA ASP A 31 -4.79 9.50 6.73
C ASP A 31 -4.02 8.19 6.66
N LEU A 32 -3.77 7.72 5.44
CA LEU A 32 -3.04 6.47 5.24
C LEU A 32 -1.57 6.75 4.93
N LYS A 33 -1.30 7.91 4.35
CA LYS A 33 0.06 8.30 4.00
C LYS A 33 0.97 8.23 5.22
N PRO A 34 0.49 8.75 6.37
CA PRO A 34 1.24 8.76 7.62
C PRO A 34 1.84 7.38 7.93
N LEU A 35 0.99 6.36 7.98
CA LEU A 35 1.43 5.01 8.27
C LEU A 35 2.41 4.51 7.20
N PHE A 36 2.01 4.64 5.93
CA PHE A 36 2.84 4.21 4.82
C PHE A 36 4.15 5.00 4.79
N GLU A 37 4.13 6.19 5.36
CA GLU A 37 5.32 7.04 5.39
C GLU A 37 6.23 6.66 6.55
N GLU A 38 5.82 5.66 7.32
CA GLU A 38 6.61 5.20 8.46
C GLU A 38 7.67 4.20 8.02
N PHE A 39 7.51 3.65 6.82
CA PHE A 39 8.46 2.69 6.28
C PHE A 39 9.34 3.34 5.22
N GLY A 40 8.74 4.16 4.38
CA GLY A 40 9.50 4.83 3.33
C GLY A 40 8.67 5.86 2.59
N ARG A 41 9.25 6.44 1.54
CA ARG A 41 8.56 7.45 0.75
C ARG A 41 7.63 6.79 -0.26
N ILE A 42 6.39 7.28 -0.31
CA ILE A 42 5.39 6.73 -1.23
C ILE A 42 5.62 7.26 -2.64
N TYR A 43 5.06 6.56 -3.62
CA TYR A 43 5.19 6.96 -5.02
C TYR A 43 3.84 7.33 -5.62
N GLU A 44 2.81 6.58 -5.22
CA GLU A 44 1.47 6.84 -5.72
C GLU A 44 0.43 6.13 -4.85
N LEU A 45 -0.45 6.91 -4.24
CA LEU A 45 -1.49 6.36 -3.37
C LEU A 45 -2.87 6.68 -3.94
N THR A 46 -3.63 5.62 -4.24
CA THR A 46 -4.98 5.79 -4.78
C THR A 46 -5.96 4.84 -4.09
N VAL A 47 -7.14 5.37 -3.76
CA VAL A 47 -8.16 4.57 -3.10
C VAL A 47 -9.18 4.05 -4.10
N LEU A 48 -9.56 2.78 -3.94
CA LEU A 48 -10.53 2.15 -4.84
C LEU A 48 -11.95 2.35 -4.32
N LYS A 49 -12.84 2.79 -5.21
CA LYS A 49 -14.23 3.03 -4.85
C LYS A 49 -15.16 2.53 -5.95
N ASP A 50 -16.39 2.20 -5.57
CA ASP A 50 -17.39 1.73 -6.52
C ASP A 50 -17.53 2.69 -7.70
N ARG A 51 -18.36 2.32 -8.67
CA ARG A 51 -18.58 3.14 -9.85
C ARG A 51 -20.03 3.64 -9.90
N LEU A 52 -20.96 2.75 -9.62
CA LEU A 52 -22.38 3.08 -9.65
C LEU A 52 -22.73 4.04 -8.51
N THR A 53 -22.20 3.75 -7.32
CA THR A 53 -22.46 4.58 -6.15
C THR A 53 -21.26 5.48 -5.84
N GLY A 54 -20.07 4.91 -5.89
CA GLY A 54 -18.86 5.68 -5.63
C GLY A 54 -18.55 5.77 -4.15
N LEU A 55 -18.98 4.77 -3.40
CA LEU A 55 -18.75 4.75 -1.96
C LEU A 55 -17.52 3.91 -1.61
N HIS A 56 -16.68 4.43 -0.73
CA HIS A 56 -15.47 3.73 -0.31
C HIS A 56 -15.73 2.23 -0.16
N LYS A 57 -15.34 1.46 -1.17
CA LYS A 57 -15.53 0.02 -1.14
C LYS A 57 -14.82 -0.60 0.06
N GLY A 58 -13.59 -0.17 0.30
CA GLY A 58 -12.82 -0.69 1.42
C GLY A 58 -11.47 -1.23 0.99
N CYS A 59 -10.79 -0.49 0.12
CA CYS A 59 -9.48 -0.90 -0.37
C CYS A 59 -8.79 0.24 -1.10
N ALA A 60 -7.47 0.15 -1.21
CA ALA A 60 -6.68 1.18 -1.88
C ALA A 60 -5.38 0.61 -2.44
N PHE A 61 -4.94 1.15 -3.57
CA PHE A 61 -3.71 0.69 -4.20
C PHE A 61 -2.54 1.59 -3.82
N LEU A 62 -1.61 1.05 -3.03
CA LEU A 62 -0.44 1.80 -2.59
C LEU A 62 0.78 1.43 -3.42
N THR A 63 1.53 2.45 -3.85
CA THR A 63 2.72 2.25 -4.66
C THR A 63 3.94 2.89 -4.01
N TYR A 64 4.98 2.09 -3.81
CA TYR A 64 6.21 2.57 -3.19
C TYR A 64 7.26 2.89 -4.25
N CYS A 65 8.19 3.78 -3.91
CA CYS A 65 9.25 4.17 -4.84
C CYS A 65 10.19 2.99 -5.10
N ALA A 66 10.60 2.32 -4.03
CA ALA A 66 11.50 1.18 -4.14
C ALA A 66 10.76 -0.13 -3.91
N ARG A 67 11.47 -1.26 -4.08
CA ARG A 67 10.87 -2.57 -3.90
C ARG A 67 10.91 -2.98 -2.43
N ASP A 68 12.04 -2.71 -1.78
CA ASP A 68 12.21 -3.06 -0.37
C ASP A 68 11.14 -2.39 0.48
N SER A 69 11.07 -1.06 0.41
CA SER A 69 10.09 -0.31 1.18
C SER A 69 8.75 -1.04 1.24
N ALA A 70 8.32 -1.56 0.10
CA ALA A 70 7.06 -2.29 0.03
C ALA A 70 7.12 -3.58 0.85
N LEU A 71 8.22 -4.32 0.71
CA LEU A 71 8.40 -5.57 1.44
C LEU A 71 8.31 -5.33 2.95
N LYS A 72 9.02 -4.32 3.43
CA LYS A 72 9.01 -3.99 4.86
C LYS A 72 7.59 -3.68 5.32
N ALA A 73 7.05 -2.57 4.85
CA ALA A 73 5.69 -2.15 5.21
C ALA A 73 4.70 -3.28 5.01
N GLN A 74 4.88 -4.03 3.93
CA GLN A 74 3.99 -5.15 3.61
C GLN A 74 3.96 -6.16 4.75
N SER A 75 5.12 -6.73 5.05
CA SER A 75 5.23 -7.72 6.13
C SER A 75 5.22 -7.04 7.49
N ALA A 76 5.27 -5.71 7.50
CA ALA A 76 5.26 -4.95 8.73
C ALA A 76 3.86 -4.46 9.07
N LEU A 77 2.98 -4.47 8.07
CA LEU A 77 1.61 -4.02 8.26
C LEU A 77 0.63 -5.19 8.10
N HIS A 78 0.91 -6.05 7.13
CA HIS A 78 0.06 -7.20 6.87
C HIS A 78 -0.20 -7.99 8.16
N GLU A 79 -1.43 -7.88 8.67
CA GLU A 79 -1.81 -8.56 9.90
C GLU A 79 -0.92 -8.13 11.06
N GLN A 80 -0.59 -6.85 11.11
CA GLN A 80 0.26 -6.31 12.16
C GLN A 80 -0.38 -5.09 12.80
N LYS A 81 -0.92 -4.19 11.97
CA LYS A 81 -1.56 -2.97 12.46
C LYS A 81 -3.07 -3.14 12.46
N THR A 82 -3.74 -2.38 13.33
CA THR A 82 -5.19 -2.43 13.43
C THR A 82 -5.80 -1.03 13.50
N LEU A 83 -6.14 -0.49 12.33
CA LEU A 83 -6.73 0.84 12.26
C LEU A 83 -7.83 1.02 13.30
N PRO A 84 -8.09 2.27 13.69
CA PRO A 84 -9.13 2.60 14.67
C PRO A 84 -10.53 2.37 14.13
N GLY A 85 -11.23 1.37 14.69
CA GLY A 85 -12.57 1.08 14.25
C GLY A 85 -12.64 -0.21 13.46
N MET A 86 -11.51 -0.87 13.29
CA MET A 86 -11.45 -2.13 12.55
C MET A 86 -11.04 -3.28 13.46
N ASN A 87 -12.01 -4.13 13.81
CA ASN A 87 -11.75 -5.28 14.68
C ASN A 87 -10.60 -6.12 14.13
N ARG A 88 -10.48 -6.15 12.81
CA ARG A 88 -9.43 -6.92 12.16
C ARG A 88 -8.27 -6.02 11.74
N PRO A 89 -7.06 -6.61 11.64
CA PRO A 89 -5.86 -5.88 11.26
C PRO A 89 -5.88 -5.46 9.78
N ILE A 90 -4.84 -4.74 9.36
CA ILE A 90 -4.75 -4.27 7.98
C ILE A 90 -4.08 -5.32 7.10
N GLN A 91 -4.75 -5.66 6.00
CA GLN A 91 -4.22 -6.66 5.07
C GLN A 91 -3.59 -5.98 3.85
N VAL A 92 -2.30 -6.22 3.65
CA VAL A 92 -1.57 -5.64 2.53
C VAL A 92 -0.80 -6.70 1.77
N LYS A 93 -1.10 -6.84 0.47
CA LYS A 93 -0.44 -7.81 -0.37
C LYS A 93 0.04 -7.17 -1.67
N PRO A 94 1.10 -7.74 -2.26
CA PRO A 94 1.67 -7.25 -3.52
C PRO A 94 0.75 -7.49 -4.72
N ALA A 95 -0.17 -6.56 -4.94
CA ALA A 95 -1.11 -6.67 -6.06
C ALA A 95 -0.46 -7.34 -7.26
N ALA A 96 -1.13 -8.34 -7.81
CA ALA A 96 -0.62 -9.07 -8.96
C ALA A 96 -1.45 -8.77 -10.21
N SER A 97 -1.11 -7.70 -10.90
CA SER A 97 -1.83 -7.30 -12.11
C SER A 97 -1.69 -8.36 -13.20
N GLU A 98 -0.44 -8.73 -13.50
CA GLU A 98 -0.17 -9.73 -14.52
C GLU A 98 1.23 -10.29 -14.36
N GLY A 99 1.32 -11.59 -14.07
CA GLY A 99 2.61 -12.23 -13.90
C GLY A 99 2.76 -13.47 -14.76
N ARG A 100 1.81 -14.38 -14.65
CA ARG A 100 1.84 -15.62 -15.42
C ARG A 100 1.75 -15.33 -16.92
N GLY A 101 0.68 -14.65 -17.32
CA GLY A 101 0.51 -14.32 -18.72
C GLY A 101 1.44 -13.23 -19.19
N GLU A 102 2.19 -13.51 -20.25
CA GLU A 102 3.14 -12.55 -20.80
C GLU A 102 3.55 -12.93 -22.21
N SER A 103 3.48 -11.97 -23.13
CA SER A 103 3.85 -12.20 -24.52
C SER A 103 5.07 -13.13 -24.61
N GLY A 104 4.98 -14.12 -25.51
CA GLY A 104 6.07 -15.06 -25.68
C GLY A 104 7.06 -14.61 -26.74
N PRO A 105 7.69 -15.59 -27.40
CA PRO A 105 8.67 -15.31 -28.45
C PRO A 105 8.04 -14.74 -29.71
N SER A 106 8.29 -13.46 -29.97
CA SER A 106 7.72 -12.78 -31.14
C SER A 106 8.37 -13.30 -32.42
N SER A 107 9.70 -13.16 -32.51
CA SER A 107 10.44 -13.61 -33.67
C SER A 107 9.71 -13.22 -34.96
N GLY A 108 9.16 -12.02 -34.98
CA GLY A 108 8.44 -11.56 -36.16
C GLY A 108 8.45 -10.05 -36.30
N GLY A 1 14.26 18.14 10.77
CA GLY A 1 14.38 16.91 10.00
C GLY A 1 15.14 17.11 8.71
N SER A 2 16.42 16.76 8.71
CA SER A 2 17.27 16.92 7.54
C SER A 2 16.57 16.39 6.29
N SER A 3 15.94 15.22 6.42
CA SER A 3 15.23 14.59 5.31
C SER A 3 13.99 15.40 4.94
N GLY A 4 13.47 15.14 3.75
CA GLY A 4 12.28 15.86 3.29
C GLY A 4 12.41 16.34 1.86
N SER A 5 13.00 15.52 1.01
CA SER A 5 13.19 15.87 -0.39
C SER A 5 11.85 15.99 -1.11
N SER A 6 11.87 16.61 -2.28
CA SER A 6 10.65 16.80 -3.07
C SER A 6 10.99 17.07 -4.53
N GLY A 7 9.97 17.11 -5.38
CA GLY A 7 10.17 17.36 -6.78
C GLY A 7 9.28 16.50 -7.67
N VAL A 8 9.87 15.46 -8.26
CA VAL A 8 9.12 14.56 -9.13
C VAL A 8 9.19 13.13 -8.61
N PRO A 9 8.09 12.38 -8.79
CA PRO A 9 7.99 10.99 -8.34
C PRO A 9 8.86 10.06 -9.18
N MET A 10 9.71 9.29 -8.51
CA MET A 10 10.60 8.36 -9.18
C MET A 10 10.50 6.96 -8.56
N LYS A 11 10.22 5.97 -9.39
CA LYS A 11 10.10 4.59 -8.93
C LYS A 11 11.27 3.74 -9.41
N ASP A 12 11.24 2.46 -9.09
CA ASP A 12 12.31 1.54 -9.49
C ASP A 12 11.85 0.64 -10.63
N HIS A 13 12.79 -0.03 -11.27
CA HIS A 13 12.49 -0.93 -12.38
C HIS A 13 11.79 -2.19 -11.87
N ASP A 14 12.18 -2.64 -10.69
CA ASP A 14 11.59 -3.84 -10.09
C ASP A 14 10.74 -3.48 -8.87
N ALA A 15 10.06 -2.34 -8.95
CA ALA A 15 9.20 -1.89 -7.86
C ALA A 15 8.02 -2.83 -7.65
N ILE A 16 7.19 -2.53 -6.65
CA ILE A 16 6.03 -3.35 -6.35
C ILE A 16 4.84 -2.49 -5.96
N LYS A 17 3.65 -2.97 -6.27
CA LYS A 17 2.41 -2.25 -5.95
C LYS A 17 1.64 -2.95 -4.84
N LEU A 18 1.66 -2.37 -3.64
CA LEU A 18 0.95 -2.94 -2.51
C LEU A 18 -0.53 -2.63 -2.57
N PHE A 19 -1.35 -3.59 -2.14
CA PHE A 19 -2.80 -3.42 -2.15
C PHE A 19 -3.38 -3.65 -0.77
N VAL A 20 -4.05 -2.64 -0.23
CA VAL A 20 -4.65 -2.73 1.10
C VAL A 20 -6.16 -2.96 0.99
N GLY A 21 -6.66 -3.91 1.77
CA GLY A 21 -8.08 -4.21 1.76
C GLY A 21 -8.71 -4.13 3.13
N GLN A 22 -8.13 -3.29 3.99
CA GLN A 22 -8.64 -3.13 5.35
C GLN A 22 -8.82 -1.65 5.69
N ILE A 23 -9.38 -0.89 4.75
CA ILE A 23 -9.60 0.53 4.96
C ILE A 23 -11.08 0.82 5.21
N PRO A 24 -11.39 1.25 6.44
CA PRO A 24 -12.77 1.58 6.84
C PRO A 24 -13.28 2.84 6.16
N ARG A 25 -14.38 3.38 6.69
CA ARG A 25 -14.97 4.59 6.13
C ARG A 25 -14.69 5.80 7.02
N GLY A 26 -13.96 6.76 6.47
CA GLY A 26 -13.63 7.96 7.23
C GLY A 26 -12.22 8.45 6.95
N LEU A 27 -11.33 7.53 6.58
CA LEU A 27 -9.95 7.87 6.28
C LEU A 27 -9.72 7.96 4.78
N ASP A 28 -8.67 8.68 4.39
CA ASP A 28 -8.33 8.83 2.98
C ASP A 28 -6.83 8.70 2.76
N GLU A 29 -6.40 8.84 1.50
CA GLU A 29 -4.99 8.75 1.16
C GLU A 29 -4.15 9.70 2.01
N GLN A 30 -4.81 10.71 2.57
CA GLN A 30 -4.13 11.69 3.40
C GLN A 30 -3.86 11.14 4.80
N ASP A 31 -4.67 10.18 5.21
CA ASP A 31 -4.53 9.56 6.53
C ASP A 31 -3.74 8.26 6.42
N LEU A 32 -3.51 7.81 5.20
CA LEU A 32 -2.78 6.57 4.97
C LEU A 32 -1.31 6.85 4.69
N LYS A 33 -1.04 8.00 4.09
CA LYS A 33 0.33 8.40 3.77
C LYS A 33 1.23 8.31 5.01
N PRO A 34 0.73 8.84 6.14
CA PRO A 34 1.46 8.83 7.40
C PRO A 34 2.05 7.46 7.73
N LEU A 35 1.19 6.44 7.72
CA LEU A 35 1.63 5.08 8.02
C LEU A 35 2.62 4.59 6.98
N PHE A 36 2.23 4.66 5.71
CA PHE A 36 3.10 4.23 4.62
C PHE A 36 4.39 5.04 4.59
N GLU A 37 4.35 6.23 5.17
CA GLU A 37 5.52 7.10 5.22
C GLU A 37 6.42 6.74 6.39
N GLU A 38 6.00 5.75 7.17
CA GLU A 38 6.76 5.31 8.34
C GLU A 38 7.82 4.28 7.94
N PHE A 39 7.67 3.72 6.73
CA PHE A 39 8.60 2.72 6.24
C PHE A 39 9.43 3.28 5.09
N GLY A 40 8.76 3.74 4.04
CA GLY A 40 9.45 4.30 2.89
C GLY A 40 8.68 5.44 2.25
N ARG A 41 9.24 6.00 1.18
CA ARG A 41 8.60 7.11 0.48
C ARG A 41 7.54 6.59 -0.49
N ILE A 42 6.37 7.22 -0.46
CA ILE A 42 5.27 6.84 -1.33
C ILE A 42 5.42 7.44 -2.72
N TYR A 43 5.15 6.63 -3.74
CA TYR A 43 5.26 7.09 -5.12
C TYR A 43 3.90 7.45 -5.69
N GLU A 44 2.87 6.72 -5.26
CA GLU A 44 1.51 6.96 -5.72
C GLU A 44 0.50 6.26 -4.83
N LEU A 45 -0.48 7.01 -4.35
CA LEU A 45 -1.52 6.47 -3.49
C LEU A 45 -2.91 6.82 -4.00
N THR A 46 -3.71 5.81 -4.30
CA THR A 46 -5.06 6.02 -4.81
C THR A 46 -6.04 5.05 -4.15
N VAL A 47 -7.23 5.56 -3.82
CA VAL A 47 -8.26 4.75 -3.19
C VAL A 47 -9.32 4.31 -4.20
N LEU A 48 -9.90 3.14 -3.96
CA LEU A 48 -10.92 2.61 -4.86
C LEU A 48 -12.32 2.89 -4.31
N LYS A 49 -13.18 3.46 -5.17
CA LYS A 49 -14.54 3.78 -4.78
C LYS A 49 -15.54 3.04 -5.66
N ASP A 50 -16.83 3.25 -5.38
CA ASP A 50 -17.88 2.61 -6.15
C ASP A 50 -18.02 3.24 -7.54
N ARG A 51 -18.97 2.74 -8.32
CA ARG A 51 -19.19 3.26 -9.67
C ARG A 51 -20.49 4.06 -9.73
N LEU A 52 -21.43 3.73 -8.84
CA LEU A 52 -22.71 4.42 -8.79
C LEU A 52 -22.70 5.54 -7.76
N THR A 53 -22.11 5.27 -6.60
CA THR A 53 -22.03 6.26 -5.53
C THR A 53 -20.61 6.77 -5.37
N GLY A 54 -19.64 6.01 -5.88
CA GLY A 54 -18.25 6.40 -5.77
C GLY A 54 -17.82 6.66 -4.34
N LEU A 55 -18.39 5.91 -3.41
CA LEU A 55 -18.07 6.05 -1.99
C LEU A 55 -16.98 5.07 -1.58
N HIS A 56 -16.00 5.56 -0.83
CA HIS A 56 -14.90 4.71 -0.36
C HIS A 56 -15.39 3.30 -0.07
N LYS A 57 -15.18 2.39 -1.01
CA LYS A 57 -15.60 1.00 -0.85
C LYS A 57 -14.93 0.37 0.37
N GLY A 58 -13.61 0.30 0.35
CA GLY A 58 -12.87 -0.29 1.45
C GLY A 58 -11.53 -0.85 1.02
N CYS A 59 -10.82 -0.12 0.19
CA CYS A 59 -9.52 -0.56 -0.30
C CYS A 59 -8.79 0.58 -1.02
N ALA A 60 -7.49 0.42 -1.21
CA ALA A 60 -6.68 1.43 -1.88
C ALA A 60 -5.39 0.83 -2.43
N PHE A 61 -4.92 1.36 -3.55
CA PHE A 61 -3.70 0.88 -4.18
C PHE A 61 -2.50 1.76 -3.80
N LEU A 62 -1.55 1.15 -3.09
CA LEU A 62 -0.35 1.88 -2.67
C LEU A 62 0.84 1.52 -3.54
N THR A 63 1.57 2.55 -3.98
CA THR A 63 2.74 2.34 -4.82
C THR A 63 3.98 2.94 -4.19
N TYR A 64 4.97 2.10 -3.90
CA TYR A 64 6.21 2.56 -3.29
C TYR A 64 7.27 2.83 -4.36
N CYS A 65 8.16 3.78 -4.07
CA CYS A 65 9.22 4.15 -5.00
C CYS A 65 10.17 2.97 -5.23
N ALA A 66 10.48 2.27 -4.14
CA ALA A 66 11.39 1.12 -4.21
C ALA A 66 10.64 -0.19 -3.98
N ARG A 67 11.36 -1.30 -4.07
CA ARG A 67 10.76 -2.60 -3.88
C ARG A 67 10.82 -3.02 -2.41
N ASP A 68 11.94 -2.74 -1.77
CA ASP A 68 12.13 -3.08 -0.35
C ASP A 68 11.11 -2.35 0.51
N SER A 69 11.05 -1.03 0.37
CA SER A 69 10.12 -0.21 1.15
C SER A 69 8.77 -0.90 1.27
N ALA A 70 8.37 -1.61 0.21
CA ALA A 70 7.10 -2.31 0.20
C ALA A 70 7.18 -3.60 1.03
N LEU A 71 8.14 -4.45 0.70
CA LEU A 71 8.31 -5.71 1.42
C LEU A 71 8.24 -5.50 2.93
N LYS A 72 8.94 -4.47 3.41
CA LYS A 72 8.95 -4.16 4.84
C LYS A 72 7.56 -3.77 5.31
N ALA A 73 7.10 -2.60 4.88
CA ALA A 73 5.79 -2.10 5.26
C ALA A 73 4.72 -3.18 5.08
N GLN A 74 4.97 -4.10 4.15
CA GLN A 74 4.03 -5.19 3.89
C GLN A 74 4.02 -6.19 5.04
N SER A 75 5.19 -6.68 5.41
CA SER A 75 5.33 -7.64 6.48
C SER A 75 5.26 -6.96 7.85
N ALA A 76 5.24 -5.63 7.83
CA ALA A 76 5.17 -4.85 9.06
C ALA A 76 3.74 -4.41 9.36
N LEU A 77 2.93 -4.30 8.31
CA LEU A 77 1.53 -3.90 8.46
C LEU A 77 0.60 -5.09 8.31
N HIS A 78 0.83 -5.90 7.29
CA HIS A 78 0.02 -7.08 7.05
C HIS A 78 -0.22 -7.86 8.34
N GLU A 79 -1.46 -7.81 8.83
CA GLU A 79 -1.82 -8.51 10.06
C GLU A 79 -0.96 -8.04 11.22
N GLN A 80 -0.69 -6.74 11.26
CA GLN A 80 0.12 -6.16 12.32
C GLN A 80 -0.56 -4.94 12.93
N LYS A 81 -1.10 -4.08 12.07
CA LYS A 81 -1.78 -2.87 12.53
C LYS A 81 -3.29 -3.09 12.58
N THR A 82 -3.97 -2.28 13.40
CA THR A 82 -5.41 -2.39 13.55
C THR A 82 -6.07 -1.02 13.50
N LEU A 83 -6.52 -0.62 12.32
CA LEU A 83 -7.17 0.67 12.15
C LEU A 83 -8.36 0.82 13.10
N PRO A 84 -8.73 2.08 13.39
CA PRO A 84 -9.85 2.39 14.28
C PRO A 84 -11.20 2.02 13.67
N GLY A 85 -11.95 1.16 14.36
CA GLY A 85 -13.24 0.75 13.87
C GLY A 85 -13.20 -0.60 13.18
N MET A 86 -12.00 -1.14 13.00
CA MET A 86 -11.82 -2.42 12.35
C MET A 86 -11.38 -3.49 13.36
N ASN A 87 -12.29 -4.40 13.70
CA ASN A 87 -11.99 -5.46 14.65
C ASN A 87 -10.74 -6.23 14.23
N ARG A 88 -10.55 -6.37 12.91
CA ARG A 88 -9.40 -7.08 12.39
C ARG A 88 -8.29 -6.10 11.98
N PRO A 89 -7.06 -6.62 11.85
CA PRO A 89 -5.91 -5.81 11.45
C PRO A 89 -5.97 -5.36 10.00
N ILE A 90 -4.85 -4.86 9.48
CA ILE A 90 -4.79 -4.40 8.10
C ILE A 90 -4.09 -5.44 7.21
N GLN A 91 -4.70 -5.71 6.06
CA GLN A 91 -4.14 -6.67 5.12
C GLN A 91 -3.51 -5.96 3.92
N VAL A 92 -2.21 -6.16 3.73
CA VAL A 92 -1.49 -5.55 2.64
C VAL A 92 -0.65 -6.57 1.88
N LYS A 93 -0.97 -6.78 0.61
CA LYS A 93 -0.24 -7.73 -0.22
C LYS A 93 0.20 -7.08 -1.53
N PRO A 94 1.28 -7.61 -2.12
CA PRO A 94 1.83 -7.10 -3.38
C PRO A 94 0.92 -7.40 -4.56
N ALA A 95 -0.02 -6.50 -4.83
CA ALA A 95 -0.95 -6.67 -5.94
C ALA A 95 -0.29 -7.37 -7.12
N ALA A 96 0.87 -6.85 -7.53
CA ALA A 96 1.61 -7.43 -8.64
C ALA A 96 1.52 -8.96 -8.63
N SER A 97 2.20 -9.57 -7.66
CA SER A 97 2.19 -11.02 -7.54
C SER A 97 1.01 -11.50 -6.70
N GLU A 98 0.77 -12.81 -6.71
CA GLU A 98 -0.33 -13.39 -5.96
C GLU A 98 0.19 -14.34 -4.88
N GLY A 99 0.22 -13.86 -3.65
CA GLY A 99 0.69 -14.68 -2.54
C GLY A 99 2.14 -15.11 -2.72
N ARG A 100 2.83 -14.48 -3.66
CA ARG A 100 4.22 -14.81 -3.93
C ARG A 100 5.13 -13.64 -3.55
N GLY A 101 6.20 -13.93 -2.82
CA GLY A 101 7.13 -12.90 -2.41
C GLY A 101 7.83 -13.24 -1.10
N GLU A 102 8.96 -12.59 -0.85
CA GLU A 102 9.72 -12.83 0.36
C GLU A 102 9.72 -11.59 1.26
N SER A 103 10.40 -11.68 2.39
CA SER A 103 10.48 -10.57 3.33
C SER A 103 11.57 -10.81 4.37
N GLY A 104 12.06 -9.73 4.96
CA GLY A 104 13.11 -9.85 5.97
C GLY A 104 14.37 -10.47 5.42
N PRO A 105 15.00 -9.79 4.45
CA PRO A 105 16.24 -10.28 3.83
C PRO A 105 17.42 -10.23 4.77
N SER A 106 17.56 -9.12 5.50
CA SER A 106 18.66 -8.95 6.45
C SER A 106 18.23 -8.07 7.62
N SER A 107 18.82 -8.32 8.78
CA SER A 107 18.51 -7.55 9.98
C SER A 107 18.73 -6.06 9.75
N GLY A 108 17.96 -5.24 10.44
CA GLY A 108 18.07 -3.80 10.29
C GLY A 108 17.05 -3.22 9.35
N GLY A 1 -4.99 23.26 2.04
CA GLY A 1 -4.25 23.07 3.27
C GLY A 1 -2.78 22.74 3.03
N SER A 2 -2.48 21.45 2.98
CA SER A 2 -1.11 21.00 2.76
C SER A 2 -0.65 21.31 1.33
N SER A 3 0.66 21.34 1.13
CA SER A 3 1.23 21.62 -0.18
C SER A 3 2.63 21.04 -0.31
N GLY A 4 2.89 20.40 -1.44
CA GLY A 4 4.19 19.81 -1.67
C GLY A 4 4.79 20.21 -3.00
N SER A 5 4.44 19.48 -4.05
CA SER A 5 4.95 19.76 -5.40
C SER A 5 6.47 19.64 -5.43
N SER A 6 6.99 18.61 -4.78
CA SER A 6 8.43 18.39 -4.74
C SER A 6 8.88 17.49 -5.89
N GLY A 7 9.48 18.11 -6.91
CA GLY A 7 9.95 17.35 -8.05
C GLY A 7 8.96 16.27 -8.48
N VAL A 8 9.45 15.29 -9.21
CA VAL A 8 8.61 14.19 -9.68
C VAL A 8 8.96 12.88 -8.98
N PRO A 9 7.95 12.02 -8.78
CA PRO A 9 8.12 10.73 -8.13
C PRO A 9 8.92 9.75 -8.97
N MET A 10 9.86 9.06 -8.35
CA MET A 10 10.70 8.09 -9.04
C MET A 10 10.55 6.70 -8.43
N LYS A 11 10.28 5.70 -9.27
CA LYS A 11 10.11 4.33 -8.81
C LYS A 11 11.16 3.42 -9.43
N ASP A 12 11.06 2.13 -9.13
CA ASP A 12 12.01 1.16 -9.67
C ASP A 12 11.39 0.38 -10.83
N HIS A 13 12.24 -0.18 -11.69
CA HIS A 13 11.78 -0.95 -12.84
C HIS A 13 11.03 -2.21 -12.39
N ASP A 14 11.52 -2.83 -11.33
CA ASP A 14 10.90 -4.04 -10.80
C ASP A 14 10.18 -3.74 -9.49
N ALA A 15 9.56 -2.58 -9.40
CA ALA A 15 8.84 -2.18 -8.19
C ALA A 15 7.64 -3.10 -7.95
N ILE A 16 6.91 -2.83 -6.87
CA ILE A 16 5.75 -3.63 -6.52
C ILE A 16 4.61 -2.75 -6.00
N LYS A 17 3.40 -3.03 -6.46
CA LYS A 17 2.23 -2.26 -6.04
C LYS A 17 1.45 -3.00 -4.96
N LEU A 18 1.53 -2.51 -3.73
CA LEU A 18 0.82 -3.13 -2.61
C LEU A 18 -0.65 -2.77 -2.63
N PHE A 19 -1.50 -3.75 -2.32
CA PHE A 19 -2.94 -3.54 -2.30
C PHE A 19 -3.50 -3.77 -0.91
N VAL A 20 -4.15 -2.75 -0.36
CA VAL A 20 -4.74 -2.83 0.98
C VAL A 20 -6.24 -3.03 0.89
N GLY A 21 -6.76 -3.93 1.73
CA GLY A 21 -8.19 -4.20 1.74
C GLY A 21 -8.78 -4.17 3.14
N GLN A 22 -8.23 -3.32 3.99
CA GLN A 22 -8.70 -3.20 5.37
C GLN A 22 -8.88 -1.73 5.75
N ILE A 23 -9.42 -0.94 4.84
CA ILE A 23 -9.65 0.48 5.09
C ILE A 23 -11.14 0.78 5.22
N PRO A 24 -11.55 1.21 6.41
CA PRO A 24 -12.95 1.55 6.70
C PRO A 24 -13.40 2.82 5.98
N ARG A 25 -14.61 3.27 6.29
CA ARG A 25 -15.16 4.47 5.67
C ARG A 25 -15.01 5.67 6.60
N GLY A 26 -14.25 6.66 6.16
CA GLY A 26 -14.04 7.86 6.97
C GLY A 26 -12.67 8.47 6.76
N LEU A 27 -11.69 7.64 6.47
CA LEU A 27 -10.32 8.10 6.24
C LEU A 27 -10.01 8.18 4.75
N ASP A 28 -8.84 8.72 4.42
CA ASP A 28 -8.42 8.85 3.03
C ASP A 28 -6.91 8.69 2.90
N GLU A 29 -6.41 8.88 1.70
CA GLU A 29 -4.97 8.76 1.43
C GLU A 29 -4.18 9.71 2.31
N GLN A 30 -4.84 10.75 2.80
CA GLN A 30 -4.20 11.74 3.65
C GLN A 30 -3.96 11.19 5.05
N ASP A 31 -4.60 10.07 5.35
CA ASP A 31 -4.46 9.43 6.66
C ASP A 31 -3.67 8.13 6.55
N LEU A 32 -3.54 7.63 5.33
CA LEU A 32 -2.80 6.39 5.10
C LEU A 32 -1.34 6.68 4.77
N LYS A 33 -1.10 7.78 4.06
CA LYS A 33 0.25 8.17 3.68
C LYS A 33 1.18 8.16 4.90
N PRO A 34 0.70 8.74 6.01
CA PRO A 34 1.47 8.81 7.26
C PRO A 34 2.08 7.46 7.64
N LEU A 35 1.23 6.45 7.75
CA LEU A 35 1.69 5.10 8.10
C LEU A 35 2.68 4.58 7.07
N PHE A 36 2.30 4.64 5.80
CA PHE A 36 3.14 4.16 4.72
C PHE A 36 4.45 4.95 4.67
N GLU A 37 4.42 6.18 5.19
CA GLU A 37 5.60 7.03 5.21
C GLU A 37 6.52 6.67 6.37
N GLU A 38 6.09 5.71 7.19
CA GLU A 38 6.86 5.28 8.34
C GLU A 38 7.97 4.32 7.90
N PHE A 39 7.79 3.68 6.76
CA PHE A 39 8.76 2.73 6.25
C PHE A 39 9.63 3.38 5.16
N GLY A 40 8.97 4.11 4.26
CA GLY A 40 9.68 4.77 3.18
C GLY A 40 8.80 5.70 2.38
N ARG A 41 9.41 6.61 1.64
CA ARG A 41 8.66 7.57 0.82
C ARG A 41 7.71 6.85 -0.12
N ILE A 42 6.52 7.42 -0.29
CA ILE A 42 5.51 6.82 -1.17
C ILE A 42 5.63 7.38 -2.59
N TYR A 43 5.19 6.59 -3.56
CA TYR A 43 5.24 7.00 -4.96
C TYR A 43 3.87 7.47 -5.44
N GLU A 44 2.82 6.79 -4.97
CA GLU A 44 1.46 7.14 -5.36
C GLU A 44 0.45 6.32 -4.57
N LEU A 45 -0.60 6.98 -4.11
CA LEU A 45 -1.65 6.30 -3.33
C LEU A 45 -3.03 6.65 -3.86
N THR A 46 -3.82 5.63 -4.19
CA THR A 46 -5.16 5.83 -4.70
C THR A 46 -6.15 4.89 -4.04
N VAL A 47 -7.33 5.41 -3.72
CA VAL A 47 -8.37 4.61 -3.08
C VAL A 47 -9.44 4.19 -4.08
N LEU A 48 -9.71 2.89 -4.13
CA LEU A 48 -10.71 2.35 -5.05
C LEU A 48 -12.12 2.64 -4.56
N LYS A 49 -12.96 3.15 -5.44
CA LYS A 49 -14.34 3.48 -5.10
C LYS A 49 -15.30 2.97 -6.17
N ASP A 50 -16.58 2.86 -5.81
CA ASP A 50 -17.60 2.39 -6.73
C ASP A 50 -17.80 3.39 -7.88
N ARG A 51 -18.69 3.05 -8.81
CA ARG A 51 -18.97 3.90 -9.95
C ARG A 51 -20.41 4.41 -9.91
N LEU A 52 -21.32 3.53 -9.49
CA LEU A 52 -22.74 3.88 -9.40
C LEU A 52 -23.01 4.76 -8.19
N THR A 53 -22.27 4.51 -7.11
CA THR A 53 -22.43 5.27 -5.88
C THR A 53 -21.25 6.21 -5.66
N GLY A 54 -20.06 5.76 -6.04
CA GLY A 54 -18.87 6.56 -5.87
C GLY A 54 -18.43 6.67 -4.42
N LEU A 55 -18.76 5.65 -3.63
CA LEU A 55 -18.41 5.62 -2.21
C LEU A 55 -17.13 4.82 -1.99
N HIS A 56 -16.62 4.85 -0.77
CA HIS A 56 -15.41 4.12 -0.41
C HIS A 56 -15.68 2.61 -0.38
N LYS A 57 -15.13 1.90 -1.36
CA LYS A 57 -15.32 0.45 -1.44
C LYS A 57 -14.70 -0.24 -0.22
N GLY A 58 -13.45 0.09 0.08
CA GLY A 58 -12.78 -0.50 1.22
C GLY A 58 -11.40 -1.03 0.86
N CYS A 59 -10.66 -0.26 0.08
CA CYS A 59 -9.31 -0.66 -0.33
C CYS A 59 -8.62 0.48 -1.08
N ALA A 60 -7.29 0.39 -1.18
CA ALA A 60 -6.51 1.40 -1.88
C ALA A 60 -5.23 0.82 -2.45
N PHE A 61 -4.83 1.30 -3.62
CA PHE A 61 -3.62 0.82 -4.28
C PHE A 61 -2.42 1.68 -3.90
N LEU A 62 -1.49 1.09 -3.14
CA LEU A 62 -0.29 1.80 -2.71
C LEU A 62 0.92 1.41 -3.55
N THR A 63 1.70 2.41 -3.95
CA THR A 63 2.89 2.16 -4.76
C THR A 63 4.12 2.81 -4.14
N TYR A 64 5.07 1.96 -3.73
CA TYR A 64 6.31 2.45 -3.12
C TYR A 64 7.36 2.75 -4.18
N CYS A 65 8.25 3.68 -3.87
CA CYS A 65 9.32 4.07 -4.80
C CYS A 65 10.31 2.93 -4.99
N ALA A 66 10.65 2.26 -3.89
CA ALA A 66 11.59 1.14 -3.94
C ALA A 66 10.90 -0.17 -3.59
N ARG A 67 11.53 -1.29 -3.94
CA ARG A 67 10.97 -2.61 -3.66
C ARG A 67 11.02 -2.90 -2.17
N ASP A 68 12.17 -2.65 -1.55
CA ASP A 68 12.34 -2.90 -0.12
C ASP A 68 11.22 -2.25 0.68
N SER A 69 11.11 -0.92 0.57
CA SER A 69 10.08 -0.18 1.29
C SER A 69 8.75 -0.91 1.23
N ALA A 70 8.43 -1.47 0.07
CA ALA A 70 7.17 -2.20 -0.11
C ALA A 70 7.18 -3.49 0.70
N LEU A 71 8.23 -4.30 0.52
CA LEU A 71 8.35 -5.56 1.22
C LEU A 71 8.18 -5.38 2.73
N LYS A 72 8.90 -4.40 3.28
CA LYS A 72 8.83 -4.10 4.70
C LYS A 72 7.40 -3.72 5.11
N ALA A 73 6.94 -2.57 4.63
CA ALA A 73 5.61 -2.09 4.94
C ALA A 73 4.58 -3.20 4.80
N GLN A 74 4.74 -4.04 3.77
CA GLN A 74 3.82 -5.14 3.54
C GLN A 74 3.84 -6.12 4.71
N SER A 75 4.98 -6.75 4.93
CA SER A 75 5.13 -7.71 6.02
C SER A 75 5.20 -7.00 7.37
N ALA A 76 5.18 -5.68 7.33
CA ALA A 76 5.25 -4.87 8.55
C ALA A 76 3.85 -4.43 8.98
N LEU A 77 2.95 -4.28 8.01
CA LEU A 77 1.59 -3.86 8.30
C LEU A 77 0.62 -5.05 8.19
N HIS A 78 0.85 -5.89 7.20
CA HIS A 78 0.00 -7.06 6.99
C HIS A 78 -0.22 -7.81 8.31
N GLU A 79 -1.46 -7.77 8.81
CA GLU A 79 -1.80 -8.44 10.04
C GLU A 79 -0.88 -7.99 11.18
N GLN A 80 -0.59 -6.69 11.22
CA GLN A 80 0.27 -6.14 12.25
C GLN A 80 -0.37 -4.91 12.89
N LYS A 81 -0.93 -4.03 12.07
CA LYS A 81 -1.58 -2.82 12.57
C LYS A 81 -3.09 -3.01 12.65
N THR A 82 -3.78 -2.01 13.19
CA THR A 82 -5.23 -2.07 13.32
C THR A 82 -5.83 -0.67 13.38
N LEU A 83 -6.47 -0.26 12.30
CA LEU A 83 -7.10 1.06 12.23
C LEU A 83 -8.17 1.21 13.32
N PRO A 84 -8.44 2.46 13.71
CA PRO A 84 -9.45 2.77 14.73
C PRO A 84 -10.87 2.50 14.24
N GLY A 85 -11.46 1.42 14.74
CA GLY A 85 -12.81 1.07 14.34
C GLY A 85 -12.86 -0.17 13.47
N MET A 86 -11.80 -0.97 13.53
CA MET A 86 -11.73 -2.19 12.74
C MET A 86 -11.36 -3.38 13.62
N ASN A 87 -12.29 -4.31 13.77
CA ASN A 87 -12.06 -5.50 14.59
C ASN A 87 -10.86 -6.29 14.07
N ARG A 88 -10.70 -6.32 12.74
CA ARG A 88 -9.60 -7.04 12.12
C ARG A 88 -8.47 -6.09 11.75
N PRO A 89 -7.24 -6.63 11.71
CA PRO A 89 -6.05 -5.84 11.37
C PRO A 89 -6.02 -5.42 9.91
N ILE A 90 -4.95 -4.74 9.50
CA ILE A 90 -4.81 -4.29 8.13
C ILE A 90 -4.15 -5.36 7.26
N GLN A 91 -4.76 -5.63 6.11
CA GLN A 91 -4.23 -6.62 5.18
C GLN A 91 -3.63 -5.96 3.94
N VAL A 92 -2.34 -6.19 3.72
CA VAL A 92 -1.65 -5.62 2.57
C VAL A 92 -0.83 -6.67 1.84
N LYS A 93 -1.17 -6.91 0.58
CA LYS A 93 -0.47 -7.89 -0.24
C LYS A 93 -0.01 -7.28 -1.55
N PRO A 94 1.12 -7.80 -2.09
CA PRO A 94 1.69 -7.31 -3.35
C PRO A 94 0.83 -7.68 -4.55
N ALA A 95 -0.17 -6.85 -4.83
CA ALA A 95 -1.07 -7.08 -5.95
C ALA A 95 -0.31 -7.66 -7.15
N ALA A 96 -0.87 -8.71 -7.74
CA ALA A 96 -0.24 -9.35 -8.90
C ALA A 96 -1.13 -9.26 -10.12
N SER A 97 -0.52 -9.32 -11.30
CA SER A 97 -1.26 -9.24 -12.55
C SER A 97 -1.48 -10.63 -13.16
N GLU A 98 -0.39 -11.39 -13.27
CA GLU A 98 -0.46 -12.73 -13.83
C GLU A 98 -1.45 -13.59 -13.04
N GLY A 99 -1.39 -13.50 -11.72
CA GLY A 99 -2.28 -14.28 -10.88
C GLY A 99 -1.57 -15.42 -10.17
N ARG A 100 -0.57 -15.07 -9.38
CA ARG A 100 0.20 -16.08 -8.66
C ARG A 100 -0.11 -16.03 -7.16
N GLY A 101 0.23 -17.10 -6.44
CA GLY A 101 -0.02 -17.14 -5.02
C GLY A 101 1.19 -16.74 -4.20
N GLU A 102 1.34 -17.36 -3.04
CA GLU A 102 2.46 -17.07 -2.15
C GLU A 102 2.57 -18.10 -1.03
N SER A 103 3.80 -18.36 -0.59
CA SER A 103 4.04 -19.33 0.47
C SER A 103 5.47 -19.24 0.97
N GLY A 104 5.62 -18.75 2.20
CA GLY A 104 6.96 -18.62 2.78
C GLY A 104 6.93 -18.69 4.30
N PRO A 105 6.98 -19.92 4.84
CA PRO A 105 6.96 -20.15 6.28
C PRO A 105 8.25 -19.69 6.96
N SER A 106 8.12 -19.04 8.11
CA SER A 106 9.27 -18.55 8.85
C SER A 106 9.30 -19.12 10.27
N SER A 107 10.48 -19.58 10.69
CA SER A 107 10.63 -20.15 12.02
C SER A 107 10.59 -19.07 13.09
N GLY A 108 9.50 -19.04 13.85
CA GLY A 108 9.35 -18.05 14.91
C GLY A 108 9.69 -16.65 14.43
N GLY A 1 8.97 19.81 9.48
CA GLY A 1 9.74 19.58 8.27
C GLY A 1 9.86 20.81 7.40
N SER A 2 10.71 20.75 6.39
CA SER A 2 10.92 21.87 5.49
C SER A 2 10.51 21.51 4.06
N SER A 3 11.09 20.42 3.55
CA SER A 3 10.78 19.97 2.19
C SER A 3 9.38 19.38 2.11
N GLY A 4 8.64 19.78 1.08
CA GLY A 4 7.28 19.29 0.90
C GLY A 4 7.08 18.64 -0.45
N SER A 5 7.22 19.43 -1.51
CA SER A 5 7.04 18.93 -2.87
C SER A 5 8.36 18.46 -3.45
N SER A 6 8.42 17.18 -3.82
CA SER A 6 9.63 16.60 -4.39
C SER A 6 9.56 16.59 -5.92
N GLY A 7 10.64 16.15 -6.55
CA GLY A 7 10.68 16.09 -8.00
C GLY A 7 9.68 15.11 -8.57
N VAL A 8 9.82 14.80 -9.86
CA VAL A 8 8.92 13.87 -10.52
C VAL A 8 8.93 12.50 -9.84
N PRO A 9 7.76 11.86 -9.77
CA PRO A 9 7.61 10.54 -9.15
C PRO A 9 8.28 9.44 -9.96
N MET A 10 9.41 8.95 -9.48
CA MET A 10 10.14 7.89 -10.16
C MET A 10 10.10 6.59 -9.36
N LYS A 11 9.69 5.52 -10.01
CA LYS A 11 9.60 4.22 -9.36
C LYS A 11 10.76 3.31 -9.79
N ASP A 12 10.75 2.07 -9.30
CA ASP A 12 11.79 1.11 -9.64
C ASP A 12 11.34 0.20 -10.78
N HIS A 13 12.23 -0.05 -11.73
CA HIS A 13 11.93 -0.89 -12.87
C HIS A 13 11.30 -2.20 -12.42
N ASP A 14 11.76 -2.71 -11.28
CA ASP A 14 11.24 -3.96 -10.74
C ASP A 14 10.43 -3.71 -9.47
N ALA A 15 9.79 -2.55 -9.40
CA ALA A 15 8.99 -2.18 -8.23
C ALA A 15 7.76 -3.08 -8.11
N ILE A 16 6.98 -2.86 -7.06
CA ILE A 16 5.77 -3.64 -6.84
C ILE A 16 4.60 -2.74 -6.45
N LYS A 17 3.39 -3.26 -6.60
CA LYS A 17 2.19 -2.52 -6.25
C LYS A 17 1.45 -3.16 -5.09
N LEU A 18 1.49 -2.51 -3.92
CA LEU A 18 0.83 -3.02 -2.74
C LEU A 18 -0.66 -2.66 -2.74
N PHE A 19 -1.49 -3.60 -2.31
CA PHE A 19 -2.93 -3.37 -2.26
C PHE A 19 -3.48 -3.63 -0.86
N VAL A 20 -4.18 -2.64 -0.32
CA VAL A 20 -4.75 -2.75 1.01
C VAL A 20 -6.26 -3.02 0.94
N GLY A 21 -6.73 -3.91 1.82
CA GLY A 21 -8.14 -4.24 1.84
C GLY A 21 -8.75 -4.14 3.22
N GLN A 22 -8.20 -3.24 4.04
CA GLN A 22 -8.69 -3.05 5.39
C GLN A 22 -8.87 -1.57 5.70
N ILE A 23 -9.39 -0.83 4.72
CA ILE A 23 -9.63 0.61 4.88
C ILE A 23 -11.10 0.89 5.14
N PRO A 24 -11.40 1.39 6.35
CA PRO A 24 -12.76 1.72 6.77
C PRO A 24 -13.30 2.94 6.03
N ARG A 25 -14.39 3.51 6.55
CA ARG A 25 -15.01 4.68 5.95
C ARG A 25 -14.77 5.92 6.79
N GLY A 26 -14.43 7.03 6.13
CA GLY A 26 -14.18 8.27 6.84
C GLY A 26 -12.74 8.73 6.70
N LEU A 27 -11.86 7.82 6.28
CA LEU A 27 -10.46 8.16 6.11
C LEU A 27 -10.12 8.37 4.63
N ASP A 28 -8.93 8.89 4.36
CA ASP A 28 -8.49 9.15 3.00
C ASP A 28 -7.01 8.86 2.85
N GLU A 29 -6.50 9.05 1.63
CA GLU A 29 -5.08 8.82 1.35
C GLU A 29 -4.20 9.66 2.26
N GLN A 30 -4.78 10.72 2.82
CA GLN A 30 -4.04 11.61 3.72
C GLN A 30 -3.88 10.98 5.10
N ASP A 31 -4.77 10.04 5.42
CA ASP A 31 -4.72 9.36 6.71
C ASP A 31 -3.91 8.08 6.61
N LEU A 32 -3.68 7.61 5.39
CA LEU A 32 -2.90 6.40 5.17
C LEU A 32 -1.44 6.72 4.89
N LYS A 33 -1.20 7.89 4.29
CA LYS A 33 0.14 8.31 3.96
C LYS A 33 1.03 8.32 5.20
N PRO A 34 0.50 8.87 6.30
CA PRO A 34 1.22 8.95 7.58
C PRO A 34 1.86 7.63 7.96
N LEU A 35 1.09 6.55 7.88
CA LEU A 35 1.58 5.23 8.22
C LEU A 35 2.59 4.74 7.19
N PHE A 36 2.19 4.75 5.92
CA PHE A 36 3.06 4.32 4.85
C PHE A 36 4.34 5.13 4.81
N GLU A 37 4.27 6.35 5.34
CA GLU A 37 5.43 7.23 5.37
C GLU A 37 6.38 6.85 6.50
N GLU A 38 6.01 5.83 7.26
CA GLU A 38 6.82 5.36 8.38
C GLU A 38 7.85 4.34 7.91
N PHE A 39 7.61 3.76 6.73
CA PHE A 39 8.52 2.77 6.17
C PHE A 39 9.42 3.39 5.10
N GLY A 40 8.82 4.16 4.20
CA GLY A 40 9.57 4.81 3.15
C GLY A 40 8.77 5.86 2.41
N ARG A 41 9.32 6.36 1.31
CA ARG A 41 8.65 7.38 0.51
C ARG A 41 7.65 6.74 -0.46
N ILE A 42 6.39 7.14 -0.35
CA ILE A 42 5.34 6.61 -1.21
C ILE A 42 5.50 7.11 -2.64
N TYR A 43 5.20 6.26 -3.60
CA TYR A 43 5.30 6.62 -5.01
C TYR A 43 3.94 6.94 -5.60
N GLU A 44 2.92 6.24 -5.12
CA GLU A 44 1.56 6.46 -5.59
C GLU A 44 0.53 5.88 -4.61
N LEU A 45 -0.49 6.66 -4.29
CA LEU A 45 -1.54 6.23 -3.37
C LEU A 45 -2.91 6.64 -3.87
N THR A 46 -3.78 5.65 -4.09
CA THR A 46 -5.12 5.92 -4.58
C THR A 46 -6.14 5.00 -3.89
N VAL A 47 -7.29 5.57 -3.54
CA VAL A 47 -8.34 4.80 -2.88
C VAL A 47 -9.36 4.28 -3.89
N LEU A 48 -9.69 2.99 -3.77
CA LEU A 48 -10.64 2.37 -4.68
C LEU A 48 -12.08 2.70 -4.27
N LYS A 49 -12.83 3.30 -5.20
CA LYS A 49 -14.21 3.68 -4.94
C LYS A 49 -15.14 3.09 -6.00
N ASP A 50 -16.43 3.10 -5.72
CA ASP A 50 -17.43 2.58 -6.65
C ASP A 50 -17.62 3.53 -7.83
N ARG A 51 -18.47 3.13 -8.77
CA ARG A 51 -18.74 3.95 -9.95
C ARG A 51 -20.19 4.44 -9.95
N LEU A 52 -21.12 3.51 -9.78
CA LEU A 52 -22.54 3.84 -9.77
C LEU A 52 -22.91 4.57 -8.47
N THR A 53 -22.31 4.13 -7.36
CA THR A 53 -22.59 4.74 -6.07
C THR A 53 -21.45 5.67 -5.65
N GLY A 54 -20.24 5.34 -6.06
CA GLY A 54 -19.09 6.15 -5.72
C GLY A 54 -18.80 6.17 -4.24
N LEU A 55 -19.23 5.11 -3.55
CA LEU A 55 -19.02 5.01 -2.11
C LEU A 55 -17.79 4.15 -1.81
N HIS A 56 -16.90 4.69 -0.98
CA HIS A 56 -15.67 3.98 -0.60
C HIS A 56 -15.94 2.49 -0.49
N LYS A 57 -15.46 1.73 -1.47
CA LYS A 57 -15.63 0.28 -1.48
C LYS A 57 -15.01 -0.35 -0.24
N GLY A 58 -13.78 0.06 0.07
CA GLY A 58 -13.10 -0.47 1.24
C GLY A 58 -11.72 -1.02 0.90
N CYS A 59 -10.99 -0.29 0.07
CA CYS A 59 -9.64 -0.70 -0.33
C CYS A 59 -8.90 0.44 -1.01
N ALA A 60 -7.60 0.27 -1.19
CA ALA A 60 -6.78 1.28 -1.83
C ALA A 60 -5.49 0.68 -2.38
N PHE A 61 -4.96 1.28 -3.44
CA PHE A 61 -3.73 0.81 -4.06
C PHE A 61 -2.54 1.66 -3.64
N LEU A 62 -1.62 1.05 -2.89
CA LEU A 62 -0.44 1.75 -2.41
C LEU A 62 0.81 1.31 -3.18
N THR A 63 1.63 2.28 -3.60
CA THR A 63 2.83 1.99 -4.34
C THR A 63 4.06 2.59 -3.65
N TYR A 64 5.17 1.84 -3.65
CA TYR A 64 6.39 2.30 -3.02
C TYR A 64 7.47 2.58 -4.08
N CYS A 65 8.23 3.65 -3.86
CA CYS A 65 9.29 4.03 -4.79
C CYS A 65 10.30 2.91 -4.94
N ALA A 66 10.67 2.28 -3.82
CA ALA A 66 11.63 1.20 -3.83
C ALA A 66 10.97 -0.13 -3.44
N ARG A 67 11.49 -1.22 -3.98
CA ARG A 67 10.96 -2.55 -3.69
C ARG A 67 10.98 -2.82 -2.19
N ASP A 68 12.16 -2.80 -1.60
CA ASP A 68 12.32 -3.05 -0.17
C ASP A 68 11.21 -2.36 0.62
N SER A 69 11.17 -1.03 0.53
CA SER A 69 10.16 -0.26 1.25
C SER A 69 8.81 -0.97 1.23
N ALA A 70 8.47 -1.55 0.08
CA ALA A 70 7.21 -2.27 -0.07
C ALA A 70 7.19 -3.53 0.78
N LEU A 71 8.27 -4.31 0.69
CA LEU A 71 8.38 -5.55 1.46
C LEU A 71 8.22 -5.29 2.95
N LYS A 72 8.93 -4.28 3.45
CA LYS A 72 8.87 -3.93 4.86
C LYS A 72 7.45 -3.57 5.27
N ALA A 73 6.96 -2.45 4.76
CA ALA A 73 5.60 -2.00 5.08
C ALA A 73 4.59 -3.11 4.84
N GLN A 74 4.87 -3.97 3.87
CA GLN A 74 3.99 -5.07 3.54
C GLN A 74 3.98 -6.11 4.66
N SER A 75 5.13 -6.69 4.94
CA SER A 75 5.25 -7.71 5.99
C SER A 75 5.29 -7.06 7.37
N ALA A 76 5.32 -5.73 7.38
CA ALA A 76 5.35 -4.99 8.64
C ALA A 76 3.96 -4.51 9.04
N LEU A 77 3.04 -4.49 8.07
CA LEU A 77 1.68 -4.06 8.31
C LEU A 77 0.70 -5.21 8.16
N HIS A 78 0.87 -6.00 7.11
CA HIS A 78 0.01 -7.14 6.85
C HIS A 78 -0.23 -7.94 8.13
N GLU A 79 -1.46 -7.86 8.65
CA GLU A 79 -1.81 -8.56 9.87
C GLU A 79 -0.88 -8.18 11.02
N GLN A 80 -0.55 -6.90 11.10
CA GLN A 80 0.33 -6.40 12.15
C GLN A 80 -0.29 -5.21 12.86
N LYS A 81 -0.83 -4.27 12.09
CA LYS A 81 -1.46 -3.09 12.65
C LYS A 81 -2.98 -3.24 12.69
N THR A 82 -3.65 -2.20 13.18
CA THR A 82 -5.11 -2.22 13.27
C THR A 82 -5.68 -0.81 13.26
N LEU A 83 -6.33 -0.45 12.16
CA LEU A 83 -6.92 0.88 12.02
C LEU A 83 -8.09 1.06 12.98
N PRO A 84 -8.41 2.32 13.29
CA PRO A 84 -9.50 2.66 14.20
C PRO A 84 -10.87 2.37 13.60
N GLY A 85 -11.62 1.47 14.22
CA GLY A 85 -12.93 1.11 13.73
C GLY A 85 -12.98 -0.28 13.15
N MET A 86 -11.81 -0.86 12.89
CA MET A 86 -11.72 -2.20 12.33
C MET A 86 -11.30 -3.21 13.40
N ASN A 87 -12.10 -4.25 13.56
CA ASN A 87 -11.82 -5.29 14.55
C ASN A 87 -10.58 -6.10 14.15
N ARG A 88 -10.40 -6.27 12.84
CA ARG A 88 -9.27 -7.03 12.33
C ARG A 88 -8.13 -6.09 11.90
N PRO A 89 -6.92 -6.65 11.78
CA PRO A 89 -5.74 -5.88 11.38
C PRO A 89 -5.79 -5.45 9.93
N ILE A 90 -4.77 -4.72 9.49
CA ILE A 90 -4.70 -4.25 8.11
C ILE A 90 -4.05 -5.29 7.20
N GLN A 91 -4.67 -5.53 6.05
CA GLN A 91 -4.15 -6.49 5.09
C GLN A 91 -3.51 -5.80 3.90
N VAL A 92 -2.23 -6.07 3.67
CA VAL A 92 -1.50 -5.46 2.56
C VAL A 92 -0.67 -6.51 1.82
N LYS A 93 -1.01 -6.73 0.56
CA LYS A 93 -0.30 -7.70 -0.26
C LYS A 93 0.09 -7.09 -1.60
N PRO A 94 1.15 -7.64 -2.22
CA PRO A 94 1.65 -7.17 -3.52
C PRO A 94 0.69 -7.51 -4.65
N ALA A 95 -0.15 -6.53 -5.02
CA ALA A 95 -1.11 -6.71 -6.10
C ALA A 95 -0.45 -7.35 -7.32
N ALA A 96 -1.03 -8.44 -7.81
CA ALA A 96 -0.51 -9.14 -8.97
C ALA A 96 -1.59 -9.37 -10.02
N SER A 97 -1.93 -8.32 -10.76
CA SER A 97 -2.96 -8.40 -11.79
C SER A 97 -2.43 -7.89 -13.12
N GLU A 98 -2.56 -8.71 -14.16
CA GLU A 98 -2.10 -8.34 -15.49
C GLU A 98 -3.27 -8.22 -16.46
N GLY A 99 -4.20 -9.18 -16.38
CA GLY A 99 -5.35 -9.17 -17.25
C GLY A 99 -5.87 -10.57 -17.53
N ARG A 100 -6.83 -11.01 -16.72
CA ARG A 100 -7.42 -12.34 -16.89
C ARG A 100 -8.80 -12.40 -16.24
N GLY A 101 -9.84 -12.41 -17.08
CA GLY A 101 -11.19 -12.47 -16.57
C GLY A 101 -11.35 -13.48 -15.45
N GLU A 102 -11.72 -14.71 -15.80
CA GLU A 102 -11.90 -15.77 -14.82
C GLU A 102 -10.57 -16.43 -14.48
N SER A 103 -10.39 -16.75 -13.20
CA SER A 103 -9.16 -17.38 -12.74
C SER A 103 -9.43 -18.30 -11.56
N GLY A 104 -8.80 -19.46 -11.56
CA GLY A 104 -8.99 -20.42 -10.48
C GLY A 104 -10.42 -20.87 -10.35
N PRO A 105 -10.79 -21.89 -11.14
CA PRO A 105 -12.16 -22.44 -11.12
C PRO A 105 -12.46 -23.19 -9.84
N SER A 106 -13.75 -23.41 -9.58
CA SER A 106 -14.19 -24.11 -8.38
C SER A 106 -13.79 -25.59 -8.45
N SER A 107 -13.62 -26.20 -7.27
CA SER A 107 -13.24 -27.61 -7.20
C SER A 107 -11.86 -27.83 -7.79
N GLY A 108 -10.95 -26.89 -7.52
CA GLY A 108 -9.61 -27.00 -8.04
C GLY A 108 -8.96 -25.65 -8.28
N GLY A 1 2.32 25.88 2.75
CA GLY A 1 3.63 25.31 2.48
C GLY A 1 4.13 25.65 1.08
N SER A 2 5.35 25.22 0.77
CA SER A 2 5.94 25.48 -0.54
C SER A 2 5.32 24.59 -1.60
N SER A 3 5.14 25.13 -2.80
CA SER A 3 4.57 24.37 -3.90
C SER A 3 5.65 23.86 -4.84
N GLY A 4 6.45 24.79 -5.37
CA GLY A 4 7.52 24.40 -6.28
C GLY A 4 8.50 23.43 -5.65
N SER A 5 8.26 22.15 -5.86
CA SER A 5 9.13 21.11 -5.30
C SER A 5 10.18 20.67 -6.32
N SER A 6 11.43 21.05 -6.06
CA SER A 6 12.52 20.70 -6.97
C SER A 6 12.86 19.22 -6.86
N GLY A 7 12.60 18.48 -7.92
CA GLY A 7 12.88 17.06 -7.94
C GLY A 7 11.77 16.24 -8.56
N VAL A 8 12.11 15.09 -9.11
CA VAL A 8 11.13 14.21 -9.75
C VAL A 8 11.17 12.82 -9.14
N PRO A 9 9.98 12.25 -8.88
CA PRO A 9 9.86 10.90 -8.31
C PRO A 9 10.27 9.81 -9.29
N MET A 10 11.03 8.84 -8.79
CA MET A 10 11.50 7.73 -9.62
C MET A 10 11.12 6.39 -9.01
N LYS A 11 10.80 5.42 -9.86
CA LYS A 11 10.41 4.10 -9.41
C LYS A 11 11.48 3.06 -9.75
N ASP A 12 11.19 1.80 -9.46
CA ASP A 12 12.14 0.72 -9.74
C ASP A 12 11.61 -0.18 -10.85
N HIS A 13 12.52 -0.73 -11.64
CA HIS A 13 12.15 -1.61 -12.75
C HIS A 13 11.39 -2.83 -12.22
N ASP A 14 11.80 -3.34 -11.06
CA ASP A 14 11.15 -4.49 -10.46
C ASP A 14 10.37 -4.09 -9.22
N ALA A 15 9.76 -2.91 -9.27
CA ALA A 15 8.98 -2.41 -8.15
C ALA A 15 7.77 -3.30 -7.87
N ILE A 16 7.06 -3.00 -6.80
CA ILE A 16 5.89 -3.79 -6.42
C ILE A 16 4.79 -2.88 -5.86
N LYS A 17 3.56 -3.12 -6.32
CA LYS A 17 2.41 -2.33 -5.87
C LYS A 17 1.71 -3.02 -4.70
N LEU A 18 1.58 -2.30 -3.59
CA LEU A 18 0.93 -2.84 -2.40
C LEU A 18 -0.54 -2.47 -2.38
N PHE A 19 -1.40 -3.48 -2.33
CA PHE A 19 -2.85 -3.26 -2.30
C PHE A 19 -3.41 -3.49 -0.90
N VAL A 20 -4.13 -2.51 -0.38
CA VAL A 20 -4.72 -2.62 0.95
C VAL A 20 -6.23 -2.83 0.86
N GLY A 21 -6.72 -3.80 1.62
CA GLY A 21 -8.14 -4.10 1.61
C GLY A 21 -8.73 -4.12 3.02
N GLN A 22 -8.24 -3.23 3.88
CA GLN A 22 -8.73 -3.15 5.25
C GLN A 22 -8.98 -1.71 5.66
N ILE A 23 -9.55 -0.93 4.75
CA ILE A 23 -9.85 0.47 5.00
C ILE A 23 -11.34 0.70 5.18
N PRO A 24 -11.75 1.14 6.38
CA PRO A 24 -13.14 1.40 6.71
C PRO A 24 -13.69 2.63 5.98
N ARG A 25 -14.83 3.13 6.44
CA ARG A 25 -15.45 4.29 5.83
C ARG A 25 -15.34 5.51 6.75
N GLY A 26 -14.66 6.56 6.26
CA GLY A 26 -14.50 7.76 7.05
C GLY A 26 -13.11 8.35 6.93
N LEU A 27 -12.12 7.49 6.66
CA LEU A 27 -10.75 7.93 6.51
C LEU A 27 -10.36 8.06 5.04
N ASP A 28 -9.19 8.63 4.79
CA ASP A 28 -8.71 8.81 3.42
C ASP A 28 -7.20 8.59 3.35
N GLU A 29 -6.63 8.83 2.17
CA GLU A 29 -5.19 8.64 1.96
C GLU A 29 -4.39 9.52 2.92
N GLN A 30 -5.04 10.56 3.46
CA GLN A 30 -4.39 11.46 4.39
C GLN A 30 -4.08 10.77 5.72
N ASP A 31 -4.79 9.67 5.97
CA ASP A 31 -4.60 8.90 7.20
C ASP A 31 -3.70 7.70 6.96
N LEU A 32 -3.60 7.28 5.71
CA LEU A 32 -2.77 6.14 5.35
C LEU A 32 -1.36 6.58 4.99
N LYS A 33 -1.25 7.73 4.32
CA LYS A 33 0.05 8.27 3.92
C LYS A 33 1.03 8.25 5.09
N PRO A 34 0.57 8.71 6.26
CA PRO A 34 1.39 8.74 7.47
C PRO A 34 2.11 7.43 7.73
N LEU A 35 1.34 6.35 7.79
CA LEU A 35 1.90 5.02 8.04
C LEU A 35 2.85 4.62 6.90
N PHE A 36 2.38 4.74 5.67
CA PHE A 36 3.17 4.40 4.51
C PHE A 36 4.45 5.23 4.45
N GLU A 37 4.41 6.41 5.06
CA GLU A 37 5.56 7.30 5.08
C GLU A 37 6.48 6.97 6.25
N GLU A 38 6.11 5.96 7.02
CA GLU A 38 6.91 5.54 8.17
C GLU A 38 7.95 4.50 7.75
N PHE A 39 7.72 3.85 6.62
CA PHE A 39 8.64 2.84 6.11
C PHE A 39 9.52 3.41 5.01
N GLY A 40 8.93 4.20 4.12
CA GLY A 40 9.67 4.79 3.03
C GLY A 40 8.84 5.76 2.21
N ARG A 41 9.47 6.42 1.26
CA ARG A 41 8.77 7.37 0.40
C ARG A 41 7.81 6.66 -0.54
N ILE A 42 6.61 7.21 -0.67
CA ILE A 42 5.59 6.61 -1.54
C ILE A 42 5.71 7.15 -2.96
N TYR A 43 5.21 6.38 -3.92
CA TYR A 43 5.26 6.77 -5.32
C TYR A 43 3.88 7.16 -5.83
N GLU A 44 2.90 6.29 -5.58
CA GLU A 44 1.53 6.54 -6.02
C GLU A 44 0.53 5.99 -5.00
N LEU A 45 -0.53 6.76 -4.75
CA LEU A 45 -1.55 6.35 -3.80
C LEU A 45 -2.94 6.78 -4.28
N THR A 46 -3.82 5.80 -4.45
CA THR A 46 -5.18 6.06 -4.91
C THR A 46 -6.18 5.12 -4.24
N VAL A 47 -7.26 5.69 -3.71
CA VAL A 47 -8.29 4.90 -3.05
C VAL A 47 -9.30 4.35 -4.06
N LEU A 48 -9.65 3.08 -3.89
CA LEU A 48 -10.61 2.44 -4.79
C LEU A 48 -12.04 2.60 -4.28
N LYS A 49 -12.92 3.09 -5.16
CA LYS A 49 -14.32 3.29 -4.79
C LYS A 49 -15.24 2.58 -5.78
N ASP A 50 -16.54 2.66 -5.52
CA ASP A 50 -17.53 2.04 -6.38
C ASP A 50 -17.73 2.85 -7.67
N ARG A 51 -18.43 2.27 -8.63
CA ARG A 51 -18.69 2.94 -9.89
C ARG A 51 -20.16 3.35 -10.01
N LEU A 52 -21.06 2.44 -9.63
CA LEU A 52 -22.48 2.72 -9.68
C LEU A 52 -22.91 3.61 -8.53
N THR A 53 -22.32 3.39 -7.36
CA THR A 53 -22.63 4.17 -6.17
C THR A 53 -21.58 5.25 -5.93
N GLY A 54 -20.31 4.88 -6.04
CA GLY A 54 -19.23 5.82 -5.83
C GLY A 54 -18.85 5.95 -4.36
N LEU A 55 -19.24 4.97 -3.56
CA LEU A 55 -18.94 4.98 -2.14
C LEU A 55 -17.61 4.27 -1.86
N HIS A 56 -16.92 4.72 -0.82
CA HIS A 56 -15.64 4.13 -0.45
C HIS A 56 -15.76 2.62 -0.25
N LYS A 57 -15.37 1.85 -1.26
CA LYS A 57 -15.43 0.40 -1.19
C LYS A 57 -14.70 -0.13 0.04
N GLY A 58 -13.48 0.35 0.25
CA GLY A 58 -12.69 -0.07 1.38
C GLY A 58 -11.34 -0.64 0.98
N CYS A 59 -10.71 0.01 0.00
CA CYS A 59 -9.40 -0.43 -0.48
C CYS A 59 -8.65 0.72 -1.14
N ALA A 60 -7.33 0.57 -1.27
CA ALA A 60 -6.50 1.59 -1.89
C ALA A 60 -5.24 0.98 -2.49
N PHE A 61 -4.85 1.49 -3.65
CA PHE A 61 -3.66 1.00 -4.33
C PHE A 61 -2.43 1.85 -3.99
N LEU A 62 -1.48 1.24 -3.29
CA LEU A 62 -0.26 1.94 -2.89
C LEU A 62 0.94 1.43 -3.68
N THR A 63 1.80 2.35 -4.10
CA THR A 63 2.99 1.99 -4.86
C THR A 63 4.24 2.62 -4.25
N TYR A 64 5.21 1.77 -3.90
CA TYR A 64 6.45 2.25 -3.30
C TYR A 64 7.53 2.40 -4.36
N CYS A 65 8.32 3.47 -4.25
CA CYS A 65 9.39 3.74 -5.19
C CYS A 65 10.35 2.55 -5.29
N ALA A 66 10.76 2.04 -4.14
CA ALA A 66 11.67 0.90 -4.09
C ALA A 66 10.93 -0.37 -3.71
N ARG A 67 11.55 -1.52 -4.00
CA ARG A 67 10.94 -2.81 -3.69
C ARG A 67 11.08 -3.14 -2.21
N ASP A 68 12.24 -2.84 -1.65
CA ASP A 68 12.50 -3.10 -0.23
C ASP A 68 11.47 -2.40 0.65
N SER A 69 11.29 -1.11 0.44
CA SER A 69 10.34 -0.33 1.21
C SER A 69 8.98 -1.02 1.26
N ALA A 70 8.62 -1.67 0.16
CA ALA A 70 7.35 -2.38 0.08
C ALA A 70 7.34 -3.60 0.99
N LEU A 71 8.35 -4.44 0.85
CA LEU A 71 8.45 -5.65 1.68
C LEU A 71 8.23 -5.33 3.15
N LYS A 72 8.99 -4.36 3.66
CA LYS A 72 8.86 -3.96 5.05
C LYS A 72 7.43 -3.56 5.38
N ALA A 73 6.99 -2.44 4.84
CA ALA A 73 5.63 -1.95 5.08
C ALA A 73 4.61 -3.06 4.86
N GLN A 74 4.92 -3.99 3.98
CA GLN A 74 4.03 -5.11 3.69
C GLN A 74 3.96 -6.07 4.87
N SER A 75 5.09 -6.68 5.19
CA SER A 75 5.16 -7.63 6.29
C SER A 75 5.16 -6.90 7.63
N ALA A 76 5.18 -5.57 7.59
CA ALA A 76 5.19 -4.76 8.79
C ALA A 76 3.78 -4.31 9.16
N LEU A 77 2.91 -4.22 8.17
CA LEU A 77 1.53 -3.80 8.39
C LEU A 77 0.57 -4.98 8.23
N HIS A 78 0.85 -5.82 7.23
CA HIS A 78 0.01 -6.99 6.98
C HIS A 78 -0.26 -7.76 8.26
N GLU A 79 -1.51 -7.72 8.72
CA GLU A 79 -1.89 -8.42 9.95
C GLU A 79 -1.02 -7.98 11.12
N GLN A 80 -0.75 -6.68 11.19
CA GLN A 80 0.08 -6.15 12.27
C GLN A 80 -0.61 -4.95 12.93
N LYS A 81 -1.14 -4.06 12.10
CA LYS A 81 -1.82 -2.86 12.61
C LYS A 81 -3.33 -3.06 12.61
N THR A 82 -4.03 -2.27 13.41
CA THR A 82 -5.48 -2.36 13.51
C THR A 82 -6.12 -0.98 13.48
N LEU A 83 -6.50 -0.52 12.29
CA LEU A 83 -7.11 0.79 12.13
C LEU A 83 -8.14 1.05 13.23
N PRO A 84 -8.41 2.33 13.50
CA PRO A 84 -9.38 2.73 14.53
C PRO A 84 -10.81 2.42 14.13
N GLY A 85 -11.39 1.41 14.77
CA GLY A 85 -12.76 1.02 14.46
C GLY A 85 -12.84 -0.27 13.65
N MET A 86 -11.68 -0.83 13.34
CA MET A 86 -11.62 -2.07 12.57
C MET A 86 -11.23 -3.25 13.45
N ASN A 87 -12.19 -4.10 13.75
CA ASN A 87 -11.95 -5.27 14.60
C ASN A 87 -10.77 -6.08 14.07
N ARG A 88 -10.62 -6.11 12.75
CA ARG A 88 -9.54 -6.86 12.11
C ARG A 88 -8.39 -5.93 11.72
N PRO A 89 -7.18 -6.49 11.61
CA PRO A 89 -5.98 -5.72 11.25
C PRO A 89 -6.01 -5.27 9.79
N ILE A 90 -4.90 -4.72 9.33
CA ILE A 90 -4.79 -4.24 7.96
C ILE A 90 -4.15 -5.30 7.06
N GLN A 91 -4.73 -5.48 5.88
CA GLN A 91 -4.21 -6.46 4.93
C GLN A 91 -3.55 -5.77 3.73
N VAL A 92 -2.26 -6.03 3.54
CA VAL A 92 -1.51 -5.44 2.44
C VAL A 92 -0.71 -6.49 1.68
N LYS A 93 -1.06 -6.70 0.42
CA LYS A 93 -0.37 -7.68 -0.41
C LYS A 93 0.16 -7.03 -1.68
N PRO A 94 1.28 -7.58 -2.21
CA PRO A 94 1.91 -7.07 -3.42
C PRO A 94 1.06 -7.34 -4.67
N ALA A 95 0.06 -6.49 -4.89
CA ALA A 95 -0.81 -6.64 -6.04
C ALA A 95 -0.05 -7.14 -7.26
N ALA A 96 1.04 -6.47 -7.60
CA ALA A 96 1.87 -6.85 -8.72
C ALA A 96 2.96 -7.83 -8.31
N SER A 97 2.70 -9.12 -8.52
CA SER A 97 3.66 -10.16 -8.16
C SER A 97 4.19 -10.86 -9.39
N GLU A 98 3.29 -11.25 -10.28
CA GLU A 98 3.67 -11.93 -11.52
C GLU A 98 4.76 -11.17 -12.25
N GLY A 99 5.43 -11.84 -13.18
CA GLY A 99 6.49 -11.21 -13.94
C GLY A 99 7.79 -11.99 -13.90
N ARG A 100 8.90 -11.29 -13.84
CA ARG A 100 10.21 -11.93 -13.80
C ARG A 100 10.31 -12.87 -12.62
N GLY A 101 11.02 -13.99 -12.81
CA GLY A 101 11.18 -14.96 -11.74
C GLY A 101 11.83 -16.24 -12.22
N GLU A 102 11.13 -16.98 -13.08
CA GLU A 102 11.64 -18.24 -13.61
C GLU A 102 12.77 -17.98 -14.61
N SER A 103 13.56 -19.01 -14.87
CA SER A 103 14.68 -18.90 -15.80
C SER A 103 15.58 -17.73 -15.44
N GLY A 104 15.74 -17.50 -14.14
CA GLY A 104 16.58 -16.41 -13.68
C GLY A 104 18.02 -16.56 -14.12
N PRO A 105 18.94 -15.94 -13.35
CA PRO A 105 20.37 -16.00 -13.64
C PRO A 105 20.97 -17.39 -13.40
N SER A 106 20.20 -18.23 -12.70
CA SER A 106 20.66 -19.58 -12.39
C SER A 106 20.93 -20.37 -13.67
N SER A 107 22.20 -20.55 -13.98
CA SER A 107 22.60 -21.29 -15.18
C SER A 107 22.98 -22.72 -14.84
N GLY A 108 22.39 -23.68 -15.54
CA GLY A 108 22.68 -25.08 -15.30
C GLY A 108 23.02 -25.83 -16.57
N GLY A 1 10.49 12.41 8.46
CA GLY A 1 11.68 13.15 8.81
C GLY A 1 11.82 14.44 8.04
N SER A 2 10.78 15.28 8.10
CA SER A 2 10.80 16.56 7.39
C SER A 2 11.40 16.40 6.00
N SER A 3 11.03 15.32 5.32
CA SER A 3 11.55 15.05 3.98
C SER A 3 11.25 16.22 3.04
N GLY A 4 11.85 16.17 1.85
CA GLY A 4 11.63 17.24 0.89
C GLY A 4 11.60 16.72 -0.54
N SER A 5 10.61 17.16 -1.31
CA SER A 5 10.46 16.74 -2.70
C SER A 5 11.52 17.39 -3.58
N SER A 6 12.33 16.57 -4.24
CA SER A 6 13.38 17.07 -5.12
C SER A 6 12.80 17.43 -6.49
N GLY A 7 12.01 16.53 -7.06
CA GLY A 7 11.41 16.78 -8.36
C GLY A 7 10.54 15.64 -8.83
N VAL A 8 10.91 15.03 -9.94
CA VAL A 8 10.16 13.91 -10.49
C VAL A 8 10.26 12.67 -9.60
N PRO A 9 9.16 11.92 -9.50
CA PRO A 9 9.11 10.69 -8.68
C PRO A 9 9.95 9.56 -9.27
N MET A 10 11.00 9.18 -8.55
CA MET A 10 11.89 8.12 -8.99
C MET A 10 11.46 6.78 -8.40
N LYS A 11 11.40 5.76 -9.25
CA LYS A 11 11.02 4.42 -8.81
C LYS A 11 11.97 3.37 -9.35
N ASP A 12 11.66 2.10 -9.11
CA ASP A 12 12.48 1.00 -9.57
C ASP A 12 11.81 0.27 -10.74
N HIS A 13 12.62 -0.24 -11.66
CA HIS A 13 12.10 -0.95 -12.83
C HIS A 13 11.33 -2.20 -12.40
N ASP A 14 11.68 -2.73 -11.23
CA ASP A 14 11.03 -3.92 -10.70
C ASP A 14 10.25 -3.60 -9.44
N ALA A 15 9.64 -2.42 -9.40
CA ALA A 15 8.87 -1.99 -8.25
C ALA A 15 7.72 -2.96 -7.96
N ILE A 16 6.91 -2.64 -6.96
CA ILE A 16 5.78 -3.48 -6.60
C ILE A 16 4.58 -2.64 -6.18
N LYS A 17 3.40 -3.01 -6.67
CA LYS A 17 2.18 -2.29 -6.34
C LYS A 17 1.42 -2.99 -5.23
N LEU A 18 1.52 -2.45 -4.02
CA LEU A 18 0.84 -3.03 -2.86
C LEU A 18 -0.65 -2.69 -2.88
N PHE A 19 -1.47 -3.59 -2.34
CA PHE A 19 -2.91 -3.38 -2.29
C PHE A 19 -3.44 -3.58 -0.88
N VAL A 20 -4.17 -2.58 -0.38
CA VAL A 20 -4.74 -2.65 0.96
C VAL A 20 -6.25 -2.85 0.90
N GLY A 21 -6.73 -3.84 1.64
CA GLY A 21 -8.16 -4.12 1.67
C GLY A 21 -8.73 -4.08 3.07
N GLN A 22 -8.19 -3.22 3.92
CA GLN A 22 -8.65 -3.09 5.29
C GLN A 22 -8.83 -1.63 5.67
N ILE A 23 -9.38 -0.85 4.75
CA ILE A 23 -9.61 0.58 4.99
C ILE A 23 -11.09 0.86 5.19
N PRO A 24 -11.46 1.29 6.41
CA PRO A 24 -12.85 1.61 6.76
C PRO A 24 -13.33 2.88 6.07
N ARG A 25 -14.47 3.39 6.52
CA ARG A 25 -15.05 4.60 5.94
C ARG A 25 -14.79 5.81 6.83
N GLY A 26 -14.35 6.90 6.22
CA GLY A 26 -14.06 8.11 6.98
C GLY A 26 -12.65 8.60 6.76
N LEU A 27 -11.75 7.69 6.43
CA LEU A 27 -10.35 8.04 6.19
C LEU A 27 -10.06 8.15 4.69
N ASP A 28 -8.95 8.80 4.36
CA ASP A 28 -8.56 8.98 2.97
C ASP A 28 -7.07 8.72 2.79
N GLU A 29 -6.57 8.94 1.57
CA GLU A 29 -5.16 8.72 1.27
C GLU A 29 -4.28 9.58 2.18
N GLN A 30 -4.87 10.60 2.78
CA GLN A 30 -4.13 11.49 3.68
C GLN A 30 -3.99 10.88 5.06
N ASP A 31 -4.79 9.85 5.34
CA ASP A 31 -4.74 9.18 6.63
C ASP A 31 -3.90 7.91 6.55
N LEU A 32 -3.75 7.38 5.34
CA LEU A 32 -2.95 6.17 5.14
C LEU A 32 -1.50 6.52 4.80
N LYS A 33 -1.30 7.71 4.24
CA LYS A 33 0.03 8.18 3.88
C LYS A 33 0.98 8.12 5.07
N PRO A 34 0.50 8.60 6.24
CA PRO A 34 1.28 8.61 7.47
C PRO A 34 1.94 7.28 7.76
N LEU A 35 1.14 6.22 7.80
CA LEU A 35 1.66 4.87 8.06
C LEU A 35 2.65 4.46 6.98
N PHE A 36 2.23 4.56 5.72
CA PHE A 36 3.08 4.19 4.60
C PHE A 36 4.37 5.00 4.61
N GLU A 37 4.31 6.19 5.20
CA GLU A 37 5.48 7.06 5.28
C GLU A 37 6.37 6.68 6.46
N GLU A 38 5.91 5.72 7.25
CA GLU A 38 6.66 5.27 8.41
C GLU A 38 7.77 4.31 8.00
N PHE A 39 7.62 3.70 6.83
CA PHE A 39 8.61 2.76 6.32
C PHE A 39 9.44 3.39 5.20
N GLY A 40 8.77 4.06 4.28
CA GLY A 40 9.46 4.71 3.18
C GLY A 40 8.60 5.71 2.45
N ARG A 41 9.21 6.47 1.54
CA ARG A 41 8.48 7.47 0.78
C ARG A 41 7.52 6.82 -0.22
N ILE A 42 6.29 7.33 -0.26
CA ILE A 42 5.27 6.79 -1.16
C ILE A 42 5.43 7.36 -2.56
N TYR A 43 5.14 6.55 -3.56
CA TYR A 43 5.23 6.97 -4.95
C TYR A 43 3.87 7.34 -5.51
N GLU A 44 2.84 6.67 -5.01
CA GLU A 44 1.47 6.92 -5.47
C GLU A 44 0.46 6.17 -4.60
N LEU A 45 -0.63 6.85 -4.25
CA LEU A 45 -1.67 6.26 -3.42
C LEU A 45 -3.05 6.53 -4.00
N THR A 46 -3.78 5.47 -4.31
CA THR A 46 -5.12 5.60 -4.87
C THR A 46 -6.13 4.75 -4.09
N VAL A 47 -7.30 5.32 -3.83
CA VAL A 47 -8.35 4.61 -3.11
C VAL A 47 -9.42 4.10 -4.05
N LEU A 48 -9.85 2.86 -3.82
CA LEU A 48 -10.89 2.24 -4.66
C LEU A 48 -12.28 2.61 -4.17
N LYS A 49 -13.11 3.11 -5.08
CA LYS A 49 -14.47 3.50 -4.74
C LYS A 49 -15.46 3.01 -5.81
N ASP A 50 -16.68 2.74 -5.39
CA ASP A 50 -17.72 2.27 -6.30
C ASP A 50 -17.93 3.27 -7.43
N ARG A 51 -18.71 2.86 -8.43
CA ARG A 51 -18.99 3.71 -9.58
C ARG A 51 -20.46 4.14 -9.58
N LEU A 52 -21.34 3.22 -9.25
CA LEU A 52 -22.78 3.50 -9.21
C LEU A 52 -23.15 4.29 -7.96
N THR A 53 -22.47 3.99 -6.85
CA THR A 53 -22.73 4.67 -5.59
C THR A 53 -21.67 5.74 -5.32
N GLY A 54 -20.45 5.48 -5.76
CA GLY A 54 -19.37 6.43 -5.55
C GLY A 54 -18.93 6.49 -4.10
N LEU A 55 -19.22 5.44 -3.35
CA LEU A 55 -18.85 5.37 -1.94
C LEU A 55 -17.48 4.71 -1.76
N HIS A 56 -16.89 4.88 -0.59
CA HIS A 56 -15.59 4.30 -0.30
C HIS A 56 -15.71 2.79 -0.10
N LYS A 57 -15.36 2.04 -1.14
CA LYS A 57 -15.42 0.58 -1.09
C LYS A 57 -14.70 0.05 0.15
N GLY A 58 -13.46 0.50 0.34
CA GLY A 58 -12.68 0.06 1.47
C GLY A 58 -11.35 -0.56 1.06
N CYS A 59 -10.71 0.04 0.08
CA CYS A 59 -9.42 -0.44 -0.41
C CYS A 59 -8.62 0.67 -1.06
N ALA A 60 -7.32 0.45 -1.24
CA ALA A 60 -6.44 1.43 -1.85
C ALA A 60 -5.14 0.80 -2.31
N PHE A 61 -4.68 1.19 -3.50
CA PHE A 61 -3.45 0.65 -4.06
C PHE A 61 -2.26 1.55 -3.70
N LEU A 62 -1.29 0.96 -2.99
CA LEU A 62 -0.10 1.70 -2.58
C LEU A 62 1.10 1.33 -3.45
N THR A 63 1.85 2.34 -3.86
CA THR A 63 3.03 2.12 -4.70
C THR A 63 4.26 2.80 -4.11
N TYR A 64 5.26 1.99 -3.77
CA TYR A 64 6.50 2.50 -3.19
C TYR A 64 7.55 2.73 -4.26
N CYS A 65 8.36 3.77 -4.08
CA CYS A 65 9.40 4.11 -5.03
C CYS A 65 10.38 2.94 -5.19
N ALA A 66 10.69 2.28 -4.07
CA ALA A 66 11.61 1.16 -4.08
C ALA A 66 10.88 -0.15 -3.86
N ARG A 67 11.61 -1.26 -3.93
CA ARG A 67 11.03 -2.59 -3.73
C ARG A 67 11.07 -2.99 -2.26
N ASP A 68 12.12 -2.56 -1.56
CA ASP A 68 12.27 -2.87 -0.14
C ASP A 68 11.13 -2.28 0.67
N SER A 69 10.96 -0.97 0.58
CA SER A 69 9.91 -0.29 1.32
C SER A 69 8.61 -1.09 1.30
N ALA A 70 8.34 -1.73 0.16
CA ALA A 70 7.14 -2.54 0.00
C ALA A 70 7.19 -3.78 0.90
N LEU A 71 8.29 -4.51 0.81
CA LEU A 71 8.47 -5.73 1.61
C LEU A 71 8.35 -5.42 3.10
N LYS A 72 9.03 -4.37 3.54
CA LYS A 72 8.99 -3.97 4.94
C LYS A 72 7.57 -3.62 5.37
N ALA A 73 7.05 -2.52 4.83
CA ALA A 73 5.70 -2.07 5.16
C ALA A 73 4.69 -3.20 4.96
N GLN A 74 4.90 -4.01 3.93
CA GLN A 74 4.01 -5.13 3.64
C GLN A 74 3.98 -6.12 4.80
N SER A 75 5.12 -6.74 5.07
CA SER A 75 5.21 -7.72 6.15
C SER A 75 5.22 -7.03 7.51
N ALA A 76 5.24 -5.70 7.48
CA ALA A 76 5.24 -4.91 8.72
C ALA A 76 3.84 -4.42 9.06
N LEU A 77 2.97 -4.37 8.05
CA LEU A 77 1.60 -3.91 8.25
C LEU A 77 0.62 -5.08 8.13
N HIS A 78 0.87 -5.96 7.17
CA HIS A 78 0.03 -7.12 6.96
C HIS A 78 -0.22 -7.87 8.26
N GLU A 79 -1.45 -7.78 8.77
CA GLU A 79 -1.82 -8.44 10.02
C GLU A 79 -0.89 -8.00 11.15
N GLN A 80 -0.58 -6.71 11.19
CA GLN A 80 0.29 -6.15 12.22
C GLN A 80 -0.37 -4.95 12.89
N LYS A 81 -0.92 -4.06 12.08
CA LYS A 81 -1.57 -2.86 12.59
C LYS A 81 -3.09 -3.04 12.61
N THR A 82 -3.76 -2.22 13.43
CA THR A 82 -5.22 -2.30 13.54
C THR A 82 -5.84 -0.90 13.50
N LEU A 83 -6.29 -0.51 12.31
CA LEU A 83 -6.92 0.79 12.13
C LEU A 83 -8.04 1.02 13.13
N PRO A 84 -8.36 2.29 13.41
CA PRO A 84 -9.42 2.66 14.35
C PRO A 84 -10.80 2.33 13.81
N GLY A 85 -11.55 1.51 14.56
CA GLY A 85 -12.89 1.13 14.14
C GLY A 85 -12.91 -0.19 13.40
N MET A 86 -11.74 -0.80 13.25
CA MET A 86 -11.63 -2.08 12.56
C MET A 86 -11.22 -3.19 13.52
N ASN A 87 -12.15 -4.08 13.83
CA ASN A 87 -11.86 -5.19 14.73
C ASN A 87 -10.69 -6.03 14.23
N ARG A 88 -10.55 -6.11 12.92
CA ARG A 88 -9.46 -6.86 12.31
C ARG A 88 -8.32 -5.95 11.88
N PRO A 89 -7.11 -6.51 11.78
CA PRO A 89 -5.91 -5.77 11.38
C PRO A 89 -5.96 -5.35 9.91
N ILE A 90 -4.88 -4.72 9.45
CA ILE A 90 -4.79 -4.29 8.06
C ILE A 90 -4.17 -5.36 7.18
N GLN A 91 -4.73 -5.53 5.98
CA GLN A 91 -4.24 -6.53 5.05
C GLN A 91 -3.61 -5.86 3.83
N VAL A 92 -2.32 -6.13 3.62
CA VAL A 92 -1.59 -5.57 2.49
C VAL A 92 -0.81 -6.63 1.74
N LYS A 93 -1.04 -6.72 0.44
CA LYS A 93 -0.36 -7.70 -0.41
C LYS A 93 0.09 -7.07 -1.72
N PRO A 94 1.14 -7.65 -2.32
CA PRO A 94 1.68 -7.17 -3.59
C PRO A 94 0.73 -7.42 -4.77
N ALA A 95 -0.22 -6.52 -4.96
CA ALA A 95 -1.18 -6.65 -6.04
C ALA A 95 -0.54 -7.29 -7.27
N ALA A 96 0.61 -6.76 -7.67
CA ALA A 96 1.33 -7.29 -8.83
C ALA A 96 2.05 -8.59 -8.50
N SER A 97 1.53 -9.70 -9.00
CA SER A 97 2.12 -11.01 -8.74
C SER A 97 2.82 -11.54 -9.99
N GLU A 98 3.56 -12.64 -9.83
CA GLU A 98 4.28 -13.24 -10.95
C GLU A 98 4.72 -14.66 -10.60
N GLY A 99 4.13 -15.64 -11.29
CA GLY A 99 4.47 -17.03 -11.05
C GLY A 99 4.43 -17.87 -12.30
N ARG A 100 5.08 -19.03 -12.26
CA ARG A 100 5.13 -19.92 -13.42
C ARG A 100 4.05 -21.00 -13.31
N GLY A 101 3.49 -21.38 -14.45
CA GLY A 101 2.46 -22.40 -14.46
C GLY A 101 2.65 -23.41 -15.58
N GLU A 102 2.58 -24.69 -15.25
CA GLU A 102 2.74 -25.74 -16.23
C GLU A 102 4.07 -25.60 -16.96
N SER A 103 5.12 -25.29 -16.21
CA SER A 103 6.45 -25.12 -16.78
C SER A 103 7.35 -26.30 -16.43
N GLY A 104 7.20 -27.40 -17.15
CA GLY A 104 8.01 -28.58 -16.89
C GLY A 104 7.58 -29.30 -15.63
N PRO A 105 8.28 -30.40 -15.31
CA PRO A 105 7.99 -31.21 -14.12
C PRO A 105 8.35 -30.48 -12.83
N SER A 106 7.77 -30.94 -11.72
CA SER A 106 8.03 -30.34 -10.43
C SER A 106 9.38 -30.79 -9.88
N SER A 107 9.87 -30.08 -8.85
CA SER A 107 11.15 -30.40 -8.23
C SER A 107 11.11 -31.78 -7.59
N GLY A 108 11.66 -32.77 -8.29
CA GLY A 108 11.69 -34.12 -7.78
C GLY A 108 12.46 -34.23 -6.47
N GLY A 1 9.11 10.97 3.96
CA GLY A 1 10.15 9.96 3.96
C GLY A 1 11.50 10.52 3.56
N SER A 2 11.93 10.20 2.34
CA SER A 2 13.22 10.68 1.84
C SER A 2 13.03 11.63 0.67
N SER A 3 13.39 12.89 0.88
CA SER A 3 13.25 13.91 -0.16
C SER A 3 14.61 14.47 -0.56
N GLY A 4 15.21 13.89 -1.59
CA GLY A 4 16.52 14.34 -2.04
C GLY A 4 16.41 15.34 -3.18
N SER A 5 17.40 15.32 -4.08
CA SER A 5 17.42 16.23 -5.21
C SER A 5 16.36 15.83 -6.24
N SER A 6 16.35 14.56 -6.61
CA SER A 6 15.38 14.06 -7.58
C SER A 6 13.97 14.05 -7.01
N GLY A 7 13.19 15.06 -7.38
CA GLY A 7 11.82 15.16 -6.88
C GLY A 7 10.88 14.25 -7.63
N VAL A 8 10.91 14.31 -8.97
CA VAL A 8 10.05 13.48 -9.79
C VAL A 8 9.87 12.09 -9.20
N PRO A 9 8.62 11.61 -9.18
CA PRO A 9 8.29 10.28 -8.64
C PRO A 9 8.83 9.15 -9.52
N MET A 10 9.97 8.60 -9.13
CA MET A 10 10.58 7.50 -9.88
C MET A 10 10.76 6.27 -9.01
N LYS A 11 10.41 5.11 -9.54
CA LYS A 11 10.53 3.86 -8.81
C LYS A 11 11.58 2.96 -9.45
N ASP A 12 11.71 1.74 -8.92
CA ASP A 12 12.69 0.78 -9.44
C ASP A 12 12.08 -0.04 -10.57
N HIS A 13 12.94 -0.59 -11.43
CA HIS A 13 12.50 -1.40 -12.55
C HIS A 13 11.80 -2.67 -12.07
N ASP A 14 12.03 -3.02 -10.81
CA ASP A 14 11.43 -4.21 -10.23
C ASP A 14 10.62 -3.85 -8.98
N ALA A 15 10.12 -2.62 -8.92
CA ALA A 15 9.34 -2.16 -7.79
C ALA A 15 8.16 -3.09 -7.52
N ILE A 16 7.38 -2.77 -6.49
CA ILE A 16 6.22 -3.57 -6.13
C ILE A 16 5.07 -2.70 -5.67
N LYS A 17 3.86 -3.03 -6.10
CA LYS A 17 2.67 -2.28 -5.72
C LYS A 17 1.90 -2.99 -4.61
N LEU A 18 1.73 -2.29 -3.48
CA LEU A 18 1.01 -2.86 -2.34
C LEU A 18 -0.48 -2.53 -2.42
N PHE A 19 -1.31 -3.52 -2.13
CA PHE A 19 -2.76 -3.35 -2.17
C PHE A 19 -3.37 -3.60 -0.80
N VAL A 20 -3.98 -2.56 -0.23
CA VAL A 20 -4.61 -2.67 1.08
C VAL A 20 -6.11 -2.91 0.95
N GLY A 21 -6.62 -3.86 1.74
CA GLY A 21 -8.04 -4.17 1.69
C GLY A 21 -8.69 -4.09 3.05
N GLN A 22 -8.17 -3.22 3.91
CA GLN A 22 -8.71 -3.04 5.25
C GLN A 22 -8.92 -1.57 5.57
N ILE A 23 -9.44 -0.83 4.60
CA ILE A 23 -9.70 0.60 4.77
C ILE A 23 -11.16 0.86 5.08
N PRO A 24 -11.44 1.34 6.30
CA PRO A 24 -12.81 1.64 6.74
C PRO A 24 -13.39 2.86 6.02
N ARG A 25 -14.51 3.35 6.53
CA ARG A 25 -15.17 4.51 5.94
C ARG A 25 -14.94 5.76 6.78
N GLY A 26 -14.29 6.76 6.20
CA GLY A 26 -14.02 8.00 6.92
C GLY A 26 -12.59 8.46 6.73
N LEU A 27 -11.73 7.57 6.29
CA LEU A 27 -10.32 7.89 6.07
C LEU A 27 -10.03 8.12 4.59
N ASP A 28 -8.89 8.74 4.30
CA ASP A 28 -8.50 9.01 2.93
C ASP A 28 -7.00 8.80 2.74
N GLU A 29 -6.50 9.09 1.54
CA GLU A 29 -5.09 8.92 1.23
C GLU A 29 -4.23 9.79 2.15
N GLN A 30 -4.85 10.79 2.76
CA GLN A 30 -4.15 11.69 3.66
C GLN A 30 -4.03 11.09 5.05
N ASP A 31 -4.73 9.98 5.27
CA ASP A 31 -4.70 9.30 6.56
C ASP A 31 -3.90 8.01 6.48
N LEU A 32 -3.69 7.53 5.26
CA LEU A 32 -2.94 6.29 5.04
C LEU A 32 -1.49 6.60 4.71
N LYS A 33 -1.22 7.83 4.30
CA LYS A 33 0.14 8.25 3.96
C LYS A 33 1.04 8.20 5.18
N PRO A 34 0.54 8.73 6.31
CA PRO A 34 1.29 8.75 7.56
C PRO A 34 1.93 7.40 7.89
N LEU A 35 1.12 6.34 7.84
CA LEU A 35 1.60 5.00 8.14
C LEU A 35 2.60 4.54 7.08
N PHE A 36 2.22 4.69 5.81
CA PHE A 36 3.09 4.30 4.70
C PHE A 36 4.37 5.12 4.68
N GLU A 37 4.31 6.30 5.29
CA GLU A 37 5.46 7.20 5.34
C GLU A 37 6.41 6.81 6.47
N GLU A 38 6.03 5.77 7.20
CA GLU A 38 6.85 5.29 8.31
C GLU A 38 7.87 4.26 7.84
N PHE A 39 7.63 3.69 6.66
CA PHE A 39 8.53 2.69 6.10
C PHE A 39 9.43 3.31 5.03
N GLY A 40 8.84 4.15 4.19
CA GLY A 40 9.61 4.79 3.14
C GLY A 40 8.79 5.81 2.36
N ARG A 41 9.40 6.43 1.36
CA ARG A 41 8.72 7.43 0.55
C ARG A 41 7.70 6.77 -0.37
N ILE A 42 6.51 7.36 -0.44
CA ILE A 42 5.44 6.83 -1.28
C ILE A 42 5.62 7.27 -2.73
N TYR A 43 4.99 6.54 -3.65
CA TYR A 43 5.08 6.86 -5.07
C TYR A 43 3.72 7.28 -5.61
N GLU A 44 2.66 6.63 -5.14
CA GLU A 44 1.30 6.94 -5.58
C GLU A 44 0.27 6.25 -4.70
N LEU A 45 -0.66 7.04 -4.17
CA LEU A 45 -1.72 6.50 -3.31
C LEU A 45 -3.09 6.83 -3.87
N THR A 46 -3.88 5.79 -4.14
CA THR A 46 -5.22 5.96 -4.69
C THR A 46 -6.22 5.04 -3.99
N VAL A 47 -7.40 5.57 -3.70
CA VAL A 47 -8.45 4.79 -3.04
C VAL A 47 -9.44 4.22 -4.05
N LEU A 48 -9.78 2.95 -3.88
CA LEU A 48 -10.71 2.28 -4.78
C LEU A 48 -12.15 2.54 -4.35
N LYS A 49 -12.99 2.90 -5.31
CA LYS A 49 -14.40 3.17 -5.03
C LYS A 49 -15.30 2.53 -6.09
N ASP A 50 -16.52 2.19 -5.69
CA ASP A 50 -17.48 1.56 -6.61
C ASP A 50 -17.76 2.48 -7.78
N ARG A 51 -18.63 2.03 -8.68
CA ARG A 51 -19.00 2.81 -9.86
C ARG A 51 -20.48 3.18 -9.82
N LEU A 52 -21.31 2.25 -9.37
CA LEU A 52 -22.75 2.49 -9.28
C LEU A 52 -23.09 3.35 -8.08
N THR A 53 -22.37 3.14 -6.97
CA THR A 53 -22.59 3.90 -5.76
C THR A 53 -21.45 4.89 -5.50
N GLY A 54 -20.35 4.70 -6.23
CA GLY A 54 -19.20 5.58 -6.07
C GLY A 54 -18.83 5.79 -4.62
N LEU A 55 -19.17 4.82 -3.78
CA LEU A 55 -18.86 4.90 -2.35
C LEU A 55 -17.57 4.16 -2.04
N HIS A 56 -16.98 4.49 -0.89
CA HIS A 56 -15.73 3.86 -0.46
C HIS A 56 -15.93 2.36 -0.25
N LYS A 57 -15.48 1.56 -1.21
CA LYS A 57 -15.60 0.11 -1.14
C LYS A 57 -14.85 -0.44 0.07
N GLY A 58 -13.68 0.14 0.35
CA GLY A 58 -12.88 -0.31 1.48
C GLY A 58 -11.54 -0.85 1.06
N CYS A 59 -10.90 -0.19 0.09
CA CYS A 59 -9.60 -0.63 -0.40
C CYS A 59 -8.89 0.51 -1.12
N ALA A 60 -7.56 0.43 -1.17
CA ALA A 60 -6.76 1.46 -1.82
C ALA A 60 -5.47 0.87 -2.39
N PHE A 61 -5.06 1.37 -3.56
CA PHE A 61 -3.85 0.89 -4.21
C PHE A 61 -2.66 1.76 -3.85
N LEU A 62 -1.73 1.20 -3.08
CA LEU A 62 -0.54 1.93 -2.66
C LEU A 62 0.68 1.49 -3.48
N THR A 63 1.50 2.47 -3.86
CA THR A 63 2.70 2.19 -4.65
C THR A 63 3.94 2.74 -3.96
N TYR A 64 5.02 1.96 -4.01
CA TYR A 64 6.28 2.37 -3.38
C TYR A 64 7.36 2.59 -4.43
N CYS A 65 8.13 3.66 -4.27
CA CYS A 65 9.20 3.99 -5.21
C CYS A 65 10.27 2.88 -5.21
N ALA A 66 10.58 2.36 -4.03
CA ALA A 66 11.58 1.31 -3.90
C ALA A 66 10.92 -0.07 -3.89
N ARG A 67 11.74 -1.11 -3.84
CA ARG A 67 11.24 -2.48 -3.82
C ARG A 67 11.18 -3.02 -2.39
N ASP A 68 12.11 -2.57 -1.56
CA ASP A 68 12.17 -3.01 -0.17
C ASP A 68 11.02 -2.40 0.64
N SER A 69 10.82 -1.10 0.51
CA SER A 69 9.76 -0.40 1.22
C SER A 69 8.49 -1.24 1.24
N ALA A 70 8.10 -1.76 0.09
CA ALA A 70 6.90 -2.58 -0.02
C ALA A 70 7.00 -3.82 0.87
N LEU A 71 8.11 -4.54 0.74
CA LEU A 71 8.32 -5.76 1.54
C LEU A 71 8.17 -5.46 3.03
N LYS A 72 8.81 -4.40 3.48
CA LYS A 72 8.75 -4.00 4.88
C LYS A 72 7.33 -3.64 5.28
N ALA A 73 6.84 -2.52 4.75
CA ALA A 73 5.49 -2.05 5.05
C ALA A 73 4.48 -3.18 4.87
N GLN A 74 4.82 -4.15 4.04
CA GLN A 74 3.94 -5.29 3.78
C GLN A 74 3.97 -6.27 4.94
N SER A 75 5.13 -6.90 5.14
CA SER A 75 5.30 -7.88 6.21
C SER A 75 5.31 -7.20 7.57
N ALA A 76 5.25 -5.86 7.56
CA ALA A 76 5.25 -5.08 8.79
C ALA A 76 3.85 -4.63 9.15
N LEU A 77 2.97 -4.59 8.17
CA LEU A 77 1.59 -4.18 8.38
C LEU A 77 0.63 -5.35 8.23
N HIS A 78 0.81 -6.12 7.16
CA HIS A 78 -0.04 -7.29 6.90
C HIS A 78 -0.30 -8.06 8.19
N GLU A 79 -1.52 -7.98 8.68
CA GLU A 79 -1.91 -8.68 9.90
C GLU A 79 -0.98 -8.30 11.06
N GLN A 80 -0.65 -7.01 11.14
CA GLN A 80 0.23 -6.52 12.18
C GLN A 80 -0.37 -5.29 12.87
N LYS A 81 -0.89 -4.37 12.07
CA LYS A 81 -1.49 -3.15 12.59
C LYS A 81 -3.01 -3.26 12.61
N THR A 82 -3.66 -2.30 13.26
CA THR A 82 -5.11 -2.29 13.36
C THR A 82 -5.65 -0.86 13.36
N LEU A 83 -6.24 -0.46 12.24
CA LEU A 83 -6.80 0.89 12.12
C LEU A 83 -7.93 1.10 13.12
N PRO A 84 -8.18 2.37 13.47
CA PRO A 84 -9.23 2.74 14.41
C PRO A 84 -10.62 2.52 13.85
N GLY A 85 -11.34 1.53 14.39
CA GLY A 85 -12.67 1.23 13.93
C GLY A 85 -12.76 -0.11 13.22
N MET A 86 -11.61 -0.74 13.00
CA MET A 86 -11.56 -2.03 12.34
C MET A 86 -11.12 -3.12 13.31
N ASN A 87 -12.05 -4.00 13.67
CA ASN A 87 -11.76 -5.09 14.60
C ASN A 87 -10.61 -5.94 14.08
N ARG A 88 -10.53 -6.09 12.76
CA ARG A 88 -9.47 -6.87 12.14
C ARG A 88 -8.29 -6.00 11.75
N PRO A 89 -7.10 -6.60 11.64
CA PRO A 89 -5.88 -5.89 11.27
C PRO A 89 -5.88 -5.45 9.81
N ILE A 90 -4.85 -4.71 9.41
CA ILE A 90 -4.74 -4.23 8.04
C ILE A 90 -4.07 -5.27 7.15
N GLN A 91 -4.73 -5.62 6.05
CA GLN A 91 -4.20 -6.59 5.11
C GLN A 91 -3.52 -5.91 3.94
N VAL A 92 -2.23 -6.16 3.76
CA VAL A 92 -1.48 -5.56 2.66
C VAL A 92 -0.71 -6.63 1.87
N LYS A 93 -1.04 -6.76 0.60
CA LYS A 93 -0.38 -7.73 -0.26
C LYS A 93 0.22 -7.06 -1.49
N PRO A 94 1.35 -7.61 -1.98
CA PRO A 94 2.04 -7.07 -3.15
C PRO A 94 1.26 -7.30 -4.44
N ALA A 95 0.30 -6.43 -4.71
CA ALA A 95 -0.52 -6.54 -5.91
C ALA A 95 0.31 -7.01 -7.10
N ALA A 96 0.28 -8.32 -7.35
CA ALA A 96 1.03 -8.91 -8.46
C ALA A 96 0.14 -9.81 -9.30
N SER A 97 0.04 -9.48 -10.59
CA SER A 97 -0.79 -10.25 -11.51
C SER A 97 -0.24 -11.67 -11.68
N GLU A 98 1.06 -11.75 -11.94
CA GLU A 98 1.71 -13.05 -12.12
C GLU A 98 2.56 -13.41 -10.91
N GLY A 99 2.15 -14.45 -10.19
CA GLY A 99 2.87 -14.88 -9.01
C GLY A 99 3.80 -16.05 -9.29
N ARG A 100 4.96 -16.07 -8.63
CA ARG A 100 5.93 -17.13 -8.82
C ARG A 100 5.62 -18.32 -7.91
N GLY A 101 5.77 -19.52 -8.44
CA GLY A 101 5.51 -20.72 -7.66
C GLY A 101 5.26 -21.94 -8.53
N GLU A 102 6.33 -22.67 -8.83
CA GLU A 102 6.22 -23.87 -9.66
C GLU A 102 5.15 -24.80 -9.13
N SER A 103 4.86 -25.86 -9.89
CA SER A 103 3.86 -26.83 -9.50
C SER A 103 4.21 -27.49 -8.18
N GLY A 104 3.19 -27.98 -7.47
CA GLY A 104 3.41 -28.62 -6.20
C GLY A 104 4.68 -29.45 -6.18
N PRO A 105 4.55 -30.74 -6.55
CA PRO A 105 5.68 -31.67 -6.59
C PRO A 105 6.67 -31.34 -7.70
N SER A 106 7.95 -31.63 -7.46
CA SER A 106 8.99 -31.35 -8.44
C SER A 106 9.62 -32.66 -8.93
N SER A 107 10.19 -33.42 -8.00
CA SER A 107 10.83 -34.69 -8.33
C SER A 107 9.81 -35.71 -8.83
N GLY A 108 8.83 -36.01 -7.98
CA GLY A 108 7.80 -36.97 -8.35
C GLY A 108 6.43 -36.34 -8.47
N GLY A 1 23.53 22.13 7.27
CA GLY A 1 24.04 23.19 6.41
C GLY A 1 23.53 23.07 4.98
N SER A 2 24.07 22.10 4.25
CA SER A 2 23.67 21.89 2.86
C SER A 2 22.73 20.70 2.74
N SER A 3 21.45 20.94 2.99
CA SER A 3 20.45 19.88 2.91
C SER A 3 19.88 19.77 1.50
N GLY A 4 20.52 18.94 0.67
CA GLY A 4 20.07 18.77 -0.69
C GLY A 4 20.77 17.61 -1.38
N SER A 5 20.33 16.39 -1.10
CA SER A 5 20.92 15.20 -1.70
C SER A 5 19.97 14.58 -2.73
N SER A 6 20.54 14.15 -3.85
CA SER A 6 19.75 13.54 -4.91
C SER A 6 18.68 12.62 -4.33
N GLY A 7 17.46 12.74 -4.85
CA GLY A 7 16.37 11.93 -4.37
C GLY A 7 15.07 12.19 -5.12
N VAL A 8 14.90 11.53 -6.26
CA VAL A 8 13.70 11.71 -7.07
C VAL A 8 12.62 10.70 -6.68
N PRO A 9 11.35 11.13 -6.76
CA PRO A 9 10.21 10.28 -6.42
C PRO A 9 10.00 9.15 -7.44
N MET A 10 10.48 9.37 -8.66
CA MET A 10 10.34 8.38 -9.72
C MET A 10 10.38 6.97 -9.15
N LYS A 11 9.35 6.19 -9.46
CA LYS A 11 9.27 4.80 -8.98
C LYS A 11 10.22 3.91 -9.75
N ASP A 12 10.15 2.61 -9.48
CA ASP A 12 11.00 1.64 -10.14
C ASP A 12 10.24 0.91 -11.26
N HIS A 13 10.97 0.54 -12.30
CA HIS A 13 10.37 -0.16 -13.44
C HIS A 13 9.86 -1.55 -13.02
N ASP A 14 10.52 -2.13 -12.03
CA ASP A 14 10.14 -3.45 -11.54
C ASP A 14 9.63 -3.37 -10.10
N ALA A 15 9.07 -2.23 -9.75
CA ALA A 15 8.54 -2.02 -8.40
C ALA A 15 7.36 -2.93 -8.13
N ILE A 16 6.82 -2.86 -6.92
CA ILE A 16 5.68 -3.69 -6.53
C ILE A 16 4.49 -2.82 -6.12
N LYS A 17 3.31 -3.17 -6.62
CA LYS A 17 2.09 -2.44 -6.31
C LYS A 17 1.35 -3.09 -5.14
N LEU A 18 1.44 -2.47 -3.97
CA LEU A 18 0.78 -2.99 -2.78
C LEU A 18 -0.72 -2.68 -2.81
N PHE A 19 -1.52 -3.65 -2.40
CA PHE A 19 -2.97 -3.48 -2.38
C PHE A 19 -3.53 -3.70 -0.97
N VAL A 20 -4.23 -2.70 -0.46
CA VAL A 20 -4.81 -2.77 0.88
C VAL A 20 -6.31 -3.02 0.80
N GLY A 21 -6.78 -3.99 1.60
CA GLY A 21 -8.20 -4.30 1.61
C GLY A 21 -8.79 -4.26 3.00
N GLN A 22 -8.26 -3.38 3.85
CA GLN A 22 -8.74 -3.24 5.21
C GLN A 22 -8.93 -1.77 5.58
N ILE A 23 -9.42 -0.99 4.63
CA ILE A 23 -9.64 0.44 4.85
C ILE A 23 -11.12 0.73 5.11
N PRO A 24 -11.43 1.22 6.31
CA PRO A 24 -12.80 1.54 6.70
C PRO A 24 -13.33 2.78 5.98
N ARG A 25 -14.47 3.28 6.43
CA ARG A 25 -15.09 4.45 5.81
C ARG A 25 -14.90 5.68 6.69
N GLY A 26 -14.26 6.71 6.12
CA GLY A 26 -14.02 7.93 6.87
C GLY A 26 -12.61 8.45 6.70
N LEU A 27 -11.69 7.55 6.35
CA LEU A 27 -10.29 7.93 6.16
C LEU A 27 -9.95 8.01 4.68
N ASP A 28 -8.81 8.65 4.38
CA ASP A 28 -8.38 8.80 3.00
C ASP A 28 -6.86 8.69 2.90
N GLU A 29 -6.33 8.92 1.70
CA GLU A 29 -4.89 8.84 1.47
C GLU A 29 -4.14 9.79 2.42
N GLN A 30 -4.84 10.80 2.90
CA GLN A 30 -4.24 11.78 3.80
C GLN A 30 -4.07 11.19 5.19
N ASP A 31 -4.80 10.11 5.47
CA ASP A 31 -4.72 9.45 6.77
C ASP A 31 -3.93 8.15 6.68
N LEU A 32 -3.73 7.68 5.45
CA LEU A 32 -2.99 6.44 5.22
C LEU A 32 -1.52 6.74 4.90
N LYS A 33 -1.28 7.85 4.22
CA LYS A 33 0.07 8.25 3.86
C LYS A 33 0.98 8.26 5.09
N PRO A 34 0.49 8.85 6.19
CA PRO A 34 1.24 8.94 7.44
C PRO A 34 1.85 7.61 7.84
N LEU A 35 1.04 6.56 7.85
CA LEU A 35 1.51 5.23 8.22
C LEU A 35 2.51 4.70 7.19
N PHE A 36 2.13 4.76 5.92
CA PHE A 36 2.99 4.28 4.84
C PHE A 36 4.32 5.04 4.83
N GLU A 37 4.31 6.25 5.40
CA GLU A 37 5.52 7.06 5.47
C GLU A 37 6.39 6.66 6.65
N GLU A 38 5.93 5.66 7.40
CA GLU A 38 6.67 5.18 8.56
C GLU A 38 7.74 4.18 8.15
N PHE A 39 7.58 3.60 6.97
CA PHE A 39 8.52 2.61 6.46
C PHE A 39 9.33 3.20 5.30
N GLY A 40 8.65 3.83 4.36
CA GLY A 40 9.31 4.42 3.21
C GLY A 40 8.51 5.54 2.59
N ARG A 41 9.10 6.22 1.60
CA ARG A 41 8.44 7.32 0.92
C ARG A 41 7.46 6.80 -0.12
N ILE A 42 6.22 7.26 -0.05
CA ILE A 42 5.19 6.84 -0.99
C ILE A 42 5.43 7.43 -2.38
N TYR A 43 4.97 6.73 -3.40
CA TYR A 43 5.14 7.20 -4.78
C TYR A 43 3.79 7.42 -5.45
N GLU A 44 2.90 6.43 -5.33
CA GLU A 44 1.57 6.53 -5.91
C GLU A 44 0.53 5.89 -5.01
N LEU A 45 -0.44 6.68 -4.58
CA LEU A 45 -1.50 6.21 -3.70
C LEU A 45 -2.88 6.57 -4.26
N THR A 46 -3.72 5.56 -4.46
CA THR A 46 -5.06 5.78 -4.98
C THR A 46 -6.07 4.83 -4.32
N VAL A 47 -7.05 5.41 -3.63
CA VAL A 47 -8.08 4.62 -2.96
C VAL A 47 -9.09 4.08 -3.96
N LEU A 48 -9.39 2.79 -3.85
CA LEU A 48 -10.36 2.16 -4.74
C LEU A 48 -11.78 2.45 -4.30
N LYS A 49 -12.61 2.91 -5.23
CA LYS A 49 -14.01 3.23 -4.95
C LYS A 49 -14.91 2.77 -6.09
N ASP A 50 -16.14 2.42 -5.74
CA ASP A 50 -17.11 1.96 -6.73
C ASP A 50 -17.32 3.01 -7.83
N ARG A 51 -18.22 2.73 -8.76
CA ARG A 51 -18.51 3.65 -9.85
C ARG A 51 -19.98 4.06 -9.84
N LEU A 52 -20.85 3.09 -9.62
CA LEU A 52 -22.29 3.35 -9.59
C LEU A 52 -22.68 4.12 -8.34
N THR A 53 -21.98 3.85 -7.24
CA THR A 53 -22.25 4.51 -5.98
C THR A 53 -21.16 5.54 -5.65
N GLY A 54 -19.93 5.24 -6.05
CA GLY A 54 -18.83 6.15 -5.80
C GLY A 54 -18.46 6.21 -4.33
N LEU A 55 -18.77 5.15 -3.59
CA LEU A 55 -18.46 5.08 -2.17
C LEU A 55 -17.13 4.38 -1.93
N HIS A 56 -16.66 4.44 -0.69
CA HIS A 56 -15.39 3.81 -0.33
C HIS A 56 -15.56 2.31 -0.12
N LYS A 57 -15.32 1.54 -1.18
CA LYS A 57 -15.46 0.09 -1.11
C LYS A 57 -14.70 -0.47 0.09
N GLY A 58 -13.47 0.00 0.28
CA GLY A 58 -12.67 -0.47 1.40
C GLY A 58 -11.33 -1.01 0.96
N CYS A 59 -10.71 -0.34 0.00
CA CYS A 59 -9.41 -0.76 -0.52
C CYS A 59 -8.65 0.42 -1.13
N ALA A 60 -7.36 0.24 -1.32
CA ALA A 60 -6.52 1.29 -1.91
C ALA A 60 -5.22 0.71 -2.46
N PHE A 61 -4.74 1.29 -3.56
CA PHE A 61 -3.51 0.82 -4.19
C PHE A 61 -2.33 1.71 -3.79
N LEU A 62 -1.39 1.14 -3.07
CA LEU A 62 -0.21 1.88 -2.62
C LEU A 62 1.02 1.47 -3.41
N THR A 63 1.89 2.43 -3.69
CA THR A 63 3.11 2.17 -4.44
C THR A 63 4.33 2.79 -3.75
N TYR A 64 5.31 1.94 -3.44
CA TYR A 64 6.53 2.40 -2.79
C TYR A 64 7.63 2.70 -3.80
N CYS A 65 8.14 3.92 -3.77
CA CYS A 65 9.19 4.33 -4.69
C CYS A 65 10.15 3.17 -4.97
N ALA A 66 10.47 2.41 -3.93
CA ALA A 66 11.36 1.27 -4.05
C ALA A 66 10.65 -0.04 -3.73
N ARG A 67 11.27 -1.15 -4.09
CA ARG A 67 10.70 -2.47 -3.84
C ARG A 67 10.85 -2.85 -2.37
N ASP A 68 12.00 -2.51 -1.79
CA ASP A 68 12.28 -2.82 -0.39
C ASP A 68 11.23 -2.17 0.52
N SER A 69 11.07 -0.87 0.39
CA SER A 69 10.12 -0.13 1.21
C SER A 69 8.78 -0.86 1.26
N ALA A 70 8.37 -1.43 0.13
CA ALA A 70 7.12 -2.16 0.05
C ALA A 70 7.18 -3.46 0.84
N LEU A 71 8.15 -4.30 0.50
CA LEU A 71 8.32 -5.59 1.18
C LEU A 71 8.16 -5.43 2.68
N LYS A 72 8.85 -4.45 3.25
CA LYS A 72 8.78 -4.19 4.68
C LYS A 72 7.37 -3.81 5.10
N ALA A 73 6.93 -2.63 4.70
CA ALA A 73 5.59 -2.15 5.03
C ALA A 73 4.56 -3.25 4.83
N GLN A 74 4.85 -4.19 3.94
CA GLN A 74 3.94 -5.30 3.66
C GLN A 74 3.93 -6.30 4.81
N SER A 75 5.10 -6.85 5.11
CA SER A 75 5.23 -7.82 6.18
C SER A 75 5.24 -7.13 7.55
N ALA A 76 5.25 -5.81 7.53
CA ALA A 76 5.24 -5.03 8.76
C ALA A 76 3.84 -4.52 9.09
N LEU A 77 2.98 -4.47 8.07
CA LEU A 77 1.62 -4.00 8.25
C LEU A 77 0.63 -5.15 8.10
N HIS A 78 0.88 -6.02 7.13
CA HIS A 78 0.01 -7.17 6.89
C HIS A 78 -0.26 -7.93 8.17
N GLU A 79 -1.45 -7.73 8.74
CA GLU A 79 -1.82 -8.40 9.98
C GLU A 79 -0.92 -7.97 11.13
N GLN A 80 -0.55 -6.69 11.14
CA GLN A 80 0.31 -6.15 12.19
C GLN A 80 -0.32 -4.92 12.84
N LYS A 81 -0.86 -4.03 12.01
CA LYS A 81 -1.49 -2.82 12.50
C LYS A 81 -3.01 -2.97 12.52
N THR A 82 -3.67 -2.13 13.33
CA THR A 82 -5.12 -2.17 13.44
C THR A 82 -5.72 -0.78 13.39
N LEU A 83 -6.19 -0.39 12.21
CA LEU A 83 -6.79 0.93 12.03
C LEU A 83 -7.84 1.21 13.10
N PRO A 84 -8.06 2.50 13.39
CA PRO A 84 -9.04 2.92 14.39
C PRO A 84 -10.49 2.69 13.94
N GLY A 85 -11.14 1.72 14.58
CA GLY A 85 -12.52 1.41 14.22
C GLY A 85 -12.63 0.09 13.46
N MET A 86 -11.53 -0.64 13.37
CA MET A 86 -11.52 -1.92 12.67
C MET A 86 -11.17 -3.05 13.63
N ASN A 87 -12.11 -3.97 13.83
CA ASN A 87 -11.90 -5.10 14.73
C ASN A 87 -10.71 -5.94 14.27
N ARG A 88 -10.57 -6.07 12.94
CA ARG A 88 -9.47 -6.85 12.38
C ARG A 88 -8.34 -5.94 11.92
N PRO A 89 -7.13 -6.51 11.80
CA PRO A 89 -5.95 -5.77 11.37
C PRO A 89 -6.00 -5.37 9.89
N ILE A 90 -4.96 -4.74 9.41
CA ILE A 90 -4.88 -4.30 8.02
C ILE A 90 -4.25 -5.38 7.14
N GLN A 91 -4.79 -5.55 5.94
CA GLN A 91 -4.26 -6.54 5.00
C GLN A 91 -3.61 -5.86 3.80
N VAL A 92 -2.32 -6.13 3.61
CA VAL A 92 -1.58 -5.55 2.50
C VAL A 92 -0.78 -6.61 1.75
N LYS A 93 -1.11 -6.80 0.48
CA LYS A 93 -0.42 -7.80 -0.35
C LYS A 93 0.02 -7.18 -1.67
N PRO A 94 1.09 -7.74 -2.26
CA PRO A 94 1.63 -7.27 -3.53
C PRO A 94 0.71 -7.58 -4.70
N ALA A 95 -0.17 -6.63 -5.03
CA ALA A 95 -1.10 -6.80 -6.13
C ALA A 95 -0.43 -7.51 -7.31
N ALA A 96 -1.21 -8.30 -8.05
CA ALA A 96 -0.70 -9.02 -9.20
C ALA A 96 -1.84 -9.46 -10.12
N SER A 97 -1.49 -9.80 -11.36
CA SER A 97 -2.48 -10.22 -12.34
C SER A 97 -2.28 -11.69 -12.71
N GLU A 98 -2.74 -12.58 -11.84
CA GLU A 98 -2.62 -14.02 -12.07
C GLU A 98 -3.84 -14.76 -11.57
N GLY A 99 -3.89 -16.07 -11.84
CA GLY A 99 -5.02 -16.87 -11.41
C GLY A 99 -4.62 -17.91 -10.38
N ARG A 100 -3.99 -17.45 -9.31
CA ARG A 100 -3.57 -18.35 -8.24
C ARG A 100 -4.74 -18.80 -7.39
N GLY A 101 -4.99 -20.11 -7.36
CA GLY A 101 -6.10 -20.65 -6.59
C GLY A 101 -5.72 -20.91 -5.14
N GLU A 102 -6.29 -21.95 -4.56
CA GLU A 102 -6.02 -22.30 -3.17
C GLU A 102 -5.74 -23.80 -3.04
N SER A 103 -4.64 -24.13 -2.38
CA SER A 103 -4.24 -25.53 -2.19
C SER A 103 -4.03 -25.83 -0.71
N GLY A 104 -4.20 -27.09 -0.34
CA GLY A 104 -4.02 -27.49 1.05
C GLY A 104 -5.27 -27.29 1.88
N PRO A 105 -5.62 -28.32 2.67
CA PRO A 105 -6.81 -28.28 3.52
C PRO A 105 -6.66 -27.32 4.70
N SER A 106 -7.78 -26.84 5.21
CA SER A 106 -7.76 -25.90 6.34
C SER A 106 -7.55 -26.63 7.65
N SER A 107 -8.24 -27.76 7.81
CA SER A 107 -8.14 -28.56 9.02
C SER A 107 -7.07 -29.63 8.88
N GLY A 108 -6.04 -29.57 9.72
CA GLY A 108 -4.96 -30.54 9.67
C GLY A 108 -3.77 -30.03 8.89
N GLY A 1 24.04 18.14 -9.13
CA GLY A 1 23.05 19.20 -9.17
C GLY A 1 23.14 20.13 -7.97
N SER A 2 22.10 20.94 -7.77
CA SER A 2 22.07 21.88 -6.67
C SER A 2 20.74 21.81 -5.93
N SER A 3 20.81 21.73 -4.60
CA SER A 3 19.61 21.65 -3.78
C SER A 3 18.90 20.32 -3.98
N GLY A 4 19.69 19.25 -4.10
CA GLY A 4 19.11 17.93 -4.29
C GLY A 4 18.65 17.70 -5.72
N SER A 5 17.65 16.84 -5.88
CA SER A 5 17.12 16.54 -7.20
C SER A 5 15.93 17.42 -7.53
N SER A 6 15.72 17.68 -8.82
CA SER A 6 14.61 18.52 -9.26
C SER A 6 13.36 18.28 -8.41
N GLY A 7 13.22 17.04 -7.92
CA GLY A 7 12.07 16.71 -7.10
C GLY A 7 10.99 15.97 -7.87
N VAL A 8 11.35 14.81 -8.41
CA VAL A 8 10.40 14.00 -9.17
C VAL A 8 10.31 12.58 -8.62
N PRO A 9 9.09 12.03 -8.63
CA PRO A 9 8.84 10.66 -8.13
C PRO A 9 9.44 9.59 -9.04
N MET A 10 10.41 8.85 -8.51
CA MET A 10 11.06 7.79 -9.28
C MET A 10 10.88 6.44 -8.59
N LYS A 11 10.78 5.39 -9.38
CA LYS A 11 10.61 4.04 -8.85
C LYS A 11 11.63 3.08 -9.47
N ASP A 12 11.51 1.80 -9.14
CA ASP A 12 12.41 0.79 -9.67
C ASP A 12 11.75 0.00 -10.80
N HIS A 13 12.56 -0.56 -11.69
CA HIS A 13 12.05 -1.32 -12.81
C HIS A 13 11.34 -2.58 -12.33
N ASP A 14 11.74 -3.08 -11.16
CA ASP A 14 11.14 -4.28 -10.59
C ASP A 14 10.38 -3.95 -9.32
N ALA A 15 9.88 -2.71 -9.23
CA ALA A 15 9.12 -2.28 -8.06
C ALA A 15 7.89 -3.15 -7.84
N ILE A 16 7.15 -2.85 -6.79
CA ILE A 16 5.95 -3.61 -6.46
C ILE A 16 4.84 -2.69 -5.96
N LYS A 17 3.60 -3.03 -6.31
CA LYS A 17 2.45 -2.23 -5.89
C LYS A 17 1.67 -2.96 -4.80
N LEU A 18 1.63 -2.36 -3.61
CA LEU A 18 0.91 -2.94 -2.48
C LEU A 18 -0.55 -2.54 -2.52
N PHE A 19 -1.43 -3.48 -2.12
CA PHE A 19 -2.86 -3.22 -2.10
C PHE A 19 -3.43 -3.46 -0.71
N VAL A 20 -4.22 -2.51 -0.23
CA VAL A 20 -4.84 -2.61 1.09
C VAL A 20 -6.33 -2.92 0.98
N GLY A 21 -6.78 -3.90 1.76
CA GLY A 21 -8.18 -4.28 1.74
C GLY A 21 -8.82 -4.22 3.11
N GLN A 22 -8.30 -3.34 3.97
CA GLN A 22 -8.83 -3.19 5.31
C GLN A 22 -9.01 -1.72 5.67
N ILE A 23 -9.44 -0.93 4.70
CA ILE A 23 -9.65 0.49 4.91
C ILE A 23 -11.13 0.81 5.08
N PRO A 24 -11.51 1.25 6.30
CA PRO A 24 -12.89 1.59 6.62
C PRO A 24 -13.35 2.87 5.92
N ARG A 25 -14.54 3.34 6.28
CA ARG A 25 -15.10 4.54 5.68
C ARG A 25 -14.95 5.74 6.62
N GLY A 26 -14.21 6.75 6.17
CA GLY A 26 -14.01 7.93 7.00
C GLY A 26 -12.63 8.53 6.82
N LEU A 27 -11.66 7.68 6.49
CA LEU A 27 -10.29 8.12 6.30
C LEU A 27 -9.97 8.29 4.81
N ASP A 28 -8.76 8.76 4.52
CA ASP A 28 -8.33 8.95 3.14
C ASP A 28 -6.84 8.66 2.99
N GLU A 29 -6.32 8.89 1.79
CA GLU A 29 -4.91 8.65 1.51
C GLU A 29 -4.02 9.52 2.40
N GLN A 30 -4.59 10.63 2.87
CA GLN A 30 -3.85 11.56 3.72
C GLN A 30 -3.64 10.96 5.10
N ASP A 31 -4.52 10.04 5.48
CA ASP A 31 -4.43 9.39 6.79
C ASP A 31 -3.59 8.12 6.72
N LEU A 32 -3.48 7.57 5.52
CA LEU A 32 -2.71 6.35 5.31
C LEU A 32 -1.27 6.67 4.94
N LYS A 33 -1.05 7.85 4.37
CA LYS A 33 0.28 8.28 3.97
C LYS A 33 1.24 8.24 5.16
N PRO A 34 0.78 8.75 6.31
CA PRO A 34 1.59 8.78 7.54
C PRO A 34 2.23 7.44 7.84
N LEU A 35 1.40 6.39 7.92
CA LEU A 35 1.90 5.05 8.20
C LEU A 35 2.88 4.59 7.12
N PHE A 36 2.43 4.61 5.88
CA PHE A 36 3.28 4.20 4.76
C PHE A 36 4.55 5.03 4.70
N GLU A 37 4.47 6.26 5.20
CA GLU A 37 5.62 7.16 5.21
C GLU A 37 6.60 6.78 6.32
N GLU A 38 6.20 5.82 7.15
CA GLU A 38 7.04 5.37 8.25
C GLU A 38 8.06 4.34 7.78
N PHE A 39 7.84 3.82 6.58
CA PHE A 39 8.74 2.81 6.01
C PHE A 39 9.52 3.40 4.84
N GLY A 40 8.88 4.29 4.09
CA GLY A 40 9.53 4.90 2.95
C GLY A 40 8.65 5.91 2.25
N ARG A 41 9.20 6.58 1.24
CA ARG A 41 8.44 7.59 0.49
C ARG A 41 7.51 6.92 -0.53
N ILE A 42 6.23 7.26 -0.45
CA ILE A 42 5.24 6.71 -1.36
C ILE A 42 5.44 7.23 -2.79
N TYR A 43 5.07 6.41 -3.76
CA TYR A 43 5.21 6.80 -5.17
C TYR A 43 3.85 7.16 -5.77
N GLU A 44 2.80 6.48 -5.29
CA GLU A 44 1.45 6.72 -5.79
C GLU A 44 0.42 6.09 -4.87
N LEU A 45 -0.54 6.89 -4.42
CA LEU A 45 -1.59 6.40 -3.53
C LEU A 45 -2.97 6.77 -4.07
N THR A 46 -3.79 5.76 -4.32
CA THR A 46 -5.14 5.97 -4.84
C THR A 46 -6.13 5.03 -4.17
N VAL A 47 -7.23 5.61 -3.66
CA VAL A 47 -8.26 4.83 -3.01
C VAL A 47 -9.34 4.39 -3.99
N LEU A 48 -9.80 3.15 -3.85
CA LEU A 48 -10.83 2.61 -4.72
C LEU A 48 -12.22 2.89 -4.16
N LYS A 49 -13.03 3.60 -4.94
CA LYS A 49 -14.39 3.94 -4.52
C LYS A 49 -15.39 3.56 -5.61
N ASP A 50 -16.63 3.31 -5.20
CA ASP A 50 -17.69 2.93 -6.13
C ASP A 50 -17.94 4.05 -7.14
N ARG A 51 -18.84 3.80 -8.08
CA ARG A 51 -19.18 4.78 -9.10
C ARG A 51 -20.65 5.17 -9.03
N LEU A 52 -21.51 4.17 -8.85
CA LEU A 52 -22.95 4.41 -8.77
C LEU A 52 -23.30 5.13 -7.47
N THR A 53 -22.68 4.70 -6.37
CA THR A 53 -22.93 5.31 -5.07
C THR A 53 -21.82 6.29 -4.70
N GLY A 54 -20.61 5.99 -5.13
CA GLY A 54 -19.48 6.85 -4.83
C GLY A 54 -19.00 6.71 -3.40
N LEU A 55 -19.34 5.60 -2.77
CA LEU A 55 -18.95 5.34 -1.40
C LEU A 55 -17.64 4.55 -1.33
N HIS A 56 -16.86 4.80 -0.28
CA HIS A 56 -15.59 4.11 -0.10
C HIS A 56 -15.79 2.59 -0.09
N LYS A 57 -15.45 1.95 -1.20
CA LYS A 57 -15.59 0.50 -1.32
C LYS A 57 -14.95 -0.20 -0.13
N GLY A 58 -13.69 0.14 0.16
CA GLY A 58 -12.99 -0.47 1.27
C GLY A 58 -11.63 -1.02 0.87
N CYS A 59 -10.91 -0.26 0.07
CA CYS A 59 -9.59 -0.67 -0.39
C CYS A 59 -8.89 0.47 -1.12
N ALA A 60 -7.57 0.34 -1.27
CA ALA A 60 -6.78 1.36 -1.94
C ALA A 60 -5.48 0.77 -2.51
N PHE A 61 -5.03 1.32 -3.62
CA PHE A 61 -3.80 0.85 -4.26
C PHE A 61 -2.61 1.73 -3.89
N LEU A 62 -1.63 1.14 -3.22
CA LEU A 62 -0.44 1.87 -2.81
C LEU A 62 0.77 1.42 -3.61
N THR A 63 1.61 2.39 -4.00
CA THR A 63 2.81 2.10 -4.78
C THR A 63 4.05 2.69 -4.11
N TYR A 64 5.08 1.87 -3.95
CA TYR A 64 6.32 2.31 -3.32
C TYR A 64 7.39 2.57 -4.37
N CYS A 65 8.28 3.52 -4.08
CA CYS A 65 9.36 3.88 -4.99
C CYS A 65 10.40 2.77 -5.06
N ALA A 66 10.68 2.16 -3.92
CA ALA A 66 11.67 1.09 -3.85
C ALA A 66 10.99 -0.26 -3.67
N ARG A 67 11.71 -1.33 -3.99
CA ARG A 67 11.17 -2.68 -3.87
C ARG A 67 11.16 -3.13 -2.42
N ASP A 68 12.14 -2.67 -1.65
CA ASP A 68 12.24 -3.02 -0.24
C ASP A 68 11.17 -2.30 0.58
N SER A 69 11.12 -0.98 0.42
CA SER A 69 10.14 -0.17 1.15
C SER A 69 8.79 -0.88 1.22
N ALA A 70 8.36 -1.45 0.09
CA ALA A 70 7.09 -2.15 0.04
C ALA A 70 7.12 -3.43 0.87
N LEU A 71 8.13 -4.26 0.62
CA LEU A 71 8.28 -5.52 1.35
C LEU A 71 8.14 -5.29 2.85
N LYS A 72 8.91 -4.36 3.38
CA LYS A 72 8.87 -4.04 4.81
C LYS A 72 7.46 -3.66 5.24
N ALA A 73 6.98 -2.53 4.74
CA ALA A 73 5.65 -2.05 5.07
C ALA A 73 4.62 -3.17 4.94
N GLN A 74 4.87 -4.10 4.04
CA GLN A 74 3.97 -5.23 3.81
C GLN A 74 3.99 -6.19 5.00
N SER A 75 5.19 -6.62 5.38
CA SER A 75 5.34 -7.55 6.50
C SER A 75 5.28 -6.81 7.82
N ALA A 76 5.24 -5.48 7.76
CA ALA A 76 5.17 -4.66 8.96
C ALA A 76 3.74 -4.20 9.23
N LEU A 77 2.90 -4.23 8.20
CA LEU A 77 1.50 -3.83 8.33
C LEU A 77 0.58 -5.02 8.21
N HIS A 78 0.83 -5.87 7.21
CA HIS A 78 0.01 -7.06 6.99
C HIS A 78 -0.21 -7.82 8.29
N GLU A 79 -1.45 -7.81 8.76
CA GLU A 79 -1.79 -8.50 10.00
C GLU A 79 -0.89 -8.05 11.14
N GLN A 80 -0.60 -6.75 11.19
CA GLN A 80 0.25 -6.19 12.23
C GLN A 80 -0.40 -4.99 12.89
N LYS A 81 -0.97 -4.11 12.06
CA LYS A 81 -1.63 -2.91 12.57
C LYS A 81 -3.14 -3.11 12.62
N THR A 82 -3.85 -2.15 13.23
CA THR A 82 -5.30 -2.22 13.35
C THR A 82 -5.92 -0.84 13.30
N LEU A 83 -6.57 -0.52 12.18
CA LEU A 83 -7.21 0.78 12.02
C LEU A 83 -8.32 0.97 13.04
N PRO A 84 -8.62 2.25 13.35
CA PRO A 84 -9.67 2.60 14.31
C PRO A 84 -11.06 2.29 13.79
N GLY A 85 -11.69 1.26 14.35
CA GLY A 85 -13.02 0.89 13.93
C GLY A 85 -13.05 -0.44 13.21
N MET A 86 -11.91 -1.13 13.20
CA MET A 86 -11.81 -2.43 12.54
C MET A 86 -11.41 -3.51 13.53
N ASN A 87 -12.32 -4.45 13.77
CA ASN A 87 -12.08 -5.55 14.70
C ASN A 87 -10.82 -6.32 14.31
N ARG A 88 -10.61 -6.49 13.00
CA ARG A 88 -9.45 -7.19 12.51
C ARG A 88 -8.36 -6.22 12.04
N PRO A 89 -7.13 -6.72 11.92
CA PRO A 89 -5.99 -5.91 11.48
C PRO A 89 -6.09 -5.52 10.01
N ILE A 90 -5.03 -4.89 9.49
CA ILE A 90 -5.00 -4.47 8.10
C ILE A 90 -4.31 -5.51 7.22
N GLN A 91 -4.81 -5.66 6.00
CA GLN A 91 -4.24 -6.62 5.05
C GLN A 91 -3.60 -5.91 3.88
N VAL A 92 -2.30 -6.12 3.70
CA VAL A 92 -1.56 -5.51 2.60
C VAL A 92 -0.75 -6.53 1.83
N LYS A 93 -1.09 -6.73 0.56
CA LYS A 93 -0.39 -7.69 -0.28
C LYS A 93 0.12 -7.03 -1.55
N PRO A 94 1.17 -7.61 -2.15
CA PRO A 94 1.77 -7.08 -3.38
C PRO A 94 0.87 -7.26 -4.60
N ALA A 95 -0.08 -6.35 -4.76
CA ALA A 95 -1.01 -6.42 -5.88
C ALA A 95 -0.30 -6.78 -7.18
N ALA A 96 -1.07 -7.15 -8.20
CA ALA A 96 -0.50 -7.52 -9.49
C ALA A 96 0.50 -8.66 -9.33
N SER A 97 0.09 -9.71 -8.65
CA SER A 97 0.96 -10.87 -8.43
C SER A 97 0.14 -12.07 -7.95
N GLU A 98 0.17 -13.15 -8.73
CA GLU A 98 -0.56 -14.35 -8.39
C GLU A 98 0.36 -15.37 -7.73
N GLY A 99 1.45 -15.71 -8.41
CA GLY A 99 2.40 -16.67 -7.87
C GLY A 99 3.26 -17.31 -8.94
N ARG A 100 3.97 -18.36 -8.59
CA ARG A 100 4.85 -19.06 -9.53
C ARG A 100 5.38 -20.35 -8.92
N GLY A 101 5.88 -21.24 -9.78
CA GLY A 101 6.40 -22.51 -9.31
C GLY A 101 7.35 -23.14 -10.31
N GLU A 102 8.64 -22.83 -10.18
CA GLU A 102 9.66 -23.37 -11.07
C GLU A 102 9.56 -24.90 -11.14
N SER A 103 10.16 -25.48 -12.18
CA SER A 103 10.14 -26.92 -12.36
C SER A 103 11.56 -27.47 -12.44
N GLY A 104 11.70 -28.77 -12.18
CA GLY A 104 13.01 -29.40 -12.22
C GLY A 104 13.01 -30.76 -11.56
N PRO A 105 13.83 -31.69 -12.10
CA PRO A 105 13.94 -33.05 -11.57
C PRO A 105 14.63 -33.09 -10.21
N SER A 106 13.84 -33.08 -9.15
CA SER A 106 14.37 -33.11 -7.79
C SER A 106 14.40 -34.54 -7.25
N SER A 107 13.36 -35.30 -7.57
CA SER A 107 13.25 -36.68 -7.11
C SER A 107 12.22 -37.45 -7.93
N GLY A 108 12.68 -38.42 -8.71
CA GLY A 108 11.80 -39.21 -9.53
C GLY A 108 12.24 -39.27 -10.98
N GLY A 1 15.30 28.49 -2.23
CA GLY A 1 14.15 29.25 -1.76
C GLY A 1 12.96 29.14 -2.69
N SER A 2 12.71 27.94 -3.18
CA SER A 2 11.59 27.70 -4.10
C SER A 2 10.52 26.85 -3.43
N SER A 3 9.33 27.42 -3.29
CA SER A 3 8.20 26.71 -2.67
C SER A 3 7.27 26.13 -3.74
N GLY A 4 7.44 24.84 -4.02
CA GLY A 4 6.61 24.18 -5.01
C GLY A 4 7.38 23.80 -6.25
N SER A 5 8.25 22.79 -6.12
CA SER A 5 9.05 22.33 -7.24
C SER A 5 8.28 21.33 -8.09
N SER A 6 8.30 21.54 -9.41
CA SER A 6 7.59 20.65 -10.33
C SER A 6 8.51 19.54 -10.82
N GLY A 7 8.01 18.31 -10.81
CA GLY A 7 8.79 17.18 -11.26
C GLY A 7 8.08 15.86 -11.02
N VAL A 8 8.30 14.90 -11.93
CA VAL A 8 7.69 13.59 -11.81
C VAL A 8 8.44 12.71 -10.82
N PRO A 9 7.68 11.95 -10.01
CA PRO A 9 8.26 11.05 -8.99
C PRO A 9 8.97 9.86 -9.63
N MET A 10 10.10 9.47 -9.04
CA MET A 10 10.87 8.34 -9.54
C MET A 10 10.53 7.07 -8.76
N LYS A 11 10.59 5.93 -9.45
CA LYS A 11 10.29 4.64 -8.83
C LYS A 11 11.38 3.63 -9.14
N ASP A 12 11.16 2.38 -8.72
CA ASP A 12 12.12 1.32 -8.95
C ASP A 12 11.69 0.45 -10.12
N HIS A 13 12.66 -0.02 -10.91
CA HIS A 13 12.39 -0.86 -12.07
C HIS A 13 11.63 -2.12 -11.66
N ASP A 14 11.99 -2.66 -10.50
CA ASP A 14 11.35 -3.88 -10.00
C ASP A 14 10.46 -3.56 -8.80
N ALA A 15 9.79 -2.41 -8.85
CA ALA A 15 8.92 -1.98 -7.76
C ALA A 15 7.79 -3.00 -7.55
N ILE A 16 6.92 -2.71 -6.59
CA ILE A 16 5.80 -3.58 -6.28
C ILE A 16 4.57 -2.78 -5.87
N LYS A 17 3.44 -3.06 -6.54
CA LYS A 17 2.20 -2.37 -6.25
C LYS A 17 1.44 -3.06 -5.12
N LEU A 18 1.52 -2.49 -3.92
CA LEU A 18 0.83 -3.05 -2.76
C LEU A 18 -0.65 -2.70 -2.78
N PHE A 19 -1.48 -3.67 -2.40
CA PHE A 19 -2.93 -3.46 -2.36
C PHE A 19 -3.48 -3.68 -0.97
N VAL A 20 -4.18 -2.67 -0.43
CA VAL A 20 -4.76 -2.75 0.90
C VAL A 20 -6.26 -3.01 0.83
N GLY A 21 -6.74 -3.92 1.66
CA GLY A 21 -8.16 -4.24 1.68
C GLY A 21 -8.74 -4.22 3.08
N GLN A 22 -8.19 -3.36 3.93
CA GLN A 22 -8.66 -3.24 5.31
C GLN A 22 -8.83 -1.78 5.71
N ILE A 23 -9.34 -0.97 4.79
CA ILE A 23 -9.55 0.44 5.04
C ILE A 23 -11.03 0.75 5.29
N PRO A 24 -11.33 1.27 6.49
CA PRO A 24 -12.70 1.61 6.87
C PRO A 24 -13.23 2.81 6.11
N ARG A 25 -14.46 3.22 6.42
CA ARG A 25 -15.08 4.36 5.76
C ARG A 25 -14.93 5.62 6.61
N GLY A 26 -14.22 6.61 6.06
CA GLY A 26 -14.01 7.85 6.77
C GLY A 26 -12.59 8.39 6.59
N LEU A 27 -11.68 7.51 6.23
CA LEU A 27 -10.28 7.91 6.02
C LEU A 27 -9.99 8.09 4.54
N ASP A 28 -9.02 8.97 4.25
CA ASP A 28 -8.63 9.25 2.87
C ASP A 28 -7.16 8.93 2.64
N GLU A 29 -6.67 9.23 1.45
CA GLU A 29 -5.27 8.97 1.11
C GLU A 29 -4.33 9.68 2.08
N GLN A 30 -4.76 10.85 2.55
CA GLN A 30 -3.95 11.63 3.48
C GLN A 30 -3.92 10.98 4.86
N ASP A 31 -4.90 10.12 5.13
CA ASP A 31 -4.98 9.42 6.40
C ASP A 31 -4.17 8.13 6.36
N LEU A 32 -4.05 7.54 5.18
CA LEU A 32 -3.29 6.30 5.01
C LEU A 32 -1.82 6.59 4.71
N LYS A 33 -1.58 7.65 3.96
CA LYS A 33 -0.22 8.03 3.60
C LYS A 33 0.69 8.03 4.83
N PRO A 34 0.20 8.64 5.92
CA PRO A 34 0.95 8.72 7.18
C PRO A 34 1.53 7.37 7.60
N LEU A 35 0.68 6.34 7.57
CA LEU A 35 1.11 5.00 7.94
C LEU A 35 2.17 4.47 6.97
N PHE A 36 1.81 4.42 5.69
CA PHE A 36 2.74 3.94 4.67
C PHE A 36 4.02 4.76 4.67
N GLU A 37 3.93 6.01 5.11
CA GLU A 37 5.08 6.89 5.16
C GLU A 37 5.95 6.58 6.38
N GLU A 38 5.50 5.64 7.18
CA GLU A 38 6.23 5.26 8.39
C GLU A 38 7.37 4.31 8.06
N PHE A 39 7.28 3.67 6.89
CA PHE A 39 8.31 2.73 6.45
C PHE A 39 9.17 3.34 5.35
N GLY A 40 8.52 3.90 4.34
CA GLY A 40 9.23 4.50 3.23
C GLY A 40 8.42 5.60 2.54
N ARG A 41 9.11 6.41 1.74
CA ARG A 41 8.45 7.49 1.03
C ARG A 41 7.52 6.96 -0.05
N ILE A 42 6.22 7.14 0.15
CA ILE A 42 5.23 6.66 -0.82
C ILE A 42 5.45 7.28 -2.19
N TYR A 43 5.08 6.55 -3.23
CA TYR A 43 5.25 7.02 -4.60
C TYR A 43 3.91 7.47 -5.19
N GLU A 44 2.85 6.78 -4.80
CA GLU A 44 1.51 7.11 -5.29
C GLU A 44 0.46 6.25 -4.60
N LEU A 45 -0.49 6.90 -3.93
CA LEU A 45 -1.56 6.19 -3.23
C LEU A 45 -2.93 6.59 -3.77
N THR A 46 -3.75 5.60 -4.08
CA THR A 46 -5.09 5.85 -4.60
C THR A 46 -6.11 4.88 -4.01
N VAL A 47 -7.01 5.42 -3.19
CA VAL A 47 -8.04 4.60 -2.56
C VAL A 47 -9.28 4.50 -3.44
N LEU A 48 -9.71 3.26 -3.71
CA LEU A 48 -10.89 3.03 -4.54
C LEU A 48 -12.17 3.36 -3.77
N LYS A 49 -13.13 3.95 -4.48
CA LYS A 49 -14.40 4.32 -3.87
C LYS A 49 -15.57 4.01 -4.81
N ASP A 50 -16.69 3.59 -4.24
CA ASP A 50 -17.88 3.27 -5.03
C ASP A 50 -18.08 4.29 -6.14
N ARG A 51 -18.87 3.92 -7.14
CA ARG A 51 -19.14 4.82 -8.26
C ARG A 51 -20.58 5.33 -8.21
N LEU A 52 -21.50 4.46 -7.78
CA LEU A 52 -22.90 4.82 -7.68
C LEU A 52 -23.15 5.74 -6.48
N THR A 53 -22.50 5.43 -5.37
CA THR A 53 -22.64 6.22 -4.15
C THR A 53 -21.44 7.15 -3.95
N GLY A 54 -20.27 6.70 -4.37
CA GLY A 54 -19.07 7.50 -4.23
C GLY A 54 -18.50 7.45 -2.83
N LEU A 55 -18.78 6.36 -2.12
CA LEU A 55 -18.29 6.20 -0.75
C LEU A 55 -17.03 5.33 -0.73
N HIS A 56 -16.41 5.25 0.44
CA HIS A 56 -15.18 4.45 0.60
C HIS A 56 -15.49 2.96 0.45
N LYS A 57 -14.99 2.36 -0.62
CA LYS A 57 -15.19 0.95 -0.88
C LYS A 57 -14.56 0.09 0.21
N GLY A 58 -13.27 0.32 0.44
CA GLY A 58 -12.55 -0.44 1.45
C GLY A 58 -11.25 -1.02 0.94
N CYS A 59 -10.51 -0.21 0.20
CA CYS A 59 -9.22 -0.65 -0.36
C CYS A 59 -8.51 0.51 -1.05
N ALA A 60 -7.21 0.34 -1.29
CA ALA A 60 -6.42 1.37 -1.95
C ALA A 60 -5.13 0.79 -2.51
N PHE A 61 -4.70 1.31 -3.65
CA PHE A 61 -3.47 0.84 -4.30
C PHE A 61 -2.29 1.73 -3.93
N LEU A 62 -1.38 1.18 -3.13
CA LEU A 62 -0.20 1.91 -2.69
C LEU A 62 1.01 1.53 -3.52
N THR A 63 1.82 2.52 -3.88
CA THR A 63 3.02 2.28 -4.67
C THR A 63 4.26 2.81 -3.98
N TYR A 64 5.23 1.93 -3.75
CA TYR A 64 6.48 2.32 -3.09
C TYR A 64 7.58 2.57 -4.10
N CYS A 65 8.35 3.63 -3.88
CA CYS A 65 9.45 3.98 -4.77
C CYS A 65 10.47 2.86 -4.84
N ALA A 66 10.78 2.27 -3.70
CA ALA A 66 11.75 1.17 -3.64
C ALA A 66 11.05 -0.16 -3.37
N ARG A 67 11.53 -1.21 -4.02
CA ARG A 67 10.96 -2.54 -3.86
C ARG A 67 11.07 -3.00 -2.41
N ASP A 68 12.10 -2.53 -1.72
CA ASP A 68 12.33 -2.90 -0.33
C ASP A 68 11.27 -2.29 0.57
N SER A 69 11.13 -0.97 0.53
CA SER A 69 10.16 -0.26 1.35
C SER A 69 8.82 -0.98 1.33
N ALA A 70 8.48 -1.57 0.18
CA ALA A 70 7.23 -2.29 0.03
C ALA A 70 7.23 -3.58 0.85
N LEU A 71 8.29 -4.37 0.68
CA LEU A 71 8.42 -5.63 1.40
C LEU A 71 8.22 -5.43 2.90
N LYS A 72 8.89 -4.41 3.45
CA LYS A 72 8.79 -4.10 4.87
C LYS A 72 7.35 -3.75 5.24
N ALA A 73 6.88 -2.62 4.73
CA ALA A 73 5.52 -2.16 5.02
C ALA A 73 4.52 -3.30 4.86
N GLN A 74 4.74 -4.15 3.86
CA GLN A 74 3.85 -5.28 3.60
C GLN A 74 3.88 -6.27 4.76
N SER A 75 5.07 -6.84 5.01
CA SER A 75 5.24 -7.81 6.09
C SER A 75 5.23 -7.11 7.45
N ALA A 76 5.19 -5.79 7.43
CA ALA A 76 5.18 -5.00 8.66
C ALA A 76 3.76 -4.56 9.02
N LEU A 77 2.91 -4.44 8.01
CA LEU A 77 1.54 -4.02 8.22
C LEU A 77 0.58 -5.21 8.10
N HIS A 78 0.83 -6.06 7.11
CA HIS A 78 -0.01 -7.23 6.89
C HIS A 78 -0.25 -7.99 8.20
N GLU A 79 -1.47 -7.90 8.70
CA GLU A 79 -1.82 -8.57 9.95
C GLU A 79 -0.89 -8.14 11.09
N GLN A 80 -0.53 -6.87 11.09
CA GLN A 80 0.34 -6.33 12.12
C GLN A 80 -0.25 -5.06 12.74
N LYS A 81 -0.76 -4.19 11.89
CA LYS A 81 -1.36 -2.93 12.35
C LYS A 81 -2.88 -3.05 12.39
N THR A 82 -3.51 -2.18 13.18
CA THR A 82 -4.96 -2.18 13.31
C THR A 82 -5.52 -0.76 13.23
N LEU A 83 -6.04 -0.39 12.07
CA LEU A 83 -6.61 0.94 11.86
C LEU A 83 -7.61 1.27 12.97
N PRO A 84 -7.80 2.58 13.22
CA PRO A 84 -8.73 3.06 14.25
C PRO A 84 -10.18 2.83 13.86
N GLY A 85 -10.82 1.88 14.54
CA GLY A 85 -12.21 1.58 14.26
C GLY A 85 -12.38 0.28 13.50
N MET A 86 -11.33 -0.55 13.50
CA MET A 86 -11.37 -1.83 12.81
C MET A 86 -11.02 -2.98 13.75
N ASN A 87 -11.95 -3.91 13.91
CA ASN A 87 -11.73 -5.05 14.78
C ASN A 87 -10.58 -5.92 14.27
N ARG A 88 -10.47 -6.03 12.95
CA ARG A 88 -9.40 -6.82 12.34
C ARG A 88 -8.25 -5.93 11.89
N PRO A 89 -7.05 -6.53 11.79
CA PRO A 89 -5.84 -5.82 11.38
C PRO A 89 -5.88 -5.42 9.91
N ILE A 90 -4.82 -4.77 9.44
CA ILE A 90 -4.74 -4.33 8.05
C ILE A 90 -4.12 -5.41 7.18
N GLN A 91 -4.72 -5.63 6.01
CA GLN A 91 -4.23 -6.64 5.08
C GLN A 91 -3.62 -5.99 3.85
N VAL A 92 -2.33 -6.25 3.61
CA VAL A 92 -1.63 -5.69 2.47
C VAL A 92 -0.87 -6.77 1.71
N LYS A 93 -1.12 -6.85 0.41
CA LYS A 93 -0.46 -7.84 -0.44
C LYS A 93 0.06 -7.20 -1.72
N PRO A 94 1.13 -7.77 -2.28
CA PRO A 94 1.74 -7.28 -3.52
C PRO A 94 0.86 -7.52 -4.74
N ALA A 95 -0.03 -6.57 -5.03
CA ALA A 95 -0.93 -6.68 -6.16
C ALA A 95 -0.19 -7.20 -7.40
N ALA A 96 -0.88 -8.02 -8.19
CA ALA A 96 -0.30 -8.58 -9.40
C ALA A 96 1.04 -9.24 -9.11
N SER A 97 1.04 -10.17 -8.16
CA SER A 97 2.26 -10.88 -7.78
C SER A 97 1.93 -12.06 -6.86
N GLU A 98 2.71 -13.13 -7.01
CA GLU A 98 2.50 -14.33 -6.20
C GLU A 98 3.32 -14.27 -4.90
N GLY A 99 2.63 -14.37 -3.78
CA GLY A 99 3.31 -14.32 -2.49
C GLY A 99 2.34 -14.34 -1.33
N ARG A 100 1.75 -15.50 -1.07
CA ARG A 100 0.80 -15.65 0.03
C ARG A 100 1.41 -16.48 1.16
N GLY A 101 0.79 -16.37 2.35
CA GLY A 101 1.28 -17.11 3.49
C GLY A 101 0.16 -17.73 4.30
N GLU A 102 0.10 -19.06 4.30
CA GLU A 102 -0.94 -19.77 5.04
C GLU A 102 -0.48 -20.08 6.46
N SER A 103 0.15 -19.08 7.10
CA SER A 103 0.64 -19.23 8.46
C SER A 103 0.92 -17.88 9.09
N GLY A 104 1.28 -17.90 10.37
CA GLY A 104 1.57 -16.66 11.08
C GLY A 104 1.26 -16.73 12.55
N PRO A 105 1.41 -15.61 13.26
CA PRO A 105 1.15 -15.53 14.70
C PRO A 105 -0.34 -15.64 15.02
N SER A 106 -0.67 -15.57 16.30
CA SER A 106 -2.06 -15.66 16.74
C SER A 106 -2.65 -14.28 16.98
N SER A 107 -3.62 -13.91 16.13
CA SER A 107 -4.28 -12.62 16.23
C SER A 107 -5.44 -12.66 17.23
N GLY A 108 -6.02 -11.50 17.51
CA GLY A 108 -7.13 -11.44 18.43
C GLY A 108 -6.79 -12.03 19.79
N GLY A 1 8.77 19.26 13.29
CA GLY A 1 8.36 18.12 12.48
C GLY A 1 9.47 17.64 11.57
N SER A 2 9.13 16.73 10.66
CA SER A 2 10.11 16.18 9.72
C SER A 2 10.01 16.87 8.36
N SER A 3 11.11 17.49 7.94
CA SER A 3 11.14 18.19 6.66
C SER A 3 11.67 17.28 5.55
N GLY A 4 11.22 17.52 4.33
CA GLY A 4 11.67 16.72 3.21
C GLY A 4 11.05 17.17 1.89
N SER A 5 11.85 17.83 1.06
CA SER A 5 11.38 18.33 -0.22
C SER A 5 11.06 17.16 -1.17
N SER A 6 10.57 17.49 -2.36
CA SER A 6 10.23 16.48 -3.34
C SER A 6 10.08 17.10 -4.73
N GLY A 7 10.27 16.30 -5.76
CA GLY A 7 10.16 16.78 -7.13
C GLY A 7 9.18 15.96 -7.96
N VAL A 8 9.70 14.94 -8.63
CA VAL A 8 8.87 14.08 -9.46
C VAL A 8 8.86 12.65 -8.94
N PRO A 9 7.70 11.98 -9.04
CA PRO A 9 7.54 10.60 -8.58
C PRO A 9 8.30 9.60 -9.45
N MET A 10 9.36 9.04 -8.88
CA MET A 10 10.18 8.06 -9.61
C MET A 10 10.13 6.70 -8.92
N LYS A 11 9.84 5.66 -9.70
CA LYS A 11 9.77 4.31 -9.17
C LYS A 11 10.92 3.45 -9.69
N ASP A 12 10.89 2.17 -9.36
CA ASP A 12 11.94 1.25 -9.79
C ASP A 12 11.43 0.34 -10.92
N HIS A 13 12.36 -0.21 -11.69
CA HIS A 13 12.01 -1.10 -12.79
C HIS A 13 11.43 -2.41 -12.28
N ASP A 14 11.96 -2.87 -11.15
CA ASP A 14 11.49 -4.12 -10.55
C ASP A 14 10.70 -3.85 -9.27
N ALA A 15 9.92 -2.77 -9.28
CA ALA A 15 9.12 -2.41 -8.13
C ALA A 15 7.91 -3.32 -7.98
N ILE A 16 7.09 -3.07 -6.97
CA ILE A 16 5.91 -3.88 -6.71
C ILE A 16 4.71 -3.00 -6.32
N LYS A 17 3.51 -3.50 -6.57
CA LYS A 17 2.29 -2.77 -6.24
C LYS A 17 1.62 -3.38 -5.02
N LEU A 18 1.43 -2.55 -3.99
CA LEU A 18 0.78 -2.99 -2.75
C LEU A 18 -0.71 -2.69 -2.77
N PHE A 19 -1.51 -3.66 -2.37
CA PHE A 19 -2.96 -3.49 -2.33
C PHE A 19 -3.50 -3.69 -0.92
N VAL A 20 -4.16 -2.67 -0.39
CA VAL A 20 -4.73 -2.75 0.95
C VAL A 20 -6.24 -2.95 0.90
N GLY A 21 -6.73 -3.90 1.69
CA GLY A 21 -8.15 -4.19 1.72
C GLY A 21 -8.71 -4.14 3.12
N GLN A 22 -8.18 -3.26 3.96
CA GLN A 22 -8.64 -3.12 5.33
C GLN A 22 -8.83 -1.65 5.69
N ILE A 23 -9.37 -0.87 4.76
CA ILE A 23 -9.61 0.55 4.99
C ILE A 23 -11.09 0.83 5.20
N PRO A 24 -11.45 1.25 6.42
CA PRO A 24 -12.83 1.58 6.77
C PRO A 24 -13.34 2.84 6.07
N ARG A 25 -14.58 3.21 6.35
CA ARG A 25 -15.18 4.39 5.75
C ARG A 25 -15.05 5.59 6.68
N GLY A 26 -14.32 6.61 6.21
CA GLY A 26 -14.13 7.81 7.01
C GLY A 26 -12.76 8.41 6.83
N LEU A 27 -11.77 7.57 6.55
CA LEU A 27 -10.40 8.03 6.35
C LEU A 27 -10.07 8.12 4.86
N ASP A 28 -8.97 8.79 4.55
CA ASP A 28 -8.53 8.95 3.16
C ASP A 28 -7.02 8.76 3.05
N GLU A 29 -6.51 8.96 1.83
CA GLU A 29 -5.08 8.82 1.58
C GLU A 29 -4.27 9.73 2.49
N GLN A 30 -4.90 10.79 2.97
CA GLN A 30 -4.24 11.74 3.86
C GLN A 30 -4.05 11.16 5.25
N ASP A 31 -4.76 10.06 5.53
CA ASP A 31 -4.68 9.41 6.83
C ASP A 31 -3.83 8.15 6.74
N LEU A 32 -3.69 7.61 5.53
CA LEU A 32 -2.91 6.41 5.32
C LEU A 32 -1.46 6.74 5.00
N LYS A 33 -1.25 7.86 4.32
CA LYS A 33 0.09 8.30 3.95
C LYS A 33 1.02 8.27 5.16
N PRO A 34 0.53 8.81 6.29
CA PRO A 34 1.30 8.86 7.53
C PRO A 34 1.95 7.51 7.87
N LEU A 35 1.12 6.47 7.92
CA LEU A 35 1.62 5.12 8.23
C LEU A 35 2.56 4.63 7.14
N PHE A 36 2.10 4.65 5.90
CA PHE A 36 2.91 4.21 4.77
C PHE A 36 4.21 5.00 4.68
N GLU A 37 4.19 6.22 5.21
CA GLU A 37 5.36 7.09 5.19
C GLU A 37 6.30 6.76 6.34
N GLU A 38 5.91 5.78 7.15
CA GLU A 38 6.71 5.38 8.30
C GLU A 38 7.74 4.33 7.90
N PHE A 39 7.56 3.76 6.71
CA PHE A 39 8.47 2.74 6.19
C PHE A 39 9.33 3.28 5.06
N GLY A 40 8.66 3.81 4.03
CA GLY A 40 9.37 4.36 2.89
C GLY A 40 8.62 5.50 2.24
N ARG A 41 9.24 6.11 1.23
CA ARG A 41 8.63 7.23 0.52
C ARG A 41 7.63 6.73 -0.53
N ILE A 42 6.36 6.99 -0.29
CA ILE A 42 5.31 6.57 -1.22
C ILE A 42 5.53 7.16 -2.61
N TYR A 43 5.24 6.37 -3.64
CA TYR A 43 5.40 6.82 -5.02
C TYR A 43 4.08 7.26 -5.62
N GLU A 44 3.00 6.57 -5.21
CA GLU A 44 1.67 6.88 -5.71
C GLU A 44 0.61 6.15 -4.91
N LEU A 45 -0.31 6.90 -4.31
CA LEU A 45 -1.38 6.32 -3.51
C LEU A 45 -2.74 6.70 -4.07
N THR A 46 -3.64 5.71 -4.16
CA THR A 46 -4.98 5.95 -4.68
C THR A 46 -6.00 5.04 -4.00
N VAL A 47 -7.15 5.59 -3.68
CA VAL A 47 -8.22 4.83 -3.03
C VAL A 47 -9.31 4.44 -4.03
N LEU A 48 -9.73 3.18 -3.96
CA LEU A 48 -10.76 2.67 -4.85
C LEU A 48 -12.16 2.97 -4.29
N LYS A 49 -13.05 3.44 -5.16
CA LYS A 49 -14.41 3.76 -4.76
C LYS A 49 -15.41 3.32 -5.83
N ASP A 50 -16.55 2.80 -5.38
CA ASP A 50 -17.59 2.34 -6.29
C ASP A 50 -17.78 3.33 -7.45
N ARG A 51 -18.45 2.88 -8.49
CA ARG A 51 -18.69 3.72 -9.66
C ARG A 51 -20.19 4.00 -9.82
N LEU A 52 -21.00 3.35 -9.00
CA LEU A 52 -22.45 3.52 -9.05
C LEU A 52 -22.93 4.43 -7.92
N THR A 53 -22.43 4.17 -6.71
CA THR A 53 -22.81 4.98 -5.55
C THR A 53 -21.70 5.94 -5.16
N GLY A 54 -20.45 5.52 -5.38
CA GLY A 54 -19.31 6.36 -5.05
C GLY A 54 -18.98 6.31 -3.58
N LEU A 55 -19.35 5.22 -2.91
CA LEU A 55 -19.10 5.06 -1.48
C LEU A 55 -17.82 4.27 -1.25
N HIS A 56 -16.93 4.83 -0.43
CA HIS A 56 -15.66 4.18 -0.11
C HIS A 56 -15.84 2.67 0.03
N LYS A 57 -15.48 1.94 -1.02
CA LYS A 57 -15.59 0.49 -1.02
C LYS A 57 -14.89 -0.11 0.20
N GLY A 58 -13.64 0.28 0.41
CA GLY A 58 -12.88 -0.23 1.53
C GLY A 58 -11.54 -0.80 1.11
N CYS A 59 -10.85 -0.10 0.21
CA CYS A 59 -9.56 -0.54 -0.27
C CYS A 59 -8.83 0.59 -1.01
N ALA A 60 -7.52 0.44 -1.18
CA ALA A 60 -6.73 1.44 -1.87
C ALA A 60 -5.41 0.85 -2.37
N PHE A 61 -4.94 1.35 -3.52
CA PHE A 61 -3.70 0.87 -4.10
C PHE A 61 -2.52 1.72 -3.66
N LEU A 62 -1.54 1.09 -3.02
CA LEU A 62 -0.35 1.79 -2.55
C LEU A 62 0.88 1.41 -3.36
N THR A 63 1.64 2.41 -3.79
CA THR A 63 2.85 2.17 -4.57
C THR A 63 4.08 2.74 -3.88
N TYR A 64 5.14 1.94 -3.81
CA TYR A 64 6.38 2.37 -3.17
C TYR A 64 7.47 2.61 -4.21
N CYS A 65 8.23 3.69 -4.03
CA CYS A 65 9.31 4.03 -4.94
C CYS A 65 10.30 2.88 -5.07
N ALA A 66 10.65 2.28 -3.93
CA ALA A 66 11.60 1.17 -3.91
C ALA A 66 10.90 -0.14 -3.55
N ARG A 67 11.52 -1.26 -3.92
CA ARG A 67 10.95 -2.57 -3.65
C ARG A 67 10.96 -2.86 -2.14
N ASP A 68 12.15 -2.84 -1.56
CA ASP A 68 12.31 -3.11 -0.13
C ASP A 68 11.21 -2.41 0.67
N SER A 69 11.14 -1.09 0.55
CA SER A 69 10.15 -0.30 1.26
C SER A 69 8.79 -0.99 1.24
N ALA A 70 8.48 -1.64 0.12
CA ALA A 70 7.22 -2.35 -0.03
C ALA A 70 7.19 -3.61 0.84
N LEU A 71 8.21 -4.45 0.70
CA LEU A 71 8.29 -5.68 1.47
C LEU A 71 8.23 -5.40 2.96
N LYS A 72 8.98 -4.39 3.40
CA LYS A 72 9.02 -4.01 4.81
C LYS A 72 7.62 -3.65 5.31
N ALA A 73 7.08 -2.55 4.81
CA ALA A 73 5.76 -2.10 5.21
C ALA A 73 4.72 -3.22 5.03
N GLN A 74 4.84 -3.95 3.93
CA GLN A 74 3.93 -5.05 3.65
C GLN A 74 3.96 -6.09 4.75
N SER A 75 5.16 -6.61 5.03
CA SER A 75 5.32 -7.63 6.06
C SER A 75 5.28 -7.00 7.45
N ALA A 76 5.35 -5.67 7.50
CA ALA A 76 5.32 -4.95 8.76
C ALA A 76 3.91 -4.45 9.07
N LEU A 77 3.08 -4.36 8.04
CA LEU A 77 1.70 -3.89 8.19
C LEU A 77 0.72 -5.05 8.08
N HIS A 78 0.95 -5.92 7.10
CA HIS A 78 0.09 -7.08 6.89
C HIS A 78 -0.14 -7.84 8.19
N GLU A 79 -1.31 -7.62 8.80
CA GLU A 79 -1.65 -8.27 10.06
C GLU A 79 -0.76 -7.79 11.19
N GLN A 80 -0.44 -6.50 11.16
CA GLN A 80 0.40 -5.90 12.19
C GLN A 80 -0.28 -4.69 12.83
N LYS A 81 -0.86 -3.84 11.99
CA LYS A 81 -1.55 -2.65 12.47
C LYS A 81 -3.07 -2.87 12.51
N THR A 82 -3.76 -2.06 13.30
CA THR A 82 -5.20 -2.17 13.42
C THR A 82 -5.86 -0.79 13.38
N LEU A 83 -6.39 -0.44 12.20
CA LEU A 83 -7.05 0.85 12.02
C LEU A 83 -8.19 1.02 13.02
N PRO A 84 -8.53 2.28 13.32
CA PRO A 84 -9.60 2.62 14.26
C PRO A 84 -10.98 2.27 13.70
N GLY A 85 -11.65 1.31 14.32
CA GLY A 85 -12.97 0.91 13.88
C GLY A 85 -12.93 -0.36 13.06
N MET A 86 -11.82 -1.08 13.12
CA MET A 86 -11.67 -2.32 12.38
C MET A 86 -11.23 -3.46 13.30
N ASN A 87 -12.19 -4.26 13.74
CA ASN A 87 -11.90 -5.38 14.63
C ASN A 87 -10.69 -6.16 14.14
N ARG A 88 -10.53 -6.22 12.82
CA ARG A 88 -9.40 -6.94 12.23
C ARG A 88 -8.29 -5.98 11.83
N PRO A 89 -7.05 -6.49 11.75
CA PRO A 89 -5.88 -5.69 11.38
C PRO A 89 -5.90 -5.28 9.92
N ILE A 90 -4.83 -4.63 9.48
CA ILE A 90 -4.72 -4.19 8.10
C ILE A 90 -4.11 -5.27 7.22
N GLN A 91 -4.69 -5.47 6.03
CA GLN A 91 -4.19 -6.47 5.10
C GLN A 91 -3.55 -5.81 3.89
N VAL A 92 -2.27 -6.09 3.68
CA VAL A 92 -1.53 -5.54 2.56
C VAL A 92 -0.75 -6.61 1.81
N LYS A 93 -1.01 -6.75 0.52
CA LYS A 93 -0.32 -7.74 -0.30
C LYS A 93 0.10 -7.14 -1.63
N PRO A 94 1.18 -7.69 -2.21
CA PRO A 94 1.71 -7.22 -3.50
C PRO A 94 0.79 -7.56 -4.67
N ALA A 95 -0.24 -6.74 -4.87
CA ALA A 95 -1.19 -6.96 -5.94
C ALA A 95 -0.50 -7.56 -7.16
N ALA A 96 0.33 -6.76 -7.82
CA ALA A 96 1.05 -7.21 -9.01
C ALA A 96 2.48 -7.63 -8.65
N SER A 97 2.92 -8.74 -9.25
CA SER A 97 4.26 -9.25 -9.00
C SER A 97 4.61 -10.37 -9.98
N GLU A 98 5.77 -10.26 -10.62
CA GLU A 98 6.21 -11.26 -11.58
C GLU A 98 7.18 -12.25 -10.93
N GLY A 99 8.25 -11.73 -10.36
CA GLY A 99 9.24 -12.59 -9.72
C GLY A 99 8.72 -13.20 -8.43
N ARG A 100 9.58 -13.92 -7.73
CA ARG A 100 9.19 -14.56 -6.47
C ARG A 100 10.41 -15.15 -5.76
N GLY A 101 10.38 -15.13 -4.44
CA GLY A 101 11.49 -15.66 -3.67
C GLY A 101 11.31 -15.46 -2.17
N GLU A 102 12.42 -15.31 -1.46
CA GLU A 102 12.37 -15.11 -0.01
C GLU A 102 13.52 -14.20 0.45
N SER A 103 13.44 -13.75 1.69
CA SER A 103 14.46 -12.87 2.25
C SER A 103 14.47 -12.95 3.77
N GLY A 104 15.62 -12.65 4.37
CA GLY A 104 15.73 -12.70 5.82
C GLY A 104 15.88 -11.32 6.43
N PRO A 105 15.44 -11.18 7.69
CA PRO A 105 15.51 -9.90 8.41
C PRO A 105 16.94 -9.51 8.76
N SER A 106 17.20 -8.21 8.81
CA SER A 106 18.53 -7.70 9.13
C SER A 106 18.47 -6.70 10.27
N SER A 107 17.66 -7.02 11.29
CA SER A 107 17.51 -6.15 12.45
C SER A 107 18.72 -6.25 13.36
N GLY A 108 19.25 -5.10 13.78
CA GLY A 108 20.40 -5.09 14.66
C GLY A 108 20.10 -5.68 16.02
N GLY A 1 14.98 28.53 0.69
CA GLY A 1 15.80 27.34 0.62
C GLY A 1 15.48 26.35 1.74
N SER A 2 15.44 25.07 1.40
CA SER A 2 15.14 24.04 2.38
C SER A 2 15.84 22.72 2.02
N SER A 3 15.76 21.75 2.91
CA SER A 3 16.39 20.45 2.69
C SER A 3 15.45 19.51 1.93
N GLY A 4 15.65 19.43 0.61
CA GLY A 4 14.81 18.57 -0.21
C GLY A 4 15.10 18.73 -1.70
N SER A 5 14.24 18.14 -2.52
CA SER A 5 14.41 18.23 -3.97
C SER A 5 13.11 17.86 -4.68
N SER A 6 12.65 18.75 -5.56
CA SER A 6 11.42 18.52 -6.30
C SER A 6 11.72 18.00 -7.71
N GLY A 7 10.82 17.18 -8.24
CA GLY A 7 11.01 16.63 -9.57
C GLY A 7 10.12 15.43 -9.83
N VAL A 8 10.07 15.01 -11.09
CA VAL A 8 9.24 13.86 -11.46
C VAL A 8 9.45 12.68 -10.52
N PRO A 9 8.37 11.95 -10.23
CA PRO A 9 8.42 10.79 -9.33
C PRO A 9 9.18 9.61 -9.94
N MET A 10 10.27 9.21 -9.28
CA MET A 10 11.08 8.10 -9.75
C MET A 10 10.71 6.81 -9.02
N LYS A 11 10.75 5.70 -9.74
CA LYS A 11 10.42 4.40 -9.17
C LYS A 11 11.49 3.37 -9.51
N ASP A 12 11.25 2.12 -9.12
CA ASP A 12 12.19 1.04 -9.40
C ASP A 12 11.67 0.12 -10.50
N HIS A 13 12.48 -0.09 -11.52
CA HIS A 13 12.10 -0.94 -12.65
C HIS A 13 11.44 -2.22 -12.15
N ASP A 14 11.87 -2.69 -10.98
CA ASP A 14 11.33 -3.90 -10.40
C ASP A 14 10.51 -3.59 -9.15
N ALA A 15 9.75 -2.50 -9.19
CA ALA A 15 8.94 -2.08 -8.07
C ALA A 15 7.72 -3.00 -7.91
N ILE A 16 6.98 -2.81 -6.82
CA ILE A 16 5.80 -3.61 -6.56
C ILE A 16 4.61 -2.74 -6.15
N LYS A 17 3.40 -3.21 -6.43
CA LYS A 17 2.20 -2.48 -6.08
C LYS A 17 1.47 -3.13 -4.91
N LEU A 18 1.57 -2.52 -3.74
CA LEU A 18 0.93 -3.04 -2.54
C LEU A 18 -0.56 -2.70 -2.53
N PHE A 19 -1.38 -3.66 -2.11
CA PHE A 19 -2.82 -3.47 -2.06
C PHE A 19 -3.35 -3.69 -0.64
N VAL A 20 -3.99 -2.67 -0.09
CA VAL A 20 -4.54 -2.75 1.25
C VAL A 20 -6.05 -2.92 1.22
N GLY A 21 -6.56 -3.87 2.00
CA GLY A 21 -7.99 -4.11 2.04
C GLY A 21 -8.56 -3.95 3.44
N GLN A 22 -8.00 -3.03 4.21
CA GLN A 22 -8.45 -2.79 5.57
C GLN A 22 -8.62 -1.30 5.84
N ILE A 23 -9.21 -0.59 4.87
CA ILE A 23 -9.44 0.84 5.00
C ILE A 23 -10.92 1.16 5.19
N PRO A 24 -11.27 1.64 6.39
CA PRO A 24 -12.66 1.99 6.72
C PRO A 24 -13.14 3.22 5.97
N ARG A 25 -14.41 3.57 6.17
CA ARG A 25 -14.99 4.73 5.50
C ARG A 25 -14.81 5.99 6.35
N GLY A 26 -14.50 7.10 5.69
CA GLY A 26 -14.31 8.36 6.39
C GLY A 26 -12.90 8.89 6.27
N LEU A 27 -11.95 7.98 6.04
CA LEU A 27 -10.54 8.35 5.90
C LEU A 27 -10.14 8.43 4.43
N ASP A 28 -8.87 8.72 4.19
CA ASP A 28 -8.37 8.81 2.82
C ASP A 28 -6.84 8.69 2.80
N GLU A 29 -6.25 8.84 1.62
CA GLU A 29 -4.81 8.74 1.47
C GLU A 29 -4.09 9.64 2.47
N GLN A 30 -4.81 10.63 2.98
CA GLN A 30 -4.25 11.57 3.94
C GLN A 30 -4.04 10.91 5.29
N ASP A 31 -4.91 9.95 5.62
CA ASP A 31 -4.83 9.23 6.88
C ASP A 31 -3.96 7.98 6.74
N LEU A 32 -3.77 7.53 5.51
CA LEU A 32 -2.96 6.35 5.23
C LEU A 32 -1.51 6.74 4.97
N LYS A 33 -1.31 7.87 4.33
CA LYS A 33 0.03 8.36 4.02
C LYS A 33 0.95 8.24 5.23
N PRO A 34 0.45 8.70 6.39
CA PRO A 34 1.21 8.66 7.64
C PRO A 34 1.84 7.28 7.89
N LEU A 35 1.00 6.25 7.88
CA LEU A 35 1.47 4.89 8.11
C LEU A 35 2.46 4.46 7.02
N PHE A 36 2.02 4.56 5.77
CA PHE A 36 2.86 4.18 4.63
C PHE A 36 4.16 4.99 4.64
N GLU A 37 4.11 6.19 5.21
CA GLU A 37 5.28 7.05 5.27
C GLU A 37 6.16 6.69 6.47
N GLU A 38 5.72 5.69 7.24
CA GLU A 38 6.47 5.25 8.42
C GLU A 38 7.58 4.28 8.02
N PHE A 39 7.42 3.65 6.87
CA PHE A 39 8.41 2.69 6.38
C PHE A 39 9.26 3.31 5.27
N GLY A 40 8.62 4.05 4.37
CA GLY A 40 9.34 4.68 3.28
C GLY A 40 8.46 5.63 2.49
N ARG A 41 9.07 6.38 1.58
CA ARG A 41 8.34 7.33 0.76
C ARG A 41 7.40 6.61 -0.20
N ILE A 42 6.29 7.26 -0.55
CA ILE A 42 5.31 6.68 -1.46
C ILE A 42 5.46 7.24 -2.86
N TYR A 43 4.95 6.51 -3.84
CA TYR A 43 5.03 6.93 -5.23
C TYR A 43 3.67 7.40 -5.74
N GLU A 44 2.61 6.74 -5.27
CA GLU A 44 1.26 7.09 -5.67
C GLU A 44 0.23 6.33 -4.84
N LEU A 45 -0.68 7.07 -4.22
CA LEU A 45 -1.72 6.48 -3.40
C LEU A 45 -3.11 6.81 -3.94
N THR A 46 -3.88 5.77 -4.26
CA THR A 46 -5.22 5.95 -4.79
C THR A 46 -6.19 4.93 -4.19
N VAL A 47 -7.28 5.42 -3.63
CA VAL A 47 -8.29 4.55 -3.03
C VAL A 47 -9.39 4.20 -4.03
N LEU A 48 -10.01 3.05 -3.83
CA LEU A 48 -11.09 2.60 -4.72
C LEU A 48 -12.45 2.90 -4.11
N LYS A 49 -13.36 3.40 -4.93
CA LYS A 49 -14.71 3.73 -4.48
C LYS A 49 -15.76 3.19 -5.45
N ASP A 50 -16.88 2.75 -4.92
CA ASP A 50 -17.97 2.22 -5.74
C ASP A 50 -18.30 3.17 -6.88
N ARG A 51 -19.16 2.72 -7.79
CA ARG A 51 -19.56 3.54 -8.94
C ARG A 51 -21.01 3.97 -8.82
N LEU A 52 -21.87 3.03 -8.43
CA LEU A 52 -23.29 3.32 -8.28
C LEU A 52 -23.53 4.30 -7.13
N THR A 53 -22.80 4.12 -6.04
CA THR A 53 -22.92 4.99 -4.87
C THR A 53 -21.77 5.98 -4.79
N GLY A 54 -20.55 5.46 -4.91
CA GLY A 54 -19.38 6.32 -4.85
C GLY A 54 -18.80 6.42 -3.44
N LEU A 55 -19.05 5.41 -2.63
CA LEU A 55 -18.56 5.38 -1.26
C LEU A 55 -17.30 4.53 -1.14
N HIS A 56 -16.36 4.98 -0.30
CA HIS A 56 -15.11 4.25 -0.10
C HIS A 56 -15.37 2.77 0.09
N LYS A 57 -15.20 1.99 -0.98
CA LYS A 57 -15.41 0.55 -0.93
C LYS A 57 -14.75 -0.05 0.31
N GLY A 58 -13.46 0.19 0.46
CA GLY A 58 -12.73 -0.34 1.61
C GLY A 58 -11.36 -0.87 1.24
N CYS A 59 -10.66 -0.14 0.38
CA CYS A 59 -9.33 -0.55 -0.07
C CYS A 59 -8.66 0.57 -0.86
N ALA A 60 -7.35 0.42 -1.08
CA ALA A 60 -6.59 1.41 -1.84
C ALA A 60 -5.30 0.81 -2.38
N PHE A 61 -4.85 1.34 -3.51
CA PHE A 61 -3.63 0.86 -4.14
C PHE A 61 -2.43 1.75 -3.77
N LEU A 62 -1.46 1.16 -3.09
CA LEU A 62 -0.27 1.90 -2.68
C LEU A 62 0.95 1.46 -3.48
N THR A 63 1.65 2.43 -4.08
CA THR A 63 2.83 2.14 -4.88
C THR A 63 4.08 2.75 -4.24
N TYR A 64 4.99 1.88 -3.82
CA TYR A 64 6.24 2.32 -3.20
C TYR A 64 7.31 2.61 -4.25
N CYS A 65 8.05 3.69 -4.04
CA CYS A 65 9.12 4.07 -4.98
C CYS A 65 10.14 2.95 -5.11
N ALA A 66 10.44 2.28 -4.01
CA ALA A 66 11.40 1.19 -4.00
C ALA A 66 10.72 -0.14 -3.70
N ARG A 67 11.47 -1.23 -3.90
CA ARG A 67 10.94 -2.56 -3.65
C ARG A 67 11.00 -2.91 -2.16
N ASP A 68 12.15 -2.67 -1.55
CA ASP A 68 12.34 -2.94 -0.13
C ASP A 68 11.26 -2.26 0.71
N SER A 69 11.15 -0.94 0.55
CA SER A 69 10.18 -0.16 1.29
C SER A 69 8.82 -0.88 1.32
N ALA A 70 8.46 -1.48 0.20
CA ALA A 70 7.19 -2.19 0.09
C ALA A 70 7.22 -3.48 0.91
N LEU A 71 8.22 -4.32 0.65
CA LEU A 71 8.36 -5.58 1.36
C LEU A 71 8.27 -5.38 2.87
N LYS A 72 8.98 -4.38 3.37
CA LYS A 72 8.97 -4.07 4.80
C LYS A 72 7.56 -3.72 5.27
N ALA A 73 7.07 -2.58 4.80
CA ALA A 73 5.73 -2.12 5.16
C ALA A 73 4.70 -3.24 4.99
N GLN A 74 4.92 -4.08 3.99
CA GLN A 74 4.02 -5.19 3.71
C GLN A 74 4.07 -6.24 4.83
N SER A 75 5.24 -6.85 4.99
CA SER A 75 5.43 -7.88 6.02
C SER A 75 5.54 -7.25 7.40
N ALA A 76 5.49 -5.92 7.45
CA ALA A 76 5.59 -5.19 8.70
C ALA A 76 4.21 -4.75 9.18
N LEU A 77 3.25 -4.68 8.25
CA LEU A 77 1.89 -4.27 8.57
C LEU A 77 0.91 -5.44 8.40
N HIS A 78 1.09 -6.19 7.32
CA HIS A 78 0.23 -7.33 7.02
C HIS A 78 -0.09 -8.10 8.30
N GLU A 79 -1.35 -8.01 8.74
CA GLU A 79 -1.78 -8.71 9.95
C GLU A 79 -0.92 -8.30 11.14
N GLN A 80 -0.62 -7.01 11.25
CA GLN A 80 0.18 -6.49 12.34
C GLN A 80 -0.44 -5.24 12.94
N LYS A 81 -0.90 -4.34 12.08
CA LYS A 81 -1.52 -3.09 12.52
C LYS A 81 -3.04 -3.20 12.45
N THR A 82 -3.72 -2.18 12.97
CA THR A 82 -5.18 -2.15 12.96
C THR A 82 -5.70 -0.72 13.04
N LEU A 83 -6.34 -0.27 11.96
CA LEU A 83 -6.88 1.08 11.92
C LEU A 83 -7.98 1.27 12.97
N PRO A 84 -8.23 2.53 13.35
CA PRO A 84 -9.25 2.87 14.34
C PRO A 84 -10.66 2.63 13.83
N GLY A 85 -11.32 1.60 14.35
CA GLY A 85 -12.68 1.30 13.92
C GLY A 85 -12.76 0.01 13.14
N MET A 86 -11.68 -0.76 13.15
CA MET A 86 -11.63 -2.03 12.43
C MET A 86 -11.28 -3.18 13.39
N ASN A 87 -12.15 -4.19 13.43
CA ASN A 87 -11.92 -5.34 14.30
C ASN A 87 -10.77 -6.18 13.79
N ARG A 88 -10.63 -6.25 12.47
CA ARG A 88 -9.55 -7.03 11.85
C ARG A 88 -8.34 -6.14 11.57
N PRO A 89 -7.15 -6.77 11.52
CA PRO A 89 -5.90 -6.05 11.25
C PRO A 89 -5.81 -5.57 9.81
N ILE A 90 -4.71 -4.87 9.49
CA ILE A 90 -4.52 -4.35 8.15
C ILE A 90 -3.85 -5.39 7.25
N GLN A 91 -4.53 -5.74 6.17
CA GLN A 91 -4.01 -6.73 5.22
C GLN A 91 -3.40 -6.04 4.00
N VAL A 92 -2.11 -6.27 3.78
CA VAL A 92 -1.41 -5.68 2.65
C VAL A 92 -0.64 -6.73 1.86
N LYS A 93 -1.01 -6.90 0.59
CA LYS A 93 -0.36 -7.87 -0.28
C LYS A 93 0.07 -7.23 -1.59
N PRO A 94 1.11 -7.80 -2.21
CA PRO A 94 1.64 -7.30 -3.49
C PRO A 94 0.68 -7.55 -4.65
N ALA A 95 -0.27 -6.64 -4.83
CA ALA A 95 -1.23 -6.75 -5.91
C ALA A 95 -0.62 -7.41 -7.14
N ALA A 96 0.50 -6.85 -7.60
CA ALA A 96 1.18 -7.37 -8.77
C ALA A 96 2.44 -8.13 -8.37
N SER A 97 2.30 -9.45 -8.19
CA SER A 97 3.43 -10.30 -7.79
C SER A 97 4.12 -10.88 -9.02
N GLU A 98 5.16 -10.17 -9.50
CA GLU A 98 5.90 -10.63 -10.67
C GLU A 98 7.38 -10.82 -10.33
N GLY A 99 7.76 -12.07 -10.06
CA GLY A 99 9.13 -12.37 -9.71
C GLY A 99 9.44 -13.85 -9.77
N ARG A 100 8.51 -14.66 -9.28
CA ARG A 100 8.69 -16.11 -9.27
C ARG A 100 9.14 -16.60 -10.63
N GLY A 101 10.43 -16.92 -10.74
CA GLY A 101 10.98 -17.41 -11.99
C GLY A 101 12.15 -18.35 -11.80
N GLU A 102 13.35 -17.84 -12.02
CA GLU A 102 14.57 -18.64 -11.86
C GLU A 102 14.48 -19.93 -12.68
N SER A 103 13.96 -19.81 -13.91
CA SER A 103 13.82 -20.96 -14.79
C SER A 103 15.19 -21.53 -15.17
N GLY A 104 15.33 -22.85 -15.03
CA GLY A 104 16.59 -23.49 -15.37
C GLY A 104 16.51 -25.00 -15.28
N PRO A 105 17.39 -25.69 -16.01
CA PRO A 105 17.43 -27.16 -16.02
C PRO A 105 17.94 -27.73 -14.71
N SER A 106 17.25 -28.75 -14.21
CA SER A 106 17.63 -29.39 -12.96
C SER A 106 18.72 -30.43 -13.18
N SER A 107 19.18 -31.04 -12.10
CA SER A 107 20.23 -32.06 -12.18
C SER A 107 19.62 -33.46 -12.23
N GLY A 108 20.40 -34.42 -12.71
CA GLY A 108 19.92 -35.79 -12.80
C GLY A 108 19.67 -36.22 -14.22
N GLY A 1 16.77 12.50 8.93
CA GLY A 1 16.16 12.59 7.61
C GLY A 1 15.82 14.01 7.23
N SER A 2 15.76 14.27 5.92
CA SER A 2 15.44 15.61 5.43
C SER A 2 14.99 15.55 3.97
N SER A 3 14.57 16.69 3.43
CA SER A 3 14.10 16.77 2.06
C SER A 3 13.84 18.23 1.66
N GLY A 4 13.98 18.51 0.37
CA GLY A 4 13.76 19.85 -0.12
C GLY A 4 12.95 19.88 -1.40
N SER A 5 13.47 20.56 -2.42
CA SER A 5 12.77 20.66 -3.70
C SER A 5 12.39 19.28 -4.22
N SER A 6 11.09 19.05 -4.36
CA SER A 6 10.58 17.77 -4.85
C SER A 6 10.11 17.89 -6.29
N GLY A 7 9.80 16.74 -6.89
CA GLY A 7 9.34 16.74 -8.27
C GLY A 7 8.74 15.40 -8.68
N VAL A 8 8.91 15.05 -9.95
CA VAL A 8 8.38 13.79 -10.47
C VAL A 8 9.00 12.59 -9.74
N PRO A 9 8.15 11.67 -9.30
CA PRO A 9 8.59 10.46 -8.59
C PRO A 9 9.33 9.49 -9.49
N MET A 10 9.97 8.49 -8.89
CA MET A 10 10.72 7.50 -9.64
C MET A 10 10.65 6.13 -8.96
N LYS A 11 10.25 5.12 -9.72
CA LYS A 11 10.14 3.76 -9.19
C LYS A 11 11.17 2.84 -9.83
N ASP A 12 11.45 1.72 -9.18
CA ASP A 12 12.41 0.76 -9.69
C ASP A 12 11.76 -0.17 -10.71
N HIS A 13 12.58 -0.77 -11.57
CA HIS A 13 12.09 -1.68 -12.59
C HIS A 13 11.37 -2.87 -11.96
N ASP A 14 11.91 -3.35 -10.85
CA ASP A 14 11.32 -4.49 -10.15
C ASP A 14 10.28 -4.02 -9.14
N ALA A 15 10.07 -2.71 -9.08
CA ALA A 15 9.10 -2.13 -8.15
C ALA A 15 7.85 -3.00 -8.05
N ILE A 16 7.13 -2.86 -6.95
CA ILE A 16 5.92 -3.63 -6.73
C ILE A 16 4.76 -2.74 -6.28
N LYS A 17 3.56 -3.08 -6.70
CA LYS A 17 2.37 -2.31 -6.33
C LYS A 17 1.59 -3.01 -5.23
N LEU A 18 1.67 -2.48 -4.01
CA LEU A 18 0.97 -3.04 -2.87
C LEU A 18 -0.50 -2.63 -2.88
N PHE A 19 -1.36 -3.51 -2.37
CA PHE A 19 -2.78 -3.23 -2.32
C PHE A 19 -3.33 -3.46 -0.90
N VAL A 20 -4.17 -2.54 -0.45
CA VAL A 20 -4.76 -2.63 0.88
C VAL A 20 -6.25 -2.90 0.80
N GLY A 21 -6.73 -3.83 1.63
CA GLY A 21 -8.14 -4.16 1.63
C GLY A 21 -8.74 -4.14 3.03
N GLN A 22 -8.21 -3.26 3.87
CA GLN A 22 -8.69 -3.14 5.25
C GLN A 22 -8.91 -1.67 5.61
N ILE A 23 -9.44 -0.90 4.67
CA ILE A 23 -9.69 0.51 4.90
C ILE A 23 -11.18 0.77 5.16
N PRO A 24 -11.50 1.25 6.36
CA PRO A 24 -12.88 1.56 6.76
C PRO A 24 -13.44 2.77 6.02
N ARG A 25 -14.57 3.28 6.51
CA ARG A 25 -15.21 4.44 5.90
C ARG A 25 -15.06 5.67 6.78
N GLY A 26 -14.40 6.70 6.26
CA GLY A 26 -14.20 7.92 7.02
C GLY A 26 -12.80 8.48 6.87
N LEU A 27 -11.86 7.62 6.49
CA LEU A 27 -10.48 8.04 6.31
C LEU A 27 -10.12 8.12 4.83
N ASP A 28 -8.95 8.68 4.53
CA ASP A 28 -8.49 8.82 3.16
C ASP A 28 -6.99 8.57 3.06
N GLU A 29 -6.46 8.68 1.84
CA GLU A 29 -5.03 8.47 1.61
C GLU A 29 -4.19 9.39 2.50
N GLN A 30 -4.77 10.52 2.87
CA GLN A 30 -4.08 11.49 3.72
C GLN A 30 -3.89 10.94 5.13
N ASP A 31 -4.72 9.97 5.50
CA ASP A 31 -4.64 9.36 6.83
C ASP A 31 -3.80 8.08 6.78
N LEU A 32 -3.63 7.53 5.58
CA LEU A 32 -2.86 6.30 5.41
C LEU A 32 -1.41 6.62 5.05
N LYS A 33 -1.20 7.78 4.43
CA LYS A 33 0.14 8.20 4.03
C LYS A 33 1.07 8.23 5.24
N PRO A 34 0.59 8.78 6.36
CA PRO A 34 1.37 8.88 7.59
C PRO A 34 2.03 7.56 7.97
N LEU A 35 1.25 6.49 7.95
CA LEU A 35 1.76 5.17 8.29
C LEU A 35 2.72 4.66 7.22
N PHE A 36 2.29 4.77 5.96
CA PHE A 36 3.12 4.32 4.83
C PHE A 36 4.41 5.13 4.75
N GLU A 37 4.38 6.34 5.29
CA GLU A 37 5.54 7.21 5.28
C GLU A 37 6.50 6.85 6.41
N GLU A 38 6.11 5.89 7.22
CA GLU A 38 6.93 5.45 8.35
C GLU A 38 7.98 4.43 7.89
N PHE A 39 7.73 3.82 6.73
CA PHE A 39 8.64 2.83 6.18
C PHE A 39 9.50 3.43 5.08
N GLY A 40 8.89 4.27 4.25
CA GLY A 40 9.61 4.90 3.16
C GLY A 40 8.75 5.85 2.36
N ARG A 41 9.37 6.56 1.42
CA ARG A 41 8.64 7.51 0.58
C ARG A 41 7.67 6.80 -0.33
N ILE A 42 6.43 7.27 -0.35
CA ILE A 42 5.40 6.67 -1.20
C ILE A 42 5.54 7.11 -2.65
N TYR A 43 5.03 6.30 -3.57
CA TYR A 43 5.10 6.61 -4.99
C TYR A 43 3.73 6.96 -5.54
N GLU A 44 2.74 6.14 -5.21
CA GLU A 44 1.37 6.36 -5.67
C GLU A 44 0.36 5.86 -4.64
N LEU A 45 -0.72 6.62 -4.46
CA LEU A 45 -1.76 6.25 -3.51
C LEU A 45 -3.13 6.66 -4.03
N THR A 46 -3.98 5.67 -4.27
CA THR A 46 -5.33 5.92 -4.77
C THR A 46 -6.33 4.91 -4.20
N VAL A 47 -7.37 5.42 -3.56
CA VAL A 47 -8.39 4.57 -2.97
C VAL A 47 -9.35 4.04 -4.04
N LEU A 48 -9.94 2.88 -3.78
CA LEU A 48 -10.88 2.27 -4.71
C LEU A 48 -12.32 2.54 -4.30
N LYS A 49 -13.17 2.83 -5.27
CA LYS A 49 -14.58 3.10 -5.00
C LYS A 49 -15.47 2.38 -6.01
N ASP A 50 -16.69 2.06 -5.59
CA ASP A 50 -17.64 1.37 -6.46
C ASP A 50 -17.68 2.02 -7.83
N ARG A 51 -18.40 1.39 -8.76
CA ARG A 51 -18.52 1.91 -10.11
C ARG A 51 -19.94 2.40 -10.38
N LEU A 52 -20.91 1.81 -9.70
CA LEU A 52 -22.31 2.20 -9.87
C LEU A 52 -22.60 3.49 -9.12
N THR A 53 -22.11 3.59 -7.89
CA THR A 53 -22.32 4.77 -7.07
C THR A 53 -21.03 5.58 -6.93
N GLY A 54 -19.90 4.88 -6.86
CA GLY A 54 -18.62 5.54 -6.72
C GLY A 54 -18.26 5.82 -5.28
N LEU A 55 -18.91 5.11 -4.36
CA LEU A 55 -18.66 5.29 -2.93
C LEU A 55 -17.48 4.44 -2.48
N HIS A 56 -16.69 4.98 -1.56
CA HIS A 56 -15.52 4.28 -1.04
C HIS A 56 -15.87 2.83 -0.69
N LYS A 57 -15.26 1.89 -1.40
CA LYS A 57 -15.50 0.47 -1.16
C LYS A 57 -14.82 0.00 0.11
N GLY A 58 -13.50 0.21 0.19
CA GLY A 58 -12.75 -0.20 1.36
C GLY A 58 -11.37 -0.74 1.01
N CYS A 59 -10.70 -0.04 0.10
CA CYS A 59 -9.35 -0.45 -0.33
C CYS A 59 -8.64 0.69 -1.04
N ALA A 60 -7.35 0.51 -1.30
CA ALA A 60 -6.55 1.52 -1.99
C ALA A 60 -5.25 0.93 -2.53
N PHE A 61 -4.83 1.42 -3.68
CA PHE A 61 -3.61 0.94 -4.31
C PHE A 61 -2.42 1.79 -3.91
N LEU A 62 -1.46 1.17 -3.22
CA LEU A 62 -0.26 1.88 -2.76
C LEU A 62 0.98 1.32 -3.45
N THR A 63 1.80 2.22 -3.99
CA THR A 63 3.03 1.82 -4.67
C THR A 63 4.25 2.47 -4.03
N TYR A 64 5.26 1.67 -3.74
CA TYR A 64 6.49 2.17 -3.13
C TYR A 64 7.56 2.42 -4.18
N CYS A 65 8.36 3.47 -3.96
CA CYS A 65 9.42 3.83 -4.89
C CYS A 65 10.45 2.71 -5.01
N ALA A 66 10.63 1.97 -3.91
CA ALA A 66 11.58 0.88 -3.89
C ALA A 66 10.93 -0.41 -3.37
N ARG A 67 11.19 -1.52 -4.06
CA ARG A 67 10.63 -2.80 -3.67
C ARG A 67 10.84 -3.07 -2.19
N ASP A 68 11.97 -2.60 -1.66
CA ASP A 68 12.30 -2.79 -0.26
C ASP A 68 11.24 -2.15 0.63
N SER A 69 11.04 -0.84 0.47
CA SER A 69 10.05 -0.11 1.26
C SER A 69 8.70 -0.83 1.24
N ALA A 70 8.40 -1.48 0.13
CA ALA A 70 7.14 -2.21 -0.01
C ALA A 70 7.16 -3.49 0.83
N LEU A 71 8.23 -4.26 0.71
CA LEU A 71 8.36 -5.50 1.46
C LEU A 71 8.19 -5.27 2.95
N LYS A 72 8.95 -4.31 3.49
CA LYS A 72 8.88 -3.98 4.91
C LYS A 72 7.45 -3.60 5.31
N ALA A 73 6.98 -2.46 4.80
CA ALA A 73 5.63 -2.00 5.11
C ALA A 73 4.61 -3.09 4.85
N GLN A 74 4.92 -4.00 3.95
CA GLN A 74 4.02 -5.10 3.61
C GLN A 74 3.96 -6.12 4.74
N SER A 75 5.10 -6.75 5.01
CA SER A 75 5.17 -7.75 6.07
C SER A 75 5.21 -7.10 7.45
N ALA A 76 5.30 -5.77 7.46
CA ALA A 76 5.34 -5.01 8.71
C ALA A 76 3.96 -4.52 9.10
N LEU A 77 3.06 -4.42 8.11
CA LEU A 77 1.70 -3.96 8.35
C LEU A 77 0.70 -5.09 8.18
N HIS A 78 0.95 -5.95 7.20
CA HIS A 78 0.08 -7.09 6.93
C HIS A 78 -0.20 -7.87 8.21
N GLU A 79 -1.42 -7.72 8.73
CA GLU A 79 -1.81 -8.42 9.95
C GLU A 79 -0.93 -8.01 11.12
N GLN A 80 -0.56 -6.73 11.16
CA GLN A 80 0.29 -6.20 12.22
C GLN A 80 -0.36 -5.00 12.89
N LYS A 81 -0.90 -4.10 12.08
CA LYS A 81 -1.56 -2.89 12.59
C LYS A 81 -3.07 -3.06 12.60
N THR A 82 -3.74 -2.26 13.41
CA THR A 82 -5.20 -2.32 13.51
C THR A 82 -5.81 -0.92 13.45
N LEU A 83 -6.36 -0.57 12.29
CA LEU A 83 -6.99 0.73 12.10
C LEU A 83 -8.09 0.96 13.12
N PRO A 84 -8.39 2.24 13.40
CA PRO A 84 -9.44 2.62 14.36
C PRO A 84 -10.84 2.30 13.84
N GLY A 85 -11.56 1.49 14.59
CA GLY A 85 -12.91 1.11 14.20
C GLY A 85 -12.95 -0.15 13.37
N MET A 86 -11.80 -0.83 13.26
CA MET A 86 -11.70 -2.05 12.49
C MET A 86 -11.30 -3.22 13.38
N ASN A 87 -12.28 -4.01 13.81
CA ASN A 87 -12.04 -5.16 14.66
C ASN A 87 -10.85 -5.97 14.15
N ARG A 88 -10.70 -6.02 12.83
CA ARG A 88 -9.61 -6.76 12.21
C ARG A 88 -8.47 -5.82 11.82
N PRO A 89 -7.25 -6.38 11.72
CA PRO A 89 -6.05 -5.62 11.36
C PRO A 89 -6.08 -5.16 9.90
N ILE A 90 -4.93 -4.71 9.41
CA ILE A 90 -4.82 -4.25 8.03
C ILE A 90 -4.20 -5.33 7.14
N GLN A 91 -4.73 -5.46 5.94
CA GLN A 91 -4.23 -6.45 4.99
C GLN A 91 -3.57 -5.78 3.79
N VAL A 92 -2.29 -6.07 3.60
CA VAL A 92 -1.53 -5.48 2.49
C VAL A 92 -0.73 -6.55 1.76
N LYS A 93 -0.93 -6.65 0.45
CA LYS A 93 -0.22 -7.62 -0.37
C LYS A 93 0.21 -7.01 -1.70
N PRO A 94 1.24 -7.59 -2.31
CA PRO A 94 1.78 -7.12 -3.61
C PRO A 94 0.81 -7.39 -4.75
N ALA A 95 -0.13 -6.48 -4.96
CA ALA A 95 -1.11 -6.62 -6.03
C ALA A 95 -0.47 -7.22 -7.29
N ALA A 96 -0.74 -8.49 -7.53
CA ALA A 96 -0.19 -9.18 -8.69
C ALA A 96 -0.90 -10.50 -8.94
N SER A 97 -0.58 -11.14 -10.07
CA SER A 97 -1.20 -12.42 -10.42
C SER A 97 -0.79 -13.51 -9.44
N GLU A 98 -1.78 -14.13 -8.80
CA GLU A 98 -1.52 -15.19 -7.84
C GLU A 98 -1.96 -16.54 -8.39
N GLY A 99 -0.99 -17.41 -8.67
CA GLY A 99 -1.28 -18.72 -9.20
C GLY A 99 -1.18 -19.81 -8.15
N ARG A 100 -0.22 -20.71 -8.33
CA ARG A 100 0.00 -21.80 -7.39
C ARG A 100 1.48 -22.07 -7.19
N GLY A 101 1.97 -21.75 -5.99
CA GLY A 101 3.37 -21.97 -5.68
C GLY A 101 3.61 -22.26 -4.22
N GLU A 102 3.78 -23.55 -3.90
CA GLU A 102 4.01 -23.97 -2.52
C GLU A 102 4.47 -25.42 -2.46
N SER A 103 5.69 -25.62 -1.95
CA SER A 103 6.25 -26.96 -1.84
C SER A 103 7.09 -27.09 -0.58
N GLY A 104 7.23 -28.33 -0.09
CA GLY A 104 8.01 -28.57 1.10
C GLY A 104 7.26 -29.43 2.11
N PRO A 105 7.16 -30.74 1.82
CA PRO A 105 6.47 -31.69 2.71
C PRO A 105 7.23 -31.92 4.00
N SER A 106 6.68 -32.79 4.85
CA SER A 106 7.31 -33.11 6.13
C SER A 106 6.58 -34.25 6.82
N SER A 107 7.17 -34.78 7.89
CA SER A 107 6.59 -35.88 8.65
C SER A 107 5.15 -35.55 9.04
N GLY A 108 4.99 -34.42 9.75
CA GLY A 108 3.67 -34.02 10.19
C GLY A 108 3.63 -32.59 10.68
N GLY A 1 12.22 18.41 10.61
CA GLY A 1 11.54 17.74 9.52
C GLY A 1 11.75 18.42 8.18
N SER A 2 12.77 17.97 7.45
CA SER A 2 13.10 18.55 6.16
C SER A 2 12.47 17.74 5.03
N SER A 3 11.53 18.36 4.32
CA SER A 3 10.84 17.70 3.22
C SER A 3 10.17 18.72 2.30
N GLY A 4 9.78 18.27 1.11
CA GLY A 4 9.14 19.15 0.17
C GLY A 4 8.92 18.50 -1.19
N SER A 5 9.29 19.20 -2.26
CA SER A 5 9.13 18.68 -3.61
C SER A 5 10.45 18.78 -4.39
N SER A 6 11.21 17.69 -4.39
CA SER A 6 12.48 17.66 -5.10
C SER A 6 12.28 17.78 -6.61
N GLY A 7 11.33 17.01 -7.13
CA GLY A 7 11.06 17.03 -8.55
C GLY A 7 10.05 15.97 -8.96
N VAL A 8 10.49 15.03 -9.78
CA VAL A 8 9.64 13.95 -10.26
C VAL A 8 9.91 12.65 -9.51
N PRO A 9 8.85 12.02 -9.01
CA PRO A 9 8.96 10.75 -8.27
C PRO A 9 9.35 9.59 -9.17
N MET A 10 10.46 8.94 -8.84
CA MET A 10 10.94 7.80 -9.61
C MET A 10 10.82 6.51 -8.82
N LYS A 11 10.74 5.39 -9.53
CA LYS A 11 10.63 4.08 -8.89
C LYS A 11 11.67 3.12 -9.44
N ASP A 12 11.60 1.86 -9.01
CA ASP A 12 12.53 0.84 -9.45
C ASP A 12 11.88 -0.07 -10.49
N HIS A 13 12.71 -0.71 -11.31
CA HIS A 13 12.22 -1.60 -12.36
C HIS A 13 11.51 -2.81 -11.76
N ASP A 14 12.01 -3.26 -10.60
CA ASP A 14 11.42 -4.42 -9.93
C ASP A 14 10.40 -3.97 -8.89
N ALA A 15 10.07 -2.68 -8.90
CA ALA A 15 9.11 -2.13 -7.96
C ALA A 15 7.90 -3.03 -7.81
N ILE A 16 7.10 -2.80 -6.78
CA ILE A 16 5.90 -3.59 -6.52
C ILE A 16 4.72 -2.71 -6.15
N LYS A 17 3.52 -3.15 -6.50
CA LYS A 17 2.31 -2.39 -6.19
C LYS A 17 1.52 -3.08 -5.08
N LEU A 18 1.61 -2.52 -3.88
CA LEU A 18 0.91 -3.08 -2.72
C LEU A 18 -0.56 -2.67 -2.74
N PHE A 19 -1.43 -3.56 -2.28
CA PHE A 19 -2.86 -3.29 -2.24
C PHE A 19 -3.42 -3.53 -0.83
N VAL A 20 -4.09 -2.52 -0.30
CA VAL A 20 -4.68 -2.63 1.04
C VAL A 20 -6.18 -2.85 0.96
N GLY A 21 -6.69 -3.75 1.81
CA GLY A 21 -8.11 -4.03 1.83
C GLY A 21 -8.71 -3.93 3.21
N GLN A 22 -8.20 -3.00 4.01
CA GLN A 22 -8.69 -2.80 5.36
C GLN A 22 -8.91 -1.32 5.66
N ILE A 23 -9.46 -0.60 4.69
CA ILE A 23 -9.72 0.82 4.85
C ILE A 23 -11.19 1.09 5.13
N PRO A 24 -11.48 1.56 6.36
CA PRO A 24 -12.86 1.88 6.78
C PRO A 24 -13.42 3.09 6.06
N ARG A 25 -14.66 3.43 6.38
CA ARG A 25 -15.32 4.58 5.76
C ARG A 25 -15.16 5.83 6.62
N GLY A 26 -14.48 6.83 6.08
CA GLY A 26 -14.27 8.07 6.82
C GLY A 26 -12.87 8.61 6.65
N LEU A 27 -11.91 7.72 6.43
CA LEU A 27 -10.52 8.12 6.25
C LEU A 27 -10.13 8.10 4.78
N ASP A 28 -9.05 8.78 4.44
CA ASP A 28 -8.57 8.85 3.07
C ASP A 28 -7.05 8.66 3.00
N GLU A 29 -6.50 8.80 1.81
CA GLU A 29 -5.05 8.65 1.62
C GLU A 29 -4.29 9.59 2.54
N GLN A 30 -4.97 10.61 3.04
CA GLN A 30 -4.35 11.58 3.94
C GLN A 30 -4.08 10.96 5.31
N ASP A 31 -4.85 9.94 5.64
CA ASP A 31 -4.69 9.25 6.92
C ASP A 31 -3.88 7.98 6.76
N LEU A 32 -3.65 7.57 5.53
CA LEU A 32 -2.88 6.37 5.24
C LEU A 32 -1.43 6.71 4.93
N LYS A 33 -1.22 7.86 4.31
CA LYS A 33 0.13 8.31 3.96
C LYS A 33 1.05 8.24 5.17
N PRO A 34 0.57 8.73 6.32
CA PRO A 34 1.33 8.73 7.57
C PRO A 34 1.98 7.38 7.86
N LEU A 35 1.16 6.34 7.90
CA LEU A 35 1.66 4.99 8.16
C LEU A 35 2.64 4.55 7.08
N PHE A 36 2.21 4.61 5.83
CA PHE A 36 3.06 4.22 4.71
C PHE A 36 4.36 5.02 4.71
N GLU A 37 4.30 6.24 5.23
CA GLU A 37 5.47 7.10 5.27
C GLU A 37 6.41 6.69 6.41
N GLU A 38 5.92 5.79 7.27
CA GLU A 38 6.70 5.31 8.39
C GLU A 38 7.71 4.25 7.94
N PHE A 39 7.47 3.69 6.75
CA PHE A 39 8.35 2.67 6.20
C PHE A 39 9.20 3.23 5.07
N GLY A 40 8.56 3.91 4.13
CA GLY A 40 9.27 4.49 3.01
C GLY A 40 8.47 5.55 2.29
N ARG A 41 9.10 6.25 1.36
CA ARG A 41 8.44 7.30 0.60
C ARG A 41 7.48 6.70 -0.43
N ILE A 42 6.20 7.06 -0.32
CA ILE A 42 5.19 6.56 -1.24
C ILE A 42 5.40 7.10 -2.65
N TYR A 43 5.13 6.26 -3.64
CA TYR A 43 5.30 6.65 -5.04
C TYR A 43 3.96 7.04 -5.66
N GLU A 44 2.89 6.41 -5.17
CA GLU A 44 1.56 6.68 -5.69
C GLU A 44 0.50 5.97 -4.84
N LEU A 45 -0.46 6.75 -4.34
CA LEU A 45 -1.52 6.21 -3.51
C LEU A 45 -2.89 6.57 -4.09
N THR A 46 -3.74 5.56 -4.25
CA THR A 46 -5.08 5.77 -4.78
C THR A 46 -6.10 4.86 -4.09
N VAL A 47 -7.27 5.42 -3.80
CA VAL A 47 -8.33 4.67 -3.13
C VAL A 47 -9.36 4.17 -4.14
N LEU A 48 -9.78 2.92 -3.99
CA LEU A 48 -10.76 2.32 -4.88
C LEU A 48 -12.17 2.59 -4.39
N LYS A 49 -13.09 2.85 -5.33
CA LYS A 49 -14.48 3.11 -5.00
C LYS A 49 -15.41 2.39 -5.96
N ASP A 50 -16.70 2.36 -5.61
CA ASP A 50 -17.70 1.71 -6.44
C ASP A 50 -18.05 2.56 -7.65
N ARG A 51 -18.99 2.09 -8.47
CA ARG A 51 -19.42 2.81 -9.66
C ARG A 51 -20.90 3.15 -9.60
N LEU A 52 -21.73 2.12 -9.50
CA LEU A 52 -23.18 2.31 -9.43
C LEU A 52 -23.56 3.12 -8.20
N THR A 53 -22.89 2.84 -7.08
CA THR A 53 -23.16 3.56 -5.84
C THR A 53 -22.11 4.63 -5.58
N GLY A 54 -20.84 4.28 -5.76
CA GLY A 54 -19.77 5.23 -5.54
C GLY A 54 -19.41 5.36 -4.08
N LEU A 55 -19.64 4.30 -3.31
CA LEU A 55 -19.34 4.32 -1.88
C LEU A 55 -17.98 3.69 -1.61
N HIS A 56 -17.18 4.34 -0.79
CA HIS A 56 -15.85 3.84 -0.44
C HIS A 56 -15.89 2.35 -0.16
N LYS A 57 -15.53 1.55 -1.16
CA LYS A 57 -15.53 0.10 -1.02
C LYS A 57 -14.75 -0.33 0.23
N GLY A 58 -13.58 0.27 0.42
CA GLY A 58 -12.77 -0.05 1.58
C GLY A 58 -11.42 -0.62 1.18
N CYS A 59 -10.86 -0.12 0.09
CA CYS A 59 -9.56 -0.58 -0.39
C CYS A 59 -8.83 0.52 -1.12
N ALA A 60 -7.52 0.34 -1.31
CA ALA A 60 -6.70 1.33 -2.00
C ALA A 60 -5.41 0.71 -2.52
N PHE A 61 -4.93 1.20 -3.66
CA PHE A 61 -3.71 0.69 -4.26
C PHE A 61 -2.51 1.56 -3.87
N LEU A 62 -1.58 0.96 -3.12
CA LEU A 62 -0.39 1.67 -2.68
C LEU A 62 0.84 1.21 -3.46
N THR A 63 1.67 2.17 -3.86
CA THR A 63 2.88 1.85 -4.62
C THR A 63 4.10 2.53 -4.00
N TYR A 64 5.12 1.73 -3.69
CA TYR A 64 6.34 2.26 -3.09
C TYR A 64 7.40 2.53 -4.16
N CYS A 65 8.26 3.51 -3.90
CA CYS A 65 9.32 3.87 -4.83
C CYS A 65 10.45 2.83 -4.80
N ALA A 66 10.65 2.21 -3.65
CA ALA A 66 11.69 1.20 -3.50
C ALA A 66 11.09 -0.18 -3.26
N ARG A 67 11.74 -1.20 -3.80
CA ARG A 67 11.27 -2.58 -3.65
C ARG A 67 11.25 -2.99 -2.18
N ASP A 68 12.17 -2.43 -1.40
CA ASP A 68 12.25 -2.73 0.03
C ASP A 68 11.12 -2.07 0.80
N SER A 69 10.98 -0.76 0.63
CA SER A 69 9.93 0.00 1.31
C SER A 69 8.61 -0.76 1.28
N ALA A 70 8.36 -1.44 0.17
CA ALA A 70 7.12 -2.20 0.01
C ALA A 70 7.16 -3.48 0.84
N LEU A 71 8.19 -4.30 0.63
CA LEU A 71 8.34 -5.55 1.36
C LEU A 71 8.20 -5.33 2.87
N LYS A 72 8.92 -4.34 3.38
CA LYS A 72 8.88 -4.01 4.80
C LYS A 72 7.45 -3.68 5.24
N ALA A 73 6.93 -2.55 4.76
CA ALA A 73 5.59 -2.12 5.10
C ALA A 73 4.59 -3.26 4.92
N GLN A 74 4.82 -4.09 3.90
CA GLN A 74 3.94 -5.21 3.62
C GLN A 74 3.95 -6.22 4.77
N SER A 75 5.14 -6.72 5.10
CA SER A 75 5.28 -7.69 6.18
C SER A 75 5.29 -6.99 7.54
N ALA A 76 5.29 -5.67 7.51
CA ALA A 76 5.31 -4.87 8.74
C ALA A 76 3.91 -4.39 9.09
N LEU A 77 3.02 -4.37 8.10
CA LEU A 77 1.66 -3.92 8.30
C LEU A 77 0.68 -5.08 8.15
N HIS A 78 0.87 -5.88 7.10
CA HIS A 78 0.01 -7.03 6.84
C HIS A 78 -0.20 -7.84 8.12
N GLU A 79 -1.41 -7.77 8.66
CA GLU A 79 -1.75 -8.50 9.88
C GLU A 79 -0.83 -8.09 11.02
N GLN A 80 -0.51 -6.79 11.08
CA GLN A 80 0.35 -6.27 12.14
C GLN A 80 -0.28 -5.05 12.80
N LYS A 81 -0.81 -4.15 11.97
CA LYS A 81 -1.44 -2.93 12.48
C LYS A 81 -2.96 -3.07 12.50
N THR A 82 -3.62 -2.29 13.35
CA THR A 82 -5.07 -2.33 13.45
C THR A 82 -5.66 -0.92 13.45
N LEU A 83 -6.15 -0.50 12.29
CA LEU A 83 -6.74 0.83 12.15
C LEU A 83 -7.87 1.03 13.16
N PRO A 84 -8.15 2.30 13.48
CA PRO A 84 -9.20 2.67 14.43
C PRO A 84 -10.59 2.40 13.88
N GLY A 85 -11.34 1.53 14.57
CA GLY A 85 -12.69 1.20 14.13
C GLY A 85 -12.74 -0.12 13.39
N MET A 86 -11.59 -0.76 13.21
CA MET A 86 -11.51 -2.03 12.52
C MET A 86 -11.13 -3.15 13.48
N ASN A 87 -12.02 -4.12 13.64
CA ASN A 87 -11.77 -5.25 14.53
C ASN A 87 -10.60 -6.09 14.03
N ARG A 88 -10.44 -6.16 12.71
CA ARG A 88 -9.36 -6.93 12.11
C ARG A 88 -8.22 -6.02 11.69
N PRO A 89 -7.01 -6.59 11.59
CA PRO A 89 -5.81 -5.85 11.19
C PRO A 89 -5.84 -5.43 9.73
N ILE A 90 -4.82 -4.68 9.31
CA ILE A 90 -4.74 -4.22 7.94
C ILE A 90 -4.05 -5.25 7.05
N GLN A 91 -4.67 -5.55 5.92
CA GLN A 91 -4.12 -6.53 4.99
C GLN A 91 -3.49 -5.83 3.79
N VAL A 92 -2.19 -6.05 3.59
CA VAL A 92 -1.47 -5.44 2.48
C VAL A 92 -0.66 -6.49 1.72
N LYS A 93 -1.07 -6.75 0.47
CA LYS A 93 -0.39 -7.72 -0.37
C LYS A 93 0.04 -7.10 -1.69
N PRO A 94 1.08 -7.68 -2.31
CA PRO A 94 1.60 -7.19 -3.60
C PRO A 94 0.64 -7.45 -4.75
N ALA A 95 -0.28 -6.51 -4.97
CA ALA A 95 -1.25 -6.62 -6.05
C ALA A 95 -0.62 -7.21 -7.30
N ALA A 96 -1.30 -8.19 -7.89
CA ALA A 96 -0.81 -8.84 -9.11
C ALA A 96 0.55 -9.50 -8.86
N SER A 97 0.60 -10.37 -7.86
CA SER A 97 1.83 -11.07 -7.51
C SER A 97 1.53 -12.43 -6.89
N GLU A 98 1.78 -13.49 -7.66
CA GLU A 98 1.54 -14.85 -7.18
C GLU A 98 2.73 -15.37 -6.39
N GLY A 99 2.52 -16.45 -5.65
CA GLY A 99 3.58 -17.03 -4.85
C GLY A 99 4.02 -16.11 -3.73
N ARG A 100 5.01 -16.56 -2.94
CA ARG A 100 5.52 -15.77 -1.84
C ARG A 100 6.81 -15.05 -2.24
N GLY A 101 7.07 -13.93 -1.56
CA GLY A 101 8.27 -13.16 -1.86
C GLY A 101 9.52 -13.78 -1.27
N GLU A 102 9.86 -14.98 -1.74
CA GLU A 102 11.04 -15.68 -1.24
C GLU A 102 12.28 -15.26 -2.02
N SER A 103 12.97 -14.24 -1.52
CA SER A 103 14.18 -13.73 -2.17
C SER A 103 15.42 -14.05 -1.34
N GLY A 104 16.29 -14.89 -1.89
CA GLY A 104 17.51 -15.26 -1.19
C GLY A 104 18.65 -14.31 -1.47
N PRO A 105 19.53 -14.12 -0.48
CA PRO A 105 20.69 -13.24 -0.60
C PRO A 105 21.75 -13.78 -1.54
N SER A 106 22.28 -12.92 -2.40
CA SER A 106 23.29 -13.32 -3.37
C SER A 106 23.98 -12.11 -3.98
N SER A 107 25.30 -12.13 -4.02
CA SER A 107 26.08 -11.03 -4.58
C SER A 107 25.97 -11.01 -6.10
N GLY A 108 26.54 -9.97 -6.71
CA GLY A 108 26.49 -9.85 -8.16
C GLY A 108 25.19 -9.26 -8.66
N GLY A 1 14.86 16.37 2.30
CA GLY A 1 15.68 17.33 1.59
C GLY A 1 15.04 18.71 1.53
N SER A 2 15.25 19.51 2.57
CA SER A 2 14.68 20.85 2.63
C SER A 2 15.16 21.70 1.46
N SER A 3 16.47 21.75 1.28
CA SER A 3 17.06 22.53 0.19
C SER A 3 17.71 21.62 -0.84
N GLY A 4 17.35 21.81 -2.11
CA GLY A 4 17.90 21.00 -3.17
C GLY A 4 17.05 21.02 -4.42
N SER A 5 16.95 19.88 -5.10
CA SER A 5 16.17 19.78 -6.32
C SER A 5 15.12 18.68 -6.19
N SER A 6 13.91 18.98 -6.65
CA SER A 6 12.81 18.03 -6.59
C SER A 6 11.80 18.29 -7.70
N GLY A 7 11.44 17.23 -8.43
CA GLY A 7 10.49 17.37 -9.52
C GLY A 7 9.64 16.13 -9.70
N VAL A 8 10.23 15.10 -10.31
CA VAL A 8 9.51 13.85 -10.54
C VAL A 8 10.09 12.72 -9.69
N PRO A 9 9.20 11.93 -9.07
CA PRO A 9 9.60 10.80 -8.23
C PRO A 9 10.21 9.66 -9.03
N MET A 10 11.18 8.98 -8.43
CA MET A 10 11.85 7.86 -9.10
C MET A 10 11.38 6.53 -8.52
N LYS A 11 11.38 5.49 -9.34
CA LYS A 11 10.96 4.17 -8.91
C LYS A 11 12.02 3.13 -9.23
N ASP A 12 11.71 1.86 -8.98
CA ASP A 12 12.64 0.77 -9.24
C ASP A 12 12.09 -0.16 -10.32
N HIS A 13 12.90 -0.40 -11.35
CA HIS A 13 12.50 -1.26 -12.45
C HIS A 13 11.77 -2.50 -11.93
N ASP A 14 12.21 -3.00 -10.78
CA ASP A 14 11.60 -4.17 -10.18
C ASP A 14 10.78 -3.79 -8.96
N ALA A 15 10.03 -2.70 -9.07
CA ALA A 15 9.19 -2.24 -7.98
C ALA A 15 7.99 -3.15 -7.77
N ILE A 16 7.18 -2.84 -6.77
CA ILE A 16 6.00 -3.63 -6.47
C ILE A 16 4.81 -2.75 -6.07
N LYS A 17 3.60 -3.24 -6.32
CA LYS A 17 2.40 -2.49 -5.98
C LYS A 17 1.65 -3.16 -4.83
N LEU A 18 1.53 -2.44 -3.72
CA LEU A 18 0.84 -2.96 -2.53
C LEU A 18 -0.64 -2.59 -2.57
N PHE A 19 -1.48 -3.52 -2.13
CA PHE A 19 -2.92 -3.30 -2.11
C PHE A 19 -3.49 -3.49 -0.71
N VAL A 20 -4.21 -2.49 -0.22
CA VAL A 20 -4.81 -2.55 1.11
C VAL A 20 -6.29 -2.84 1.04
N GLY A 21 -6.76 -3.77 1.86
CA GLY A 21 -8.17 -4.13 1.87
C GLY A 21 -8.78 -4.05 3.25
N GLN A 22 -8.28 -3.12 4.07
CA GLN A 22 -8.78 -2.95 5.43
C GLN A 22 -9.03 -1.47 5.73
N ILE A 23 -9.58 -0.76 4.76
CA ILE A 23 -9.88 0.66 4.93
C ILE A 23 -11.36 0.90 5.12
N PRO A 24 -11.74 1.39 6.31
CA PRO A 24 -13.14 1.67 6.65
C PRO A 24 -13.69 2.86 5.88
N ARG A 25 -14.86 3.35 6.30
CA ARG A 25 -15.48 4.49 5.65
C ARG A 25 -15.37 5.73 6.52
N GLY A 26 -14.71 6.77 6.00
CA GLY A 26 -14.54 8.00 6.74
C GLY A 26 -13.14 8.55 6.63
N LEU A 27 -12.18 7.67 6.38
CA LEU A 27 -10.78 8.09 6.26
C LEU A 27 -10.34 8.11 4.80
N ASP A 28 -9.16 8.66 4.55
CA ASP A 28 -8.62 8.74 3.20
C ASP A 28 -7.11 8.50 3.19
N GLU A 29 -6.50 8.65 2.03
CA GLU A 29 -5.06 8.45 1.89
C GLU A 29 -4.29 9.36 2.85
N GLN A 30 -4.92 10.47 3.22
CA GLN A 30 -4.29 11.43 4.13
C GLN A 30 -4.05 10.80 5.50
N ASP A 31 -4.79 9.74 5.79
CA ASP A 31 -4.66 9.03 7.07
C ASP A 31 -3.75 7.82 6.94
N LEU A 32 -3.54 7.37 5.70
CA LEU A 32 -2.69 6.21 5.44
C LEU A 32 -1.26 6.64 5.18
N LYS A 33 -1.10 7.80 4.53
CA LYS A 33 0.22 8.33 4.21
C LYS A 33 1.13 8.27 5.44
N PRO A 34 0.61 8.74 6.58
CA PRO A 34 1.36 8.76 7.84
C PRO A 34 2.05 7.43 8.12
N LEU A 35 1.33 6.34 7.91
CA LEU A 35 1.87 5.00 8.14
C LEU A 35 2.86 4.62 7.05
N PHE A 36 2.40 4.70 5.80
CA PHE A 36 3.24 4.35 4.65
C PHE A 36 4.49 5.22 4.62
N GLU A 37 4.42 6.39 5.25
CA GLU A 37 5.53 7.32 5.29
C GLU A 37 6.51 6.95 6.40
N GLU A 38 6.12 5.96 7.21
CA GLU A 38 6.96 5.51 8.32
C GLU A 38 8.00 4.50 7.85
N PHE A 39 7.72 3.88 6.70
CA PHE A 39 8.64 2.88 6.14
C PHE A 39 9.47 3.48 5.02
N GLY A 40 8.81 4.20 4.11
CA GLY A 40 9.51 4.83 3.00
C GLY A 40 8.66 5.86 2.29
N ARG A 41 9.17 6.38 1.18
CA ARG A 41 8.46 7.39 0.40
C ARG A 41 7.50 6.73 -0.58
N ILE A 42 6.23 7.12 -0.52
CA ILE A 42 5.21 6.57 -1.42
C ILE A 42 5.39 7.10 -2.85
N TYR A 43 5.13 6.25 -3.82
CA TYR A 43 5.26 6.62 -5.22
C TYR A 43 3.89 6.94 -5.83
N GLU A 44 2.87 6.24 -5.37
CA GLU A 44 1.52 6.45 -5.86
C GLU A 44 0.48 5.91 -4.88
N LEU A 45 -0.33 6.80 -4.33
CA LEU A 45 -1.36 6.41 -3.37
C LEU A 45 -2.74 6.82 -3.86
N THR A 46 -3.59 5.83 -4.14
CA THR A 46 -4.93 6.09 -4.62
C THR A 46 -5.95 5.17 -3.94
N VAL A 47 -7.19 5.62 -3.87
CA VAL A 47 -8.25 4.84 -3.24
C VAL A 47 -9.30 4.41 -4.27
N LEU A 48 -9.73 3.15 -4.17
CA LEU A 48 -10.73 2.62 -5.09
C LEU A 48 -12.14 2.93 -4.59
N LYS A 49 -12.98 3.45 -5.49
CA LYS A 49 -14.36 3.78 -5.14
C LYS A 49 -15.32 3.19 -6.16
N ASP A 50 -16.59 3.08 -5.76
CA ASP A 50 -17.62 2.53 -6.64
C ASP A 50 -17.92 3.48 -7.78
N ARG A 51 -18.88 3.11 -8.62
CA ARG A 51 -19.27 3.93 -9.76
C ARG A 51 -20.70 4.42 -9.63
N LEU A 52 -21.57 3.54 -9.13
CA LEU A 52 -22.98 3.89 -8.95
C LEU A 52 -23.19 4.66 -7.65
N THR A 53 -22.51 4.22 -6.59
CA THR A 53 -22.62 4.88 -5.29
C THR A 53 -21.43 5.78 -5.03
N GLY A 54 -20.43 5.70 -5.90
CA GLY A 54 -19.24 6.52 -5.75
C GLY A 54 -18.76 6.58 -4.31
N LEU A 55 -19.02 5.52 -3.55
CA LEU A 55 -18.61 5.46 -2.16
C LEU A 55 -17.30 4.70 -2.00
N HIS A 56 -16.76 4.72 -0.79
CA HIS A 56 -15.50 4.02 -0.51
C HIS A 56 -15.71 2.51 -0.44
N LYS A 57 -15.24 1.80 -1.45
CA LYS A 57 -15.37 0.35 -1.50
C LYS A 57 -14.74 -0.30 -0.27
N GLY A 58 -13.50 0.08 0.01
CA GLY A 58 -12.81 -0.48 1.16
C GLY A 58 -11.44 -1.03 0.80
N CYS A 59 -10.71 -0.29 -0.02
CA CYS A 59 -9.38 -0.71 -0.44
C CYS A 59 -8.68 0.40 -1.22
N ALA A 60 -7.35 0.42 -1.15
CA ALA A 60 -6.56 1.44 -1.85
C ALA A 60 -5.34 0.82 -2.51
N PHE A 61 -4.86 1.46 -3.57
CA PHE A 61 -3.69 0.97 -4.29
C PHE A 61 -2.45 1.80 -3.94
N LEU A 62 -1.52 1.18 -3.22
CA LEU A 62 -0.29 1.87 -2.83
C LEU A 62 0.91 1.32 -3.61
N THR A 63 1.78 2.22 -4.03
CA THR A 63 2.98 1.83 -4.78
C THR A 63 4.23 2.48 -4.20
N TYR A 64 5.18 1.65 -3.77
CA TYR A 64 6.41 2.14 -3.20
C TYR A 64 7.46 2.41 -4.29
N CYS A 65 8.23 3.47 -4.10
CA CYS A 65 9.26 3.83 -5.08
C CYS A 65 10.32 2.74 -5.17
N ALA A 66 10.67 2.15 -4.04
CA ALA A 66 11.67 1.10 -4.00
C ALA A 66 11.01 -0.27 -3.94
N ARG A 67 11.84 -1.32 -3.89
CA ARG A 67 11.34 -2.68 -3.83
C ARG A 67 11.22 -3.16 -2.38
N ASP A 68 12.23 -2.82 -1.58
CA ASP A 68 12.24 -3.21 -0.17
C ASP A 68 11.16 -2.46 0.61
N SER A 69 11.08 -1.15 0.40
CA SER A 69 10.09 -0.32 1.09
C SER A 69 8.75 -1.03 1.15
N ALA A 70 8.35 -1.64 0.05
CA ALA A 70 7.08 -2.36 -0.02
C ALA A 70 7.08 -3.58 0.90
N LEU A 71 8.07 -4.44 0.71
CA LEU A 71 8.20 -5.65 1.52
C LEU A 71 8.12 -5.32 3.01
N LYS A 72 8.84 -4.28 3.41
CA LYS A 72 8.85 -3.86 4.81
C LYS A 72 7.45 -3.47 5.27
N ALA A 73 6.95 -2.36 4.76
CA ALA A 73 5.62 -1.89 5.12
C ALA A 73 4.56 -2.97 4.88
N GLN A 74 4.90 -3.94 4.04
CA GLN A 74 3.99 -5.03 3.72
C GLN A 74 3.96 -6.06 4.86
N SER A 75 5.13 -6.55 5.23
CA SER A 75 5.24 -7.54 6.30
C SER A 75 5.17 -6.87 7.67
N ALA A 76 5.22 -5.54 7.68
CA ALA A 76 5.16 -4.79 8.93
C ALA A 76 3.73 -4.32 9.21
N LEU A 77 2.89 -4.33 8.18
CA LEU A 77 1.51 -3.91 8.33
C LEU A 77 0.56 -5.09 8.13
N HIS A 78 0.82 -5.89 7.10
CA HIS A 78 0.00 -7.05 6.81
C HIS A 78 -0.25 -7.87 8.07
N GLU A 79 -1.45 -7.73 8.65
CA GLU A 79 -1.80 -8.45 9.86
C GLU A 79 -0.91 -8.04 11.03
N GLN A 80 -0.58 -6.76 11.08
CA GLN A 80 0.26 -6.23 12.15
C GLN A 80 -0.38 -5.00 12.80
N LYS A 81 -0.92 -4.12 11.96
CA LYS A 81 -1.56 -2.89 12.45
C LYS A 81 -3.08 -3.07 12.49
N THR A 82 -3.74 -2.27 13.31
CA THR A 82 -5.18 -2.33 13.45
C THR A 82 -5.80 -0.93 13.45
N LEU A 83 -6.25 -0.49 12.28
CA LEU A 83 -6.86 0.82 12.14
C LEU A 83 -7.97 1.02 13.17
N PRO A 84 -8.25 2.29 13.50
CA PRO A 84 -9.28 2.65 14.47
C PRO A 84 -10.69 2.38 13.94
N GLY A 85 -11.40 1.45 14.58
CA GLY A 85 -12.75 1.12 14.16
C GLY A 85 -12.81 -0.20 13.42
N MET A 86 -11.66 -0.84 13.24
CA MET A 86 -11.60 -2.12 12.55
C MET A 86 -11.19 -3.23 13.51
N ASN A 87 -12.08 -4.20 13.69
CA ASN A 87 -11.81 -5.33 14.59
C ASN A 87 -10.63 -6.15 14.09
N ARG A 88 -10.47 -6.23 12.78
CA ARG A 88 -9.38 -6.97 12.18
C ARG A 88 -8.24 -6.05 11.76
N PRO A 89 -7.02 -6.60 11.66
CA PRO A 89 -5.83 -5.84 11.28
C PRO A 89 -5.87 -5.41 9.81
N ILE A 90 -4.84 -4.67 9.40
CA ILE A 90 -4.76 -4.20 8.02
C ILE A 90 -4.09 -5.24 7.12
N GLN A 91 -4.70 -5.49 5.97
CA GLN A 91 -4.16 -6.47 5.03
C GLN A 91 -3.52 -5.77 3.83
N VAL A 92 -2.24 -6.02 3.63
CA VAL A 92 -1.51 -5.41 2.52
C VAL A 92 -0.70 -6.45 1.75
N LYS A 93 -1.09 -6.69 0.50
CA LYS A 93 -0.40 -7.66 -0.34
C LYS A 93 0.07 -7.03 -1.64
N PRO A 94 1.11 -7.60 -2.25
CA PRO A 94 1.68 -7.10 -3.51
C PRO A 94 0.74 -7.35 -4.68
N ALA A 95 -0.18 -6.41 -4.91
CA ALA A 95 -1.13 -6.51 -6.00
C ALA A 95 -0.50 -7.19 -7.21
N ALA A 96 0.63 -6.67 -7.67
CA ALA A 96 1.33 -7.23 -8.81
C ALA A 96 2.46 -8.16 -8.36
N SER A 97 2.57 -9.31 -9.04
CA SER A 97 3.59 -10.29 -8.71
C SER A 97 4.29 -10.80 -9.97
N GLU A 98 5.59 -10.99 -9.88
CA GLU A 98 6.39 -11.47 -11.01
C GLU A 98 6.27 -12.99 -11.15
N GLY A 99 6.25 -13.47 -12.39
CA GLY A 99 6.15 -14.90 -12.63
C GLY A 99 7.33 -15.66 -12.07
N ARG A 100 7.10 -16.92 -11.71
CA ARG A 100 8.16 -17.77 -11.16
C ARG A 100 8.91 -18.49 -12.27
N GLY A 101 9.95 -19.23 -11.89
CA GLY A 101 10.74 -19.96 -12.86
C GLY A 101 11.25 -21.28 -12.32
N GLU A 102 11.80 -21.25 -11.12
CA GLU A 102 12.32 -22.45 -10.48
C GLU A 102 11.20 -23.34 -9.96
N SER A 103 10.90 -24.41 -10.69
CA SER A 103 9.84 -25.33 -10.29
C SER A 103 10.40 -26.74 -10.08
N GLY A 104 10.61 -27.10 -8.82
CA GLY A 104 11.14 -28.41 -8.50
C GLY A 104 10.70 -28.90 -7.15
N PRO A 105 9.49 -29.49 -7.09
CA PRO A 105 8.93 -30.01 -5.84
C PRO A 105 9.66 -31.25 -5.34
N SER A 106 10.66 -31.68 -6.11
CA SER A 106 11.44 -32.86 -5.74
C SER A 106 10.55 -34.10 -5.70
N SER A 107 9.72 -34.26 -6.73
CA SER A 107 8.82 -35.41 -6.81
C SER A 107 9.28 -36.39 -7.89
N GLY A 108 9.42 -37.66 -7.51
CA GLY A 108 9.85 -38.67 -8.46
C GLY A 108 11.09 -38.24 -9.23
N GLY A 1 10.26 15.33 7.75
CA GLY A 1 11.12 15.01 6.63
C GLY A 1 11.21 16.13 5.63
N SER A 2 10.34 16.11 4.62
CA SER A 2 10.34 17.13 3.59
C SER A 2 9.08 17.05 2.73
N SER A 3 8.44 18.19 2.50
CA SER A 3 7.22 18.24 1.72
C SER A 3 7.35 19.24 0.57
N GLY A 4 7.71 18.73 -0.61
CA GLY A 4 7.88 19.60 -1.77
C GLY A 4 8.54 18.89 -2.93
N SER A 5 7.72 18.36 -3.84
CA SER A 5 8.24 17.65 -5.01
C SER A 5 8.35 18.59 -6.21
N SER A 6 9.56 18.70 -6.75
CA SER A 6 9.81 19.56 -7.90
C SER A 6 10.06 18.73 -9.15
N GLY A 7 11.00 17.79 -9.06
CA GLY A 7 11.33 16.95 -10.19
C GLY A 7 10.32 15.84 -10.39
N VAL A 8 10.54 15.01 -11.41
CA VAL A 8 9.65 13.90 -11.71
C VAL A 8 9.89 12.73 -10.75
N PRO A 9 8.79 12.04 -10.37
CA PRO A 9 8.86 10.90 -9.46
C PRO A 9 9.51 9.68 -10.10
N MET A 10 10.61 9.23 -9.51
CA MET A 10 11.33 8.07 -10.02
C MET A 10 11.00 6.81 -9.21
N LYS A 11 10.79 5.71 -9.91
CA LYS A 11 10.47 4.44 -9.26
C LYS A 11 11.46 3.35 -9.65
N ASP A 12 11.23 2.14 -9.15
CA ASP A 12 12.12 1.02 -9.45
C ASP A 12 11.42 0.00 -10.35
N HIS A 13 12.13 -0.47 -11.36
CA HIS A 13 11.57 -1.46 -12.29
C HIS A 13 11.06 -2.69 -11.54
N ASP A 14 11.77 -3.07 -10.47
CA ASP A 14 11.39 -4.22 -9.67
C ASP A 14 10.39 -3.82 -8.59
N ALA A 15 9.84 -2.62 -8.71
CA ALA A 15 8.87 -2.12 -7.73
C ALA A 15 7.76 -3.14 -7.51
N ILE A 16 6.91 -2.88 -6.51
CA ILE A 16 5.81 -3.76 -6.19
C ILE A 16 4.58 -2.98 -5.77
N LYS A 17 3.47 -3.20 -6.47
CA LYS A 17 2.22 -2.51 -6.18
C LYS A 17 1.49 -3.18 -5.02
N LEU A 18 1.55 -2.57 -3.84
CA LEU A 18 0.89 -3.10 -2.66
C LEU A 18 -0.59 -2.77 -2.66
N PHE A 19 -1.42 -3.80 -2.53
CA PHE A 19 -2.87 -3.61 -2.51
C PHE A 19 -3.43 -3.85 -1.12
N VAL A 20 -4.07 -2.83 -0.56
CA VAL A 20 -4.66 -2.92 0.77
C VAL A 20 -6.16 -3.11 0.69
N GLY A 21 -6.68 -4.02 1.51
CA GLY A 21 -8.11 -4.29 1.52
C GLY A 21 -8.70 -4.25 2.92
N GLN A 22 -8.15 -3.38 3.76
CA GLN A 22 -8.62 -3.24 5.13
C GLN A 22 -8.78 -1.78 5.51
N ILE A 23 -9.32 -0.99 4.59
CA ILE A 23 -9.53 0.43 4.83
C ILE A 23 -11.00 0.73 5.13
N PRO A 24 -11.28 1.18 6.36
CA PRO A 24 -12.64 1.51 6.79
C PRO A 24 -13.16 2.78 6.12
N ARG A 25 -14.47 2.96 6.16
CA ARG A 25 -15.11 4.12 5.55
C ARG A 25 -15.02 5.33 6.48
N GLY A 26 -14.31 6.36 6.04
CA GLY A 26 -14.16 7.56 6.84
C GLY A 26 -12.79 8.20 6.69
N LEU A 27 -11.78 7.37 6.42
CA LEU A 27 -10.43 7.87 6.24
C LEU A 27 -10.07 7.98 4.76
N ASP A 28 -9.01 8.72 4.47
CA ASP A 28 -8.56 8.92 3.09
C ASP A 28 -7.05 8.81 2.99
N GLU A 29 -6.52 9.06 1.80
CA GLU A 29 -5.07 8.99 1.58
C GLU A 29 -4.33 9.91 2.55
N GLN A 30 -5.03 10.90 3.08
CA GLN A 30 -4.44 11.84 4.03
C GLN A 30 -4.18 11.16 5.37
N ASP A 31 -4.94 10.11 5.65
CA ASP A 31 -4.80 9.38 6.91
C ASP A 31 -3.98 8.10 6.70
N LEU A 32 -3.83 7.70 5.45
CA LEU A 32 -3.08 6.50 5.11
C LEU A 32 -1.61 6.82 4.86
N LYS A 33 -1.37 7.96 4.21
CA LYS A 33 0.00 8.39 3.91
C LYS A 33 0.88 8.32 5.16
N PRO A 34 0.36 8.82 6.28
CA PRO A 34 1.08 8.82 7.56
C PRO A 34 1.68 7.46 7.88
N LEU A 35 0.90 6.41 7.69
CA LEU A 35 1.36 5.05 7.95
C LEU A 35 2.41 4.62 6.94
N PHE A 36 2.05 4.70 5.66
CA PHE A 36 2.97 4.32 4.59
C PHE A 36 4.27 5.14 4.66
N GLU A 37 4.18 6.32 5.25
CA GLU A 37 5.34 7.19 5.38
C GLU A 37 6.19 6.78 6.58
N GLU A 38 5.76 5.75 7.28
CA GLU A 38 6.48 5.25 8.44
C GLU A 38 7.62 4.32 8.03
N PHE A 39 7.44 3.65 6.89
CA PHE A 39 8.45 2.73 6.38
C PHE A 39 9.29 3.39 5.30
N GLY A 40 8.62 4.06 4.36
CA GLY A 40 9.32 4.72 3.28
C GLY A 40 8.44 5.72 2.55
N ARG A 41 9.03 6.42 1.58
CA ARG A 41 8.30 7.41 0.81
C ARG A 41 7.35 6.74 -0.17
N ILE A 42 6.21 7.39 -0.43
CA ILE A 42 5.21 6.86 -1.35
C ILE A 42 5.38 7.43 -2.74
N TYR A 43 5.14 6.60 -3.76
CA TYR A 43 5.28 7.04 -5.14
C TYR A 43 3.91 7.37 -5.75
N GLU A 44 2.87 6.69 -5.25
CA GLU A 44 1.52 6.91 -5.75
C GLU A 44 0.50 6.21 -4.85
N LEU A 45 -0.57 6.93 -4.52
CA LEU A 45 -1.63 6.38 -3.68
C LEU A 45 -3.01 6.69 -4.24
N THR A 46 -3.82 5.65 -4.42
CA THR A 46 -5.17 5.81 -4.95
C THR A 46 -6.15 4.92 -4.21
N VAL A 47 -7.29 5.50 -3.82
CA VAL A 47 -8.32 4.77 -3.11
C VAL A 47 -9.45 4.34 -4.06
N LEU A 48 -9.76 3.05 -4.04
CA LEU A 48 -10.82 2.52 -4.90
C LEU A 48 -12.20 2.86 -4.34
N LYS A 49 -13.11 3.26 -5.23
CA LYS A 49 -14.46 3.61 -4.83
C LYS A 49 -15.49 3.04 -5.80
N ASP A 50 -16.70 2.81 -5.32
CA ASP A 50 -17.77 2.27 -6.14
C ASP A 50 -18.11 3.23 -7.29
N ARG A 51 -19.07 2.84 -8.11
CA ARG A 51 -19.49 3.66 -9.24
C ARG A 51 -20.97 4.02 -9.13
N LEU A 52 -21.80 3.03 -8.84
CA LEU A 52 -23.24 3.24 -8.72
C LEU A 52 -23.55 4.08 -7.48
N THR A 53 -22.91 3.74 -6.36
CA THR A 53 -23.11 4.46 -5.11
C THR A 53 -21.97 5.43 -4.83
N GLY A 54 -20.80 5.12 -5.38
CA GLY A 54 -19.64 5.97 -5.18
C GLY A 54 -19.19 6.00 -3.74
N LEU A 55 -19.52 4.95 -2.99
CA LEU A 55 -19.14 4.86 -1.58
C LEU A 55 -17.78 4.17 -1.42
N HIS A 56 -17.04 4.59 -0.42
CA HIS A 56 -15.72 4.01 -0.15
C HIS A 56 -15.83 2.50 0.05
N LYS A 57 -15.51 1.74 -0.99
CA LYS A 57 -15.56 0.28 -0.92
C LYS A 57 -14.78 -0.24 0.28
N GLY A 58 -13.54 0.24 0.42
CA GLY A 58 -12.70 -0.18 1.53
C GLY A 58 -11.39 -0.77 1.05
N CYS A 59 -10.80 -0.16 0.04
CA CYS A 59 -9.53 -0.63 -0.51
C CYS A 59 -8.80 0.50 -1.23
N ALA A 60 -7.49 0.33 -1.41
CA ALA A 60 -6.67 1.33 -2.09
C ALA A 60 -5.36 0.73 -2.57
N PHE A 61 -4.86 1.25 -3.69
CA PHE A 61 -3.61 0.77 -4.27
C PHE A 61 -2.44 1.65 -3.87
N LEU A 62 -1.43 1.06 -3.24
CA LEU A 62 -0.26 1.79 -2.81
C LEU A 62 0.95 1.42 -3.65
N THR A 63 1.75 2.43 -4.01
CA THR A 63 2.94 2.22 -4.82
C THR A 63 4.16 2.84 -4.17
N TYR A 64 5.07 2.00 -3.69
CA TYR A 64 6.29 2.48 -3.04
C TYR A 64 7.38 2.77 -4.06
N CYS A 65 8.15 3.83 -3.82
CA CYS A 65 9.21 4.22 -4.73
C CYS A 65 10.34 3.19 -4.73
N ALA A 66 10.47 2.46 -3.61
CA ALA A 66 11.50 1.44 -3.49
C ALA A 66 10.88 0.06 -3.24
N ARG A 67 11.57 -0.98 -3.68
CA ARG A 67 11.08 -2.34 -3.51
C ARG A 67 11.00 -2.71 -2.04
N ASP A 68 12.14 -2.70 -1.36
CA ASP A 68 12.19 -3.03 0.06
C ASP A 68 11.08 -2.31 0.83
N SER A 69 11.08 -0.98 0.76
CA SER A 69 10.08 -0.18 1.44
C SER A 69 8.72 -0.89 1.45
N ALA A 70 8.33 -1.42 0.29
CA ALA A 70 7.07 -2.12 0.16
C ALA A 70 7.07 -3.41 0.97
N LEU A 71 8.07 -4.26 0.73
CA LEU A 71 8.19 -5.53 1.44
C LEU A 71 8.08 -5.32 2.94
N LYS A 72 8.90 -4.42 3.48
CA LYS A 72 8.89 -4.12 4.90
C LYS A 72 7.49 -3.79 5.38
N ALA A 73 6.98 -2.63 4.96
CA ALA A 73 5.64 -2.20 5.34
C ALA A 73 4.62 -3.30 5.14
N GLN A 74 4.77 -4.06 4.06
CA GLN A 74 3.86 -5.16 3.75
C GLN A 74 3.84 -6.18 4.88
N SER A 75 4.99 -6.79 5.14
CA SER A 75 5.10 -7.80 6.19
C SER A 75 5.13 -7.13 7.57
N ALA A 76 5.10 -5.80 7.57
CA ALA A 76 5.12 -5.05 8.83
C ALA A 76 3.73 -4.60 9.22
N LEU A 77 2.82 -4.58 8.26
CA LEU A 77 1.44 -4.15 8.49
C LEU A 77 0.47 -5.31 8.25
N HIS A 78 0.78 -6.13 7.25
CA HIS A 78 -0.07 -7.27 6.92
C HIS A 78 -0.44 -8.06 8.18
N GLU A 79 -1.74 -8.14 8.46
CA GLU A 79 -2.23 -8.85 9.63
C GLU A 79 -1.32 -8.60 10.84
N GLN A 80 -0.79 -7.39 10.93
CA GLN A 80 0.10 -7.02 12.03
C GLN A 80 -0.35 -5.72 12.67
N LYS A 81 -0.76 -4.77 11.84
CA LYS A 81 -1.21 -3.47 12.33
C LYS A 81 -2.74 -3.40 12.35
N THR A 82 -3.28 -2.55 13.22
CA THR A 82 -4.72 -2.39 13.33
C THR A 82 -5.12 -0.92 13.24
N LEU A 83 -5.76 -0.55 12.14
CA LEU A 83 -6.20 0.82 11.93
C LEU A 83 -7.16 1.26 13.03
N PRO A 84 -7.25 2.59 13.25
CA PRO A 84 -8.13 3.15 14.27
C PRO A 84 -9.60 3.03 13.90
N GLY A 85 -10.32 2.18 14.64
CA GLY A 85 -11.74 1.99 14.37
C GLY A 85 -12.00 0.73 13.56
N MET A 86 -11.02 -0.16 13.52
CA MET A 86 -11.16 -1.41 12.77
C MET A 86 -10.90 -2.60 13.68
N ASN A 87 -11.94 -3.43 13.87
CA ASN A 87 -11.82 -4.61 14.71
C ASN A 87 -10.77 -5.57 14.17
N ARG A 88 -10.66 -5.63 12.85
CA ARG A 88 -9.71 -6.51 12.19
C ARG A 88 -8.47 -5.73 11.76
N PRO A 89 -7.33 -6.44 11.66
CA PRO A 89 -6.05 -5.84 11.26
C PRO A 89 -6.04 -5.43 9.79
N ILE A 90 -4.95 -4.82 9.35
CA ILE A 90 -4.81 -4.37 7.98
C ILE A 90 -4.16 -5.45 7.12
N GLN A 91 -4.71 -5.68 5.92
CA GLN A 91 -4.19 -6.67 5.02
C GLN A 91 -3.56 -6.02 3.78
N VAL A 92 -2.27 -6.26 3.59
CA VAL A 92 -1.55 -5.69 2.45
C VAL A 92 -0.78 -6.77 1.69
N LYS A 93 -1.17 -7.00 0.44
CA LYS A 93 -0.52 -8.00 -0.39
C LYS A 93 0.04 -7.37 -1.66
N PRO A 94 1.16 -7.93 -2.16
CA PRO A 94 1.82 -7.43 -3.37
C PRO A 94 1.00 -7.71 -4.62
N ALA A 95 0.10 -6.79 -4.96
CA ALA A 95 -0.75 -6.94 -6.14
C ALA A 95 0.08 -7.32 -7.36
N ALA A 96 -0.03 -8.58 -7.77
CA ALA A 96 0.71 -9.07 -8.93
C ALA A 96 0.24 -10.46 -9.33
N SER A 97 0.44 -10.81 -10.60
CA SER A 97 0.03 -12.11 -11.12
C SER A 97 0.45 -13.23 -10.17
N GLU A 98 -0.40 -14.24 -10.04
CA GLU A 98 -0.12 -15.37 -9.16
C GLU A 98 1.29 -15.90 -9.39
N GLY A 99 1.72 -16.83 -8.55
CA GLY A 99 3.04 -17.41 -8.69
C GLY A 99 4.14 -16.40 -8.45
N ARG A 100 4.70 -16.41 -7.24
CA ARG A 100 5.76 -15.49 -6.88
C ARG A 100 7.07 -16.23 -6.66
N GLY A 101 7.81 -16.46 -7.75
CA GLY A 101 9.07 -17.16 -7.66
C GLY A 101 9.85 -16.79 -6.41
N GLU A 102 10.10 -17.79 -5.55
CA GLU A 102 10.84 -17.56 -4.32
C GLU A 102 12.33 -17.84 -4.51
N SER A 103 13.13 -16.79 -4.40
CA SER A 103 14.58 -16.91 -4.56
C SER A 103 15.31 -16.29 -3.39
N GLY A 104 16.03 -17.11 -2.64
CA GLY A 104 16.78 -16.61 -1.49
C GLY A 104 18.27 -16.82 -1.63
N PRO A 105 18.72 -18.06 -1.38
CA PRO A 105 20.14 -18.43 -1.47
C PRO A 105 20.64 -18.44 -2.91
N SER A 106 19.76 -18.07 -3.84
CA SER A 106 20.12 -18.04 -5.25
C SER A 106 20.15 -16.61 -5.77
N SER A 107 20.88 -16.40 -6.87
CA SER A 107 21.01 -15.08 -7.47
C SER A 107 21.32 -15.18 -8.96
N GLY A 108 20.69 -14.32 -9.75
CA GLY A 108 20.92 -14.33 -11.18
C GLY A 108 20.91 -12.94 -11.78
N GLY A 1 16.08 11.20 9.56
CA GLY A 1 16.76 11.11 8.27
C GLY A 1 17.69 12.27 8.03
N SER A 2 17.72 12.75 6.79
CA SER A 2 18.59 13.87 6.43
C SER A 2 17.95 14.73 5.34
N SER A 3 17.96 16.04 5.53
CA SER A 3 17.38 16.97 4.57
C SER A 3 17.86 16.65 3.16
N GLY A 4 16.94 16.71 2.20
CA GLY A 4 17.28 16.42 0.82
C GLY A 4 16.09 16.51 -0.10
N SER A 5 15.41 17.65 -0.07
CA SER A 5 14.23 17.86 -0.92
C SER A 5 14.44 17.25 -2.31
N SER A 6 13.36 16.73 -2.88
CA SER A 6 13.43 16.11 -4.20
C SER A 6 12.21 16.48 -5.04
N GLY A 7 12.37 16.45 -6.35
CA GLY A 7 11.27 16.79 -7.24
C GLY A 7 10.37 15.61 -7.53
N VAL A 8 9.94 15.48 -8.78
CA VAL A 8 9.07 14.38 -9.18
C VAL A 8 9.49 13.07 -8.51
N PRO A 9 8.50 12.24 -8.17
CA PRO A 9 8.74 10.95 -7.52
C PRO A 9 9.39 9.94 -8.46
N MET A 10 10.29 9.12 -7.90
CA MET A 10 10.99 8.10 -8.70
C MET A 10 10.75 6.72 -8.12
N LYS A 11 10.53 5.74 -9.00
CA LYS A 11 10.30 4.37 -8.58
C LYS A 11 11.39 3.44 -9.11
N ASP A 12 11.22 2.14 -8.88
CA ASP A 12 12.19 1.16 -9.33
C ASP A 12 11.63 0.33 -10.49
N HIS A 13 12.50 -0.07 -11.41
CA HIS A 13 12.09 -0.87 -12.55
C HIS A 13 11.36 -2.13 -12.11
N ASP A 14 11.85 -2.75 -11.05
CA ASP A 14 11.24 -3.96 -10.53
C ASP A 14 10.50 -3.68 -9.22
N ALA A 15 9.83 -2.54 -9.17
CA ALA A 15 9.07 -2.15 -7.99
C ALA A 15 7.87 -3.06 -7.78
N ILE A 16 7.12 -2.82 -6.71
CA ILE A 16 5.94 -3.62 -6.40
C ILE A 16 4.79 -2.74 -5.92
N LYS A 17 3.57 -3.15 -6.22
CA LYS A 17 2.38 -2.40 -5.83
C LYS A 17 1.64 -3.11 -4.70
N LEU A 18 1.61 -2.48 -3.53
CA LEU A 18 0.93 -3.05 -2.37
C LEU A 18 -0.54 -2.62 -2.33
N PHE A 19 -1.43 -3.60 -2.36
CA PHE A 19 -2.86 -3.32 -2.33
C PHE A 19 -3.44 -3.58 -0.93
N VAL A 20 -4.20 -2.62 -0.43
CA VAL A 20 -4.81 -2.75 0.90
C VAL A 20 -6.30 -3.02 0.79
N GLY A 21 -6.79 -3.95 1.62
CA GLY A 21 -8.20 -4.29 1.60
C GLY A 21 -8.82 -4.25 2.98
N GLN A 22 -8.26 -3.42 3.86
CA GLN A 22 -8.77 -3.29 5.22
C GLN A 22 -8.92 -1.82 5.61
N ILE A 23 -9.43 -1.02 4.68
CA ILE A 23 -9.62 0.41 4.93
C ILE A 23 -11.07 0.71 5.28
N PRO A 24 -11.30 1.18 6.52
CA PRO A 24 -12.64 1.52 7.00
C PRO A 24 -13.21 2.76 6.31
N ARG A 25 -14.34 3.25 6.82
CA ARG A 25 -14.98 4.43 6.25
C ARG A 25 -14.73 5.66 7.12
N GLY A 26 -14.08 6.66 6.55
CA GLY A 26 -13.79 7.87 7.29
C GLY A 26 -12.39 8.40 7.01
N LEU A 27 -11.47 7.50 6.68
CA LEU A 27 -10.10 7.88 6.39
C LEU A 27 -9.85 7.93 4.89
N ASP A 28 -8.85 8.70 4.48
CA ASP A 28 -8.51 8.84 3.06
C ASP A 28 -7.00 8.70 2.86
N GLU A 29 -6.57 8.91 1.62
CA GLU A 29 -5.15 8.81 1.28
C GLU A 29 -4.33 9.78 2.13
N GLN A 30 -4.98 10.79 2.67
CA GLN A 30 -4.31 11.78 3.50
C GLN A 30 -4.12 11.26 4.94
N ASP A 31 -4.86 10.20 5.27
CA ASP A 31 -4.77 9.60 6.60
C ASP A 31 -3.95 8.32 6.57
N LEU A 32 -3.82 7.74 5.37
CA LEU A 32 -3.07 6.50 5.21
C LEU A 32 -1.60 6.80 4.92
N LYS A 33 -1.36 7.87 4.18
CA LYS A 33 0.01 8.27 3.82
C LYS A 33 0.90 8.26 5.06
N PRO A 34 0.41 8.86 6.15
CA PRO A 34 1.16 8.93 7.41
C PRO A 34 1.75 7.59 7.81
N LEU A 35 0.93 6.55 7.76
CA LEU A 35 1.38 5.21 8.12
C LEU A 35 2.42 4.69 7.15
N PHE A 36 2.06 4.62 5.87
CA PHE A 36 2.97 4.16 4.83
C PHE A 36 4.25 4.99 4.82
N GLU A 37 4.15 6.23 5.29
CA GLU A 37 5.29 7.13 5.33
C GLU A 37 6.22 6.78 6.49
N GLU A 38 5.85 5.76 7.25
CA GLU A 38 6.63 5.32 8.40
C GLU A 38 7.71 4.33 7.97
N PHE A 39 7.51 3.70 6.82
CA PHE A 39 8.45 2.73 6.30
C PHE A 39 9.31 3.34 5.20
N GLY A 40 8.65 3.97 4.22
CA GLY A 40 9.37 4.59 3.12
C GLY A 40 8.54 5.62 2.39
N ARG A 41 9.19 6.39 1.52
CA ARG A 41 8.51 7.43 0.76
C ARG A 41 7.59 6.82 -0.29
N ILE A 42 6.32 7.22 -0.29
CA ILE A 42 5.35 6.72 -1.25
C ILE A 42 5.62 7.27 -2.65
N TYR A 43 5.08 6.61 -3.66
CA TYR A 43 5.25 7.03 -5.04
C TYR A 43 3.92 7.47 -5.65
N GLU A 44 2.87 6.71 -5.36
CA GLU A 44 1.54 7.01 -5.88
C GLU A 44 0.47 6.26 -5.11
N LEU A 45 -0.41 7.01 -4.45
CA LEU A 45 -1.49 6.42 -3.66
C LEU A 45 -2.85 6.76 -4.26
N THR A 46 -3.73 5.76 -4.33
CA THR A 46 -5.07 5.96 -4.88
C THR A 46 -6.07 5.03 -4.23
N VAL A 47 -7.25 5.55 -3.91
CA VAL A 47 -8.30 4.76 -3.28
C VAL A 47 -9.35 4.33 -4.29
N LEU A 48 -9.79 3.08 -4.19
CA LEU A 48 -10.80 2.54 -5.10
C LEU A 48 -12.20 2.74 -4.54
N LYS A 49 -13.15 3.06 -5.41
CA LYS A 49 -14.53 3.26 -5.01
C LYS A 49 -15.49 2.62 -6.00
N ASP A 50 -16.72 2.38 -5.56
CA ASP A 50 -17.73 1.78 -6.41
C ASP A 50 -17.97 2.62 -7.67
N ARG A 51 -18.87 2.16 -8.52
CA ARG A 51 -19.18 2.87 -9.76
C ARG A 51 -20.63 3.36 -9.76
N LEU A 52 -21.55 2.43 -9.55
CA LEU A 52 -22.98 2.76 -9.52
C LEU A 52 -23.29 3.74 -8.38
N THR A 53 -22.65 3.51 -7.23
CA THR A 53 -22.86 4.37 -6.06
C THR A 53 -21.67 5.30 -5.85
N GLY A 54 -20.47 4.76 -6.00
CA GLY A 54 -19.27 5.56 -5.82
C GLY A 54 -18.88 5.70 -4.36
N LEU A 55 -19.23 4.71 -3.56
CA LEU A 55 -18.92 4.72 -2.13
C LEU A 55 -17.67 3.89 -1.85
N HIS A 56 -16.76 4.45 -1.05
CA HIS A 56 -15.52 3.76 -0.70
C HIS A 56 -15.78 2.26 -0.53
N LYS A 57 -15.26 1.47 -1.47
CA LYS A 57 -15.42 0.03 -1.43
C LYS A 57 -14.70 -0.57 -0.23
N GLY A 58 -13.52 -0.04 0.07
CA GLY A 58 -12.75 -0.53 1.21
C GLY A 58 -11.38 -1.04 0.79
N CYS A 59 -10.77 -0.36 -0.17
CA CYS A 59 -9.45 -0.76 -0.66
C CYS A 59 -8.74 0.42 -1.31
N ALA A 60 -7.43 0.29 -1.48
CA ALA A 60 -6.62 1.34 -2.08
C ALA A 60 -5.31 0.79 -2.63
N PHE A 61 -4.84 1.36 -3.73
CA PHE A 61 -3.59 0.93 -4.35
C PHE A 61 -2.43 1.81 -3.90
N LEU A 62 -1.50 1.23 -3.15
CA LEU A 62 -0.34 1.96 -2.67
C LEU A 62 0.92 1.57 -3.44
N THR A 63 1.62 2.56 -3.96
CA THR A 63 2.85 2.32 -4.72
C THR A 63 4.06 2.90 -4.00
N TYR A 64 5.09 2.07 -3.81
CA TYR A 64 6.30 2.51 -3.14
C TYR A 64 7.41 2.80 -4.15
N CYS A 65 8.30 3.72 -3.79
CA CYS A 65 9.41 4.08 -4.66
C CYS A 65 10.36 2.91 -4.86
N ALA A 66 10.73 2.27 -3.76
CA ALA A 66 11.63 1.12 -3.82
C ALA A 66 10.89 -0.19 -3.55
N ARG A 67 11.49 -1.30 -3.96
CA ARG A 67 10.88 -2.61 -3.77
C ARG A 67 10.96 -3.04 -2.30
N ASP A 68 12.09 -2.75 -1.66
CA ASP A 68 12.28 -3.10 -0.26
C ASP A 68 11.23 -2.43 0.62
N SER A 69 11.17 -1.10 0.56
CA SER A 69 10.21 -0.34 1.35
C SER A 69 8.85 -1.04 1.38
N ALA A 70 8.46 -1.60 0.24
CA ALA A 70 7.18 -2.31 0.13
C ALA A 70 7.20 -3.60 0.95
N LEU A 71 8.23 -4.41 0.75
CA LEU A 71 8.37 -5.67 1.47
C LEU A 71 8.26 -5.46 2.97
N LYS A 72 8.95 -4.42 3.47
CA LYS A 72 8.93 -4.11 4.89
C LYS A 72 7.52 -3.81 5.37
N ALA A 73 6.99 -2.67 4.94
CA ALA A 73 5.64 -2.25 5.32
C ALA A 73 4.65 -3.40 5.11
N GLN A 74 4.78 -4.10 3.99
CA GLN A 74 3.89 -5.20 3.67
C GLN A 74 3.91 -6.25 4.78
N SER A 75 5.10 -6.77 5.08
CA SER A 75 5.24 -7.78 6.12
C SER A 75 5.18 -7.15 7.51
N ALA A 76 5.21 -5.82 7.56
CA ALA A 76 5.14 -5.09 8.81
C ALA A 76 3.74 -4.57 9.08
N LEU A 77 2.90 -4.57 8.04
CA LEU A 77 1.54 -4.10 8.17
C LEU A 77 0.55 -5.26 8.04
N HIS A 78 0.79 -6.12 7.06
CA HIS A 78 -0.08 -7.28 6.83
C HIS A 78 -0.31 -8.05 8.12
N GLU A 79 -1.44 -7.80 8.76
CA GLU A 79 -1.78 -8.47 10.01
C GLU A 79 -0.87 -8.01 11.14
N GLN A 80 -0.47 -6.74 11.10
CA GLN A 80 0.40 -6.18 12.13
C GLN A 80 -0.22 -4.93 12.75
N LYS A 81 -0.78 -4.07 11.91
CA LYS A 81 -1.42 -2.84 12.38
C LYS A 81 -2.94 -3.01 12.43
N THR A 82 -3.58 -2.19 13.28
CA THR A 82 -5.03 -2.25 13.42
C THR A 82 -5.63 -0.84 13.40
N LEU A 83 -6.17 -0.45 12.25
CA LEU A 83 -6.78 0.87 12.11
C LEU A 83 -7.85 1.09 13.17
N PRO A 84 -8.09 2.37 13.49
CA PRO A 84 -9.09 2.76 14.50
C PRO A 84 -10.52 2.49 14.03
N GLY A 85 -11.19 1.55 14.69
CA GLY A 85 -12.55 1.22 14.31
C GLY A 85 -12.64 -0.03 13.46
N MET A 86 -11.55 -0.79 13.41
CA MET A 86 -11.51 -2.02 12.62
C MET A 86 -11.14 -3.20 13.50
N ASN A 87 -12.15 -3.94 13.95
CA ASN A 87 -11.93 -5.11 14.80
C ASN A 87 -10.78 -5.95 14.27
N ARG A 88 -10.65 -6.01 12.95
CA ARG A 88 -9.58 -6.78 12.32
C ARG A 88 -8.44 -5.88 11.88
N PRO A 89 -7.22 -6.44 11.82
CA PRO A 89 -6.02 -5.70 11.41
C PRO A 89 -6.05 -5.33 9.93
N ILE A 90 -4.96 -4.71 9.46
CA ILE A 90 -4.86 -4.32 8.06
C ILE A 90 -4.28 -5.44 7.22
N GLN A 91 -4.75 -5.54 5.97
CA GLN A 91 -4.28 -6.57 5.06
C GLN A 91 -3.63 -5.95 3.82
N VAL A 92 -2.35 -6.25 3.61
CA VAL A 92 -1.62 -5.71 2.47
C VAL A 92 -0.92 -6.83 1.70
N LYS A 93 -1.05 -6.79 0.37
CA LYS A 93 -0.43 -7.80 -0.48
C LYS A 93 0.06 -7.19 -1.78
N PRO A 94 1.11 -7.78 -2.37
CA PRO A 94 1.69 -7.30 -3.62
C PRO A 94 0.77 -7.55 -4.81
N ALA A 95 -0.15 -6.63 -5.05
CA ALA A 95 -1.10 -6.75 -6.15
C ALA A 95 -0.40 -7.24 -7.42
N ALA A 96 -1.10 -8.04 -8.20
CA ALA A 96 -0.54 -8.59 -9.44
C ALA A 96 -1.63 -9.26 -10.28
N SER A 97 -1.68 -8.91 -11.56
CA SER A 97 -2.67 -9.48 -12.46
C SER A 97 -2.14 -10.76 -13.11
N GLU A 98 -0.97 -10.65 -13.73
CA GLU A 98 -0.35 -11.79 -14.39
C GLU A 98 0.63 -12.50 -13.46
N GLY A 99 1.24 -11.74 -12.55
CA GLY A 99 2.19 -12.31 -11.62
C GLY A 99 3.39 -12.90 -12.31
N ARG A 100 3.76 -14.12 -11.91
CA ARG A 100 4.90 -14.81 -12.50
C ARG A 100 4.46 -15.73 -13.64
N GLY A 101 4.38 -15.17 -14.84
CA GLY A 101 3.98 -15.95 -16.00
C GLY A 101 4.95 -15.86 -17.14
N GLU A 102 5.22 -16.99 -17.78
CA GLU A 102 6.17 -17.03 -18.90
C GLU A 102 5.71 -16.09 -20.02
N SER A 103 6.68 -15.61 -20.79
CA SER A 103 6.38 -14.69 -21.90
C SER A 103 5.74 -15.43 -23.06
N GLY A 104 6.44 -16.46 -23.55
CA GLY A 104 5.92 -17.24 -24.66
C GLY A 104 6.93 -18.27 -25.16
N PRO A 105 8.00 -17.79 -25.81
CA PRO A 105 9.05 -18.65 -26.35
C PRO A 105 9.88 -19.31 -25.25
N SER A 106 10.25 -20.56 -25.47
CA SER A 106 11.05 -21.31 -24.50
C SER A 106 12.38 -20.61 -24.24
N SER A 107 12.41 -19.72 -23.26
CA SER A 107 13.62 -18.99 -22.92
C SER A 107 13.67 -18.68 -21.43
N GLY A 108 14.87 -18.40 -20.93
CA GLY A 108 15.03 -18.10 -19.52
C GLY A 108 16.04 -18.99 -18.84
N GLY A 1 10.92 24.00 8.06
CA GLY A 1 10.88 24.89 6.92
C GLY A 1 10.86 24.14 5.60
N SER A 2 9.72 23.56 5.26
CA SER A 2 9.57 22.80 4.03
C SER A 2 8.30 23.21 3.29
N SER A 3 8.47 23.92 2.18
CA SER A 3 7.33 24.37 1.39
C SER A 3 6.70 23.21 0.63
N GLY A 4 7.50 22.58 -0.23
CA GLY A 4 6.99 21.46 -1.01
C GLY A 4 8.05 20.88 -1.93
N SER A 5 8.01 19.57 -2.13
CA SER A 5 8.97 18.89 -2.99
C SER A 5 8.50 18.88 -4.44
N SER A 6 9.13 19.71 -5.27
CA SER A 6 8.77 19.80 -6.68
C SER A 6 9.65 18.88 -7.52
N GLY A 7 9.07 18.33 -8.58
CA GLY A 7 9.81 17.45 -9.46
C GLY A 7 8.99 16.25 -9.91
N VAL A 8 9.64 15.10 -10.05
CA VAL A 8 8.97 13.89 -10.47
C VAL A 8 9.55 12.66 -9.78
N PRO A 9 8.66 11.84 -9.20
CA PRO A 9 9.07 10.61 -8.50
C PRO A 9 9.59 9.54 -9.44
N MET A 10 10.56 8.76 -8.97
CA MET A 10 11.14 7.70 -9.77
C MET A 10 11.02 6.35 -9.07
N LYS A 11 10.47 5.36 -9.78
CA LYS A 11 10.29 4.03 -9.23
C LYS A 11 11.31 3.06 -9.81
N ASP A 12 11.43 1.89 -9.20
CA ASP A 12 12.36 0.87 -9.66
C ASP A 12 11.69 -0.09 -10.64
N HIS A 13 12.49 -0.67 -11.53
CA HIS A 13 11.97 -1.61 -12.52
C HIS A 13 11.34 -2.83 -11.85
N ASP A 14 11.90 -3.21 -10.71
CA ASP A 14 11.39 -4.35 -9.96
C ASP A 14 10.37 -3.91 -8.91
N ALA A 15 10.05 -2.63 -8.92
CA ALA A 15 9.08 -2.08 -7.97
C ALA A 15 7.87 -2.99 -7.83
N ILE A 16 7.10 -2.80 -6.76
CA ILE A 16 5.91 -3.61 -6.51
C ILE A 16 4.72 -2.73 -6.11
N LYS A 17 3.53 -3.17 -6.47
CA LYS A 17 2.32 -2.43 -6.15
C LYS A 17 1.56 -3.11 -5.01
N LEU A 18 1.67 -2.53 -3.81
CA LEU A 18 0.99 -3.08 -2.64
C LEU A 18 -0.48 -2.66 -2.62
N PHE A 19 -1.36 -3.59 -2.26
CA PHE A 19 -2.78 -3.32 -2.20
C PHE A 19 -3.32 -3.52 -0.79
N VAL A 20 -4.17 -2.61 -0.34
CA VAL A 20 -4.76 -2.69 0.99
C VAL A 20 -6.26 -2.94 0.92
N GLY A 21 -6.73 -3.90 1.72
CA GLY A 21 -8.14 -4.22 1.74
C GLY A 21 -8.74 -4.14 3.13
N GLN A 22 -8.18 -3.27 3.96
CA GLN A 22 -8.67 -3.10 5.33
C GLN A 22 -8.87 -1.62 5.65
N ILE A 23 -9.46 -0.89 4.71
CA ILE A 23 -9.71 0.53 4.90
C ILE A 23 -11.19 0.79 5.15
N PRO A 24 -11.51 1.27 6.36
CA PRO A 24 -12.88 1.58 6.75
C PRO A 24 -13.44 2.80 6.03
N ARG A 25 -14.61 3.27 6.45
CA ARG A 25 -15.24 4.43 5.84
C ARG A 25 -15.06 5.67 6.72
N GLY A 26 -14.45 6.70 6.16
CA GLY A 26 -14.22 7.93 6.89
C GLY A 26 -12.81 8.46 6.72
N LEU A 27 -11.88 7.56 6.47
CA LEU A 27 -10.47 7.95 6.28
C LEU A 27 -10.11 8.00 4.80
N ASP A 28 -9.07 8.76 4.49
CA ASP A 28 -8.62 8.88 3.10
C ASP A 28 -7.10 8.70 3.01
N GLU A 29 -6.57 8.91 1.81
CA GLU A 29 -5.13 8.77 1.58
C GLU A 29 -4.34 9.68 2.51
N GLN A 30 -5.02 10.68 3.06
CA GLN A 30 -4.38 11.63 3.97
C GLN A 30 -4.10 10.98 5.32
N ASP A 31 -4.82 9.91 5.61
CA ASP A 31 -4.65 9.19 6.87
C ASP A 31 -3.84 7.92 6.67
N LEU A 32 -3.69 7.51 5.42
CA LEU A 32 -2.94 6.31 5.09
C LEU A 32 -1.48 6.64 4.77
N LYS A 33 -1.26 7.83 4.24
CA LYS A 33 0.09 8.27 3.90
C LYS A 33 1.00 8.20 5.10
N PRO A 34 0.51 8.69 6.25
CA PRO A 34 1.27 8.69 7.51
C PRO A 34 1.92 7.35 7.79
N LEU A 35 1.10 6.30 7.81
CA LEU A 35 1.61 4.95 8.07
C LEU A 35 2.58 4.51 7.00
N PHE A 36 2.18 4.66 5.74
CA PHE A 36 3.03 4.28 4.61
C PHE A 36 4.32 5.10 4.60
N GLU A 37 4.26 6.29 5.19
CA GLU A 37 5.42 7.17 5.24
C GLU A 37 6.33 6.80 6.41
N GLU A 38 5.89 5.82 7.20
CA GLU A 38 6.67 5.37 8.36
C GLU A 38 7.73 4.36 7.94
N PHE A 39 7.51 3.71 6.80
CA PHE A 39 8.45 2.72 6.29
C PHE A 39 9.31 3.30 5.17
N GLY A 40 8.69 4.10 4.32
CA GLY A 40 9.41 4.71 3.22
C GLY A 40 8.57 5.73 2.46
N ARG A 41 9.20 6.43 1.52
CA ARG A 41 8.50 7.44 0.73
C ARG A 41 7.58 6.79 -0.30
N ILE A 42 6.32 7.21 -0.31
CA ILE A 42 5.35 6.66 -1.26
C ILE A 42 5.57 7.21 -2.66
N TYR A 43 5.17 6.44 -3.65
CA TYR A 43 5.34 6.84 -5.05
C TYR A 43 4.00 7.24 -5.66
N GLU A 44 2.96 6.46 -5.37
CA GLU A 44 1.63 6.73 -5.88
C GLU A 44 0.56 6.04 -5.04
N LEU A 45 -0.31 6.84 -4.43
CA LEU A 45 -1.38 6.31 -3.60
C LEU A 45 -2.75 6.69 -4.16
N THR A 46 -3.60 5.69 -4.35
CA THR A 46 -4.93 5.91 -4.88
C THR A 46 -5.95 4.98 -4.21
N VAL A 47 -7.05 5.55 -3.75
CA VAL A 47 -8.10 4.78 -3.09
C VAL A 47 -9.18 4.38 -4.08
N LEU A 48 -9.60 3.12 -4.01
CA LEU A 48 -10.64 2.61 -4.91
C LEU A 48 -12.02 2.95 -4.39
N LYS A 49 -12.92 3.31 -5.30
CA LYS A 49 -14.28 3.67 -4.94
C LYS A 49 -15.28 3.11 -5.95
N ASP A 50 -16.52 2.88 -5.49
CA ASP A 50 -17.56 2.34 -6.35
C ASP A 50 -17.81 3.26 -7.54
N ARG A 51 -18.68 2.82 -8.45
CA ARG A 51 -19.00 3.59 -9.64
C ARG A 51 -20.42 4.15 -9.55
N LEU A 52 -21.35 3.32 -9.08
CA LEU A 52 -22.74 3.71 -8.95
C LEU A 52 -22.94 4.63 -7.74
N THR A 53 -22.26 4.30 -6.65
CA THR A 53 -22.37 5.08 -5.42
C THR A 53 -21.16 6.00 -5.26
N GLY A 54 -20.03 5.59 -5.83
CA GLY A 54 -18.83 6.40 -5.73
C GLY A 54 -18.34 6.54 -4.30
N LEU A 55 -18.81 5.67 -3.42
CA LEU A 55 -18.41 5.71 -2.02
C LEU A 55 -17.14 4.89 -1.79
N HIS A 56 -16.59 4.98 -0.58
CA HIS A 56 -15.38 4.25 -0.23
C HIS A 56 -15.65 2.76 -0.13
N LYS A 57 -15.23 2.01 -1.14
CA LYS A 57 -15.42 0.57 -1.18
C LYS A 57 -14.77 -0.09 0.03
N GLY A 58 -13.52 0.27 0.30
CA GLY A 58 -12.79 -0.29 1.42
C GLY A 58 -11.45 -0.87 1.02
N CYS A 59 -10.72 -0.13 0.18
CA CYS A 59 -9.42 -0.58 -0.28
C CYS A 59 -8.70 0.54 -1.04
N ALA A 60 -7.39 0.40 -1.20
CA ALA A 60 -6.60 1.39 -1.90
C ALA A 60 -5.29 0.80 -2.41
N PHE A 61 -4.85 1.25 -3.58
CA PHE A 61 -3.61 0.76 -4.17
C PHE A 61 -2.43 1.66 -3.80
N LEU A 62 -1.48 1.10 -3.08
CA LEU A 62 -0.30 1.85 -2.66
C LEU A 62 0.93 1.39 -3.42
N THR A 63 1.68 2.36 -3.96
CA THR A 63 2.89 2.05 -4.72
C THR A 63 4.11 2.73 -4.10
N TYR A 64 5.14 1.94 -3.81
CA TYR A 64 6.36 2.47 -3.22
C TYR A 64 7.39 2.80 -4.30
N CYS A 65 8.39 3.60 -3.93
CA CYS A 65 9.44 3.98 -4.87
C CYS A 65 10.49 2.88 -4.99
N ALA A 66 10.69 2.14 -3.91
CA ALA A 66 11.67 1.05 -3.90
C ALA A 66 10.99 -0.29 -3.63
N ARG A 67 11.71 -1.37 -3.91
CA ARG A 67 11.17 -2.71 -3.70
C ARG A 67 11.19 -3.08 -2.21
N ASP A 68 12.14 -2.51 -1.48
CA ASP A 68 12.27 -2.77 -0.05
C ASP A 68 11.13 -2.12 0.72
N SER A 69 10.98 -0.80 0.56
CA SER A 69 9.94 -0.06 1.24
C SER A 69 8.61 -0.83 1.22
N ALA A 70 8.33 -1.48 0.10
CA ALA A 70 7.11 -2.25 -0.05
C ALA A 70 7.15 -3.52 0.79
N LEU A 71 8.17 -4.34 0.57
CA LEU A 71 8.32 -5.59 1.31
C LEU A 71 8.14 -5.36 2.80
N LYS A 72 8.85 -4.37 3.34
CA LYS A 72 8.76 -4.05 4.76
C LYS A 72 7.34 -3.67 5.15
N ALA A 73 6.86 -2.54 4.64
CA ALA A 73 5.52 -2.07 4.93
C ALA A 73 4.50 -3.19 4.77
N GLN A 74 4.80 -4.12 3.86
CA GLN A 74 3.90 -5.25 3.61
C GLN A 74 3.90 -6.22 4.80
N SER A 75 5.06 -6.79 5.08
CA SER A 75 5.20 -7.74 6.19
C SER A 75 5.22 -7.01 7.52
N ALA A 76 5.17 -5.68 7.47
CA ALA A 76 5.19 -4.87 8.68
C ALA A 76 3.77 -4.42 9.05
N LEU A 77 2.89 -4.36 8.06
CA LEU A 77 1.51 -3.94 8.29
C LEU A 77 0.56 -5.13 8.14
N HIS A 78 0.83 -5.98 7.15
CA HIS A 78 0.00 -7.15 6.90
C HIS A 78 -0.25 -7.93 8.19
N GLU A 79 -1.46 -7.79 8.73
CA GLU A 79 -1.82 -8.48 9.96
C GLU A 79 -0.91 -8.06 11.11
N GLN A 80 -0.55 -6.78 11.12
CA GLN A 80 0.33 -6.25 12.17
C GLN A 80 -0.30 -5.01 12.81
N LYS A 81 -0.83 -4.13 11.98
CA LYS A 81 -1.46 -2.91 12.46
C LYS A 81 -2.98 -3.04 12.51
N THR A 82 -3.62 -2.22 13.33
CA THR A 82 -5.07 -2.25 13.46
C THR A 82 -5.66 -0.85 13.43
N LEU A 83 -6.25 -0.49 12.29
CA LEU A 83 -6.86 0.82 12.12
C LEU A 83 -7.95 1.07 13.18
N PRO A 84 -8.22 2.34 13.47
CA PRO A 84 -9.23 2.73 14.45
C PRO A 84 -10.65 2.44 13.96
N GLY A 85 -11.34 1.58 14.70
CA GLY A 85 -12.71 1.23 14.32
C GLY A 85 -12.78 -0.06 13.54
N MET A 86 -11.64 -0.72 13.37
CA MET A 86 -11.58 -1.98 12.64
C MET A 86 -11.15 -3.12 13.55
N ASN A 87 -12.10 -4.00 13.88
CA ASN A 87 -11.81 -5.14 14.75
C ASN A 87 -10.69 -5.98 14.18
N ARG A 88 -10.60 -6.04 12.86
CA ARG A 88 -9.56 -6.81 12.19
C ARG A 88 -8.39 -5.93 11.79
N PRO A 89 -7.19 -6.54 11.71
CA PRO A 89 -5.97 -5.82 11.34
C PRO A 89 -5.96 -5.40 9.87
N ILE A 90 -4.88 -4.75 9.45
CA ILE A 90 -4.76 -4.29 8.07
C ILE A 90 -4.08 -5.34 7.20
N GLN A 91 -4.70 -5.66 6.06
CA GLN A 91 -4.14 -6.65 5.15
C GLN A 91 -3.56 -5.97 3.91
N VAL A 92 -2.26 -6.18 3.69
CA VAL A 92 -1.58 -5.59 2.54
C VAL A 92 -0.75 -6.63 1.80
N LYS A 93 -1.07 -6.82 0.53
CA LYS A 93 -0.36 -7.80 -0.30
C LYS A 93 0.04 -7.18 -1.64
N PRO A 94 1.09 -7.74 -2.26
CA PRO A 94 1.60 -7.26 -3.55
C PRO A 94 0.64 -7.58 -4.69
N ALA A 95 -0.34 -6.71 -4.89
CA ALA A 95 -1.32 -6.90 -5.96
C ALA A 95 -0.69 -7.57 -7.17
N ALA A 96 0.32 -6.91 -7.75
CA ALA A 96 1.01 -7.45 -8.92
C ALA A 96 1.83 -8.68 -8.54
N SER A 97 1.59 -9.79 -9.24
CA SER A 97 2.31 -11.02 -8.98
C SER A 97 2.99 -11.52 -10.25
N GLU A 98 4.24 -11.95 -10.11
CA GLU A 98 5.01 -12.45 -11.24
C GLU A 98 5.23 -13.96 -11.12
N GLY A 99 5.93 -14.38 -10.06
CA GLY A 99 6.19 -15.78 -9.85
C GLY A 99 6.36 -16.13 -8.39
N ARG A 100 6.01 -17.37 -8.03
CA ARG A 100 6.12 -17.82 -6.65
C ARG A 100 7.43 -18.54 -6.42
N GLY A 101 7.87 -18.57 -5.17
CA GLY A 101 9.12 -19.24 -4.84
C GLY A 101 9.87 -18.54 -3.72
N GLU A 102 11.18 -18.33 -3.92
CA GLU A 102 12.01 -17.67 -2.93
C GLU A 102 13.07 -16.81 -3.60
N SER A 103 13.18 -15.56 -3.15
CA SER A 103 14.16 -14.63 -3.71
C SER A 103 15.55 -14.92 -3.17
N GLY A 104 16.56 -14.73 -4.02
CA GLY A 104 17.93 -14.99 -3.60
C GLY A 104 18.05 -16.18 -2.67
N PRO A 105 17.91 -17.38 -3.24
CA PRO A 105 17.99 -18.62 -2.47
C PRO A 105 19.42 -18.92 -2.00
N SER A 106 20.38 -18.65 -2.87
CA SER A 106 21.79 -18.88 -2.54
C SER A 106 22.58 -17.58 -2.57
N SER A 107 22.93 -17.08 -1.39
CA SER A 107 23.68 -15.83 -1.27
C SER A 107 25.14 -16.06 -1.59
N GLY A 108 25.50 -15.93 -2.87
CA GLY A 108 26.88 -16.13 -3.29
C GLY A 108 27.52 -17.33 -2.62
#